data_8R7Q
#
_entry.id   8R7Q
#
_cell.length_a   1.00
_cell.length_b   1.00
_cell.length_c   1.00
_cell.angle_alpha   90.00
_cell.angle_beta   90.00
_cell.angle_gamma   90.00
#
_symmetry.space_group_name_H-M   'P 1'
#
loop_
_entity.id
_entity.type
_entity.pdbx_description
1 polymer 'Gap junction delta-2 protein'
2 non-polymer Quinine
#
_entity_poly.entity_id   1
_entity_poly.type   'polypeptide(L)'
_entity_poly.pdbx_seq_one_letter_code
;MGEWTILERLLEAAVQQHSTMIGRILLTVVVIFRILIVAIVGETVYDDEQTMFVCNTLQPGCNQACYDRAFPISHIRYWV
FQIIMVCTPSLCFITYSVHQSAKQRERRYSTVFLALDRDPPESIGGPGGTGGGGSGGGKREDKKLQNAIVNGVLQNTENT
SKETEPDCLEVKELTPHPSGLRTASKSKLRRQEGISRFYIIQVVFRNALEIGFLVGQYFLYGFSVPGLYECNRYPCIKEV
ECYVSRPTEKTVFLVFMFAVSGICVVLNLAELNHLGWRKIKLAVRGAQAKRKSIYEIRNKDLPRVSVPNFGRTQSSDSAY
VAAALEVLFQ
;
_entity_poly.pdbx_strand_id   A,B,C,D,E,F,G,H,I,J,K,L
#
# COMPACT_ATOMS: atom_id res chain seq x y z
N SER A 19 55.82 26.93 -32.08
CA SER A 19 55.25 25.68 -31.61
C SER A 19 53.76 25.61 -31.94
N THR A 20 53.42 26.01 -33.17
CA THR A 20 52.03 25.99 -33.61
C THR A 20 51.52 24.58 -33.92
N MET A 21 52.42 23.61 -34.11
CA MET A 21 51.98 22.29 -34.49
C MET A 21 51.51 21.49 -33.27
N ILE A 22 52.35 21.44 -32.23
CA ILE A 22 51.96 20.71 -31.03
C ILE A 22 50.67 21.27 -30.47
N GLY A 23 50.44 22.58 -30.62
CA GLY A 23 49.18 23.15 -30.18
C GLY A 23 47.99 22.52 -30.90
N ARG A 24 48.09 22.41 -32.23
CA ARG A 24 47.00 21.80 -32.99
C ARG A 24 46.82 20.34 -32.63
N ILE A 25 47.92 19.61 -32.43
CA ILE A 25 47.83 18.20 -32.07
C ILE A 25 47.10 18.05 -30.76
N LEU A 26 47.51 18.82 -29.75
CA LEU A 26 46.87 18.74 -28.44
C LEU A 26 45.41 19.15 -28.53
N LEU A 27 45.09 20.18 -29.32
CA LEU A 27 43.71 20.62 -29.43
C LEU A 27 42.83 19.52 -30.01
N THR A 28 43.30 18.87 -31.08
CA THR A 28 42.53 17.78 -31.66
C THR A 28 42.34 16.64 -30.66
N VAL A 29 43.41 16.27 -29.96
CA VAL A 29 43.32 15.18 -29.00
C VAL A 29 42.31 15.52 -27.91
N VAL A 30 42.36 16.74 -27.39
CA VAL A 30 41.46 17.13 -26.31
C VAL A 30 40.01 17.13 -26.78
N VAL A 31 39.76 17.63 -27.99
CA VAL A 31 38.40 17.66 -28.51
C VAL A 31 37.86 16.23 -28.61
N ILE A 32 38.65 15.33 -29.17
CA ILE A 32 38.19 13.95 -29.31
C ILE A 32 37.96 13.33 -27.94
N PHE A 33 38.85 13.60 -26.99
CA PHE A 33 38.71 13.04 -25.65
C PHE A 33 37.39 13.50 -25.01
N ARG A 34 37.09 14.79 -25.10
CA ARG A 34 35.87 15.31 -24.51
C ARG A 34 34.65 14.68 -25.16
N ILE A 35 34.64 14.59 -26.49
CA ILE A 35 33.50 14.01 -27.18
C ILE A 35 33.28 12.57 -26.73
N LEU A 36 34.36 11.79 -26.67
CA LEU A 36 34.23 10.38 -26.29
C LEU A 36 33.70 10.25 -24.86
N ILE A 37 34.27 11.00 -23.92
CA ILE A 37 33.85 10.89 -22.53
C ILE A 37 32.37 11.20 -22.40
N VAL A 38 31.95 12.34 -22.97
CA VAL A 38 30.54 12.70 -22.89
C VAL A 38 29.68 11.59 -23.48
N ALA A 39 29.92 11.27 -24.75
CA ALA A 39 29.07 10.32 -25.46
C ALA A 39 28.98 8.98 -24.74
N ILE A 40 30.03 8.58 -24.02
CA ILE A 40 30.02 7.24 -23.44
C ILE A 40 29.38 7.23 -22.05
N VAL A 41 29.66 8.20 -21.17
CA VAL A 41 29.23 8.10 -19.79
C VAL A 41 28.10 9.06 -19.43
N GLY A 42 27.98 10.20 -20.11
CA GLY A 42 27.07 11.23 -19.63
C GLY A 42 25.64 10.75 -19.54
N GLU A 43 25.15 10.08 -20.59
CA GLU A 43 23.76 9.66 -20.59
C GLU A 43 23.47 8.70 -19.46
N THR A 44 24.41 7.80 -19.16
CA THR A 44 24.20 6.84 -18.09
C THR A 44 24.21 7.51 -16.73
N VAL A 45 25.05 8.52 -16.54
CA VAL A 45 25.13 9.16 -15.22
C VAL A 45 23.81 9.81 -14.87
N TYR A 46 23.17 10.48 -15.82
CA TYR A 46 21.98 11.29 -15.57
C TYR A 46 20.70 10.57 -15.93
N ASP A 47 20.70 9.24 -15.89
CA ASP A 47 19.51 8.49 -16.33
C ASP A 47 18.36 8.65 -15.35
N ASP A 48 18.62 8.46 -14.05
CA ASP A 48 17.58 8.46 -13.03
C ASP A 48 17.56 9.75 -12.23
N GLU A 49 17.84 10.88 -12.89
CA GLU A 49 17.90 12.15 -12.19
C GLU A 49 16.57 12.49 -11.54
N GLN A 50 15.47 12.28 -12.26
CA GLN A 50 14.15 12.63 -11.74
C GLN A 50 13.46 11.49 -11.02
N THR A 51 13.78 10.25 -11.36
CA THR A 51 13.15 9.12 -10.70
C THR A 51 13.60 8.99 -9.25
N MET A 52 14.85 9.33 -8.95
CA MET A 52 15.40 9.21 -7.61
C MET A 52 15.39 10.53 -6.84
N PHE A 53 14.75 11.56 -7.39
CA PHE A 53 14.59 12.83 -6.69
C PHE A 53 13.33 12.74 -5.83
N VAL A 54 13.48 13.00 -4.54
CA VAL A 54 12.39 12.82 -3.59
C VAL A 54 12.32 14.02 -2.67
N CYS A 55 11.10 14.44 -2.34
CA CYS A 55 10.86 15.53 -1.40
C CYS A 55 10.05 15.01 -0.22
N ASN A 56 10.25 15.64 0.93
CA ASN A 56 9.60 15.22 2.17
C ASN A 56 8.25 15.93 2.27
N THR A 57 7.23 15.35 1.64
CA THR A 57 5.92 15.96 1.61
C THR A 57 4.89 14.92 1.15
N LEU A 58 3.62 15.27 1.33
CA LEU A 58 2.51 14.46 0.84
C LEU A 58 1.73 15.16 -0.26
N GLN A 59 2.13 16.35 -0.66
CA GLN A 59 1.38 17.12 -1.64
C GLN A 59 1.62 16.57 -3.04
N PRO A 60 0.59 16.17 -3.78
CA PRO A 60 0.82 15.76 -5.17
C PRO A 60 1.35 16.92 -6.01
N GLY A 61 2.31 16.63 -6.87
CA GLY A 61 2.87 17.61 -7.77
C GLY A 61 4.01 18.43 -7.22
N CYS A 62 4.35 18.28 -5.94
CA CYS A 62 5.45 19.04 -5.38
C CYS A 62 6.79 18.53 -5.91
N ASN A 63 6.91 17.24 -6.16
CA ASN A 63 8.15 16.69 -6.69
C ASN A 63 8.47 17.29 -8.06
N GLN A 64 7.47 17.35 -8.94
CA GLN A 64 7.71 17.90 -10.28
C GLN A 64 8.16 19.34 -10.21
N ALA A 65 7.45 20.17 -9.45
CA ALA A 65 7.79 21.58 -9.37
C ALA A 65 9.18 21.78 -8.77
N CYS A 66 9.49 21.07 -7.70
CA CYS A 66 10.77 21.27 -7.04
C CYS A 66 11.93 20.78 -7.91
N TYR A 67 11.75 19.64 -8.59
CA TYR A 67 12.79 19.19 -9.50
C TYR A 67 13.00 20.18 -10.64
N ASP A 68 11.91 20.69 -11.21
CA ASP A 68 12.06 21.62 -12.31
C ASP A 68 12.74 22.91 -11.86
N ARG A 69 12.51 23.33 -10.61
CA ARG A 69 13.18 24.52 -10.11
C ARG A 69 14.65 24.26 -9.82
N ALA A 70 14.97 23.07 -9.31
CA ALA A 70 16.35 22.79 -8.93
C ALA A 70 17.24 22.64 -10.15
N PHE A 71 16.77 21.96 -11.19
CA PHE A 71 17.56 21.65 -12.38
C PHE A 71 16.79 22.09 -13.62
N PRO A 72 16.81 23.39 -13.94
CA PRO A 72 16.06 23.84 -15.13
C PRO A 72 16.52 23.18 -16.41
N ILE A 73 17.82 22.96 -16.57
CA ILE A 73 18.37 22.27 -17.73
C ILE A 73 19.41 21.28 -17.22
N SER A 74 19.34 20.05 -17.70
CA SER A 74 20.29 19.03 -17.29
C SER A 74 21.68 19.37 -17.82
N HIS A 75 22.71 18.95 -17.09
CA HIS A 75 24.08 19.23 -17.52
C HIS A 75 24.38 18.59 -18.86
N ILE A 76 23.92 17.36 -19.07
CA ILE A 76 24.32 16.59 -20.23
C ILE A 76 23.83 17.27 -21.51
N ARG A 77 22.61 17.79 -21.50
CA ARG A 77 22.09 18.46 -22.69
C ARG A 77 22.85 19.75 -22.98
N TYR A 78 23.19 20.50 -21.94
CA TYR A 78 24.01 21.69 -22.13
C TYR A 78 25.34 21.34 -22.76
N TRP A 79 25.98 20.26 -22.30
CA TRP A 79 27.28 19.89 -22.84
C TRP A 79 27.16 19.41 -24.29
N VAL A 80 26.09 18.68 -24.62
CA VAL A 80 25.90 18.25 -26.00
C VAL A 80 25.74 19.46 -26.91
N PHE A 81 24.90 20.41 -26.51
CA PHE A 81 24.73 21.62 -27.29
C PHE A 81 26.06 22.34 -27.47
N GLN A 82 26.84 22.45 -26.39
CA GLN A 82 28.13 23.11 -26.47
C GLN A 82 29.05 22.43 -27.46
N ILE A 83 29.10 21.10 -27.44
CA ILE A 83 30.00 20.37 -28.33
C ILE A 83 29.62 20.62 -29.78
N ILE A 84 28.33 20.50 -30.09
CA ILE A 84 27.90 20.69 -31.48
C ILE A 84 28.21 22.12 -31.93
N MET A 85 27.88 23.10 -31.09
CA MET A 85 28.09 24.49 -31.48
C MET A 85 29.57 24.78 -31.69
N VAL A 86 30.43 24.25 -30.83
CA VAL A 86 31.86 24.50 -30.98
C VAL A 86 32.39 23.83 -32.24
N CYS A 87 31.86 22.66 -32.61
CA CYS A 87 32.32 22.02 -33.84
C CYS A 87 31.75 22.66 -35.10
N THR A 88 30.69 23.45 -34.99
CA THR A 88 30.06 24.03 -36.18
C THR A 88 31.01 24.78 -37.10
N PRO A 89 31.85 25.71 -36.63
CA PRO A 89 32.67 26.49 -37.57
C PRO A 89 33.57 25.64 -38.44
N SER A 90 34.14 24.56 -37.90
CA SER A 90 34.94 23.66 -38.73
C SER A 90 34.09 23.03 -39.82
N LEU A 91 32.86 22.66 -39.48
CA LEU A 91 31.95 22.13 -40.50
C LEU A 91 31.69 23.16 -41.59
N CYS A 92 31.48 24.42 -41.20
CA CYS A 92 31.27 25.47 -42.19
C CYS A 92 32.48 25.60 -43.11
N PHE A 93 33.68 25.59 -42.53
CA PHE A 93 34.89 25.73 -43.33
C PHE A 93 35.05 24.56 -44.29
N ILE A 94 34.80 23.34 -43.82
CA ILE A 94 34.94 22.16 -44.68
C ILE A 94 33.92 22.22 -45.82
N THR A 95 32.69 22.60 -45.51
CA THR A 95 31.66 22.67 -46.55
C THR A 95 32.00 23.74 -47.57
N TYR A 96 32.53 24.88 -47.11
CA TYR A 96 32.97 25.92 -48.05
C TYR A 96 34.09 25.42 -48.93
N SER A 97 35.05 24.69 -48.36
CA SER A 97 36.14 24.14 -49.16
C SER A 97 35.60 23.19 -50.22
N VAL A 98 34.65 22.33 -49.85
CA VAL A 98 34.06 21.41 -50.81
C VAL A 98 33.37 22.19 -51.92
N HIS A 99 32.61 23.22 -51.56
CA HIS A 99 31.91 24.01 -52.56
C HIS A 99 32.89 24.70 -53.50
N GLN A 100 34.04 25.15 -52.98
CA GLN A 100 34.99 25.89 -53.81
C GLN A 100 35.49 25.04 -54.96
N SER A 101 35.79 23.77 -54.71
CA SER A 101 36.29 22.85 -55.72
C SER A 101 35.11 22.08 -56.31
N ALA A 102 34.95 22.17 -57.63
CA ALA A 102 33.86 21.50 -58.32
C ALA A 102 32.51 21.96 -57.76
N GLY A 194 41.97 33.35 -50.81
CA GLY A 194 40.66 32.73 -50.77
C GLY A 194 40.40 31.97 -49.49
N ILE A 195 40.88 30.72 -49.43
CA ILE A 195 40.70 29.90 -48.24
C ILE A 195 41.64 30.31 -47.11
N SER A 196 42.63 31.16 -47.37
CA SER A 196 43.55 31.61 -46.33
C SER A 196 42.97 32.72 -45.47
N ARG A 197 41.83 33.29 -45.85
CA ARG A 197 41.15 34.30 -45.05
C ARG A 197 40.03 33.73 -44.20
N PHE A 198 39.24 32.82 -44.76
CA PHE A 198 38.17 32.19 -43.99
C PHE A 198 38.72 31.53 -42.72
N TYR A 199 39.97 31.06 -42.78
CA TYR A 199 40.54 30.35 -41.64
C TYR A 199 40.64 31.25 -40.42
N ILE A 200 41.04 32.52 -40.62
CA ILE A 200 41.18 33.43 -39.49
C ILE A 200 39.84 33.69 -38.82
N ILE A 201 38.80 33.93 -39.63
CA ILE A 201 37.47 34.18 -39.06
C ILE A 201 36.97 32.92 -38.34
N GLN A 202 37.26 31.75 -38.91
CA GLN A 202 36.90 30.51 -38.23
C GLN A 202 37.54 30.43 -36.85
N VAL A 203 38.82 30.76 -36.78
CA VAL A 203 39.53 30.71 -35.50
C VAL A 203 38.92 31.69 -34.50
N VAL A 204 38.64 32.90 -34.96
CA VAL A 204 38.08 33.91 -34.06
C VAL A 204 36.73 33.47 -33.53
N PHE A 205 35.87 32.95 -34.41
CA PHE A 205 34.56 32.49 -33.97
C PHE A 205 34.65 31.33 -32.99
N ARG A 206 35.59 30.41 -33.24
CA ARG A 206 35.77 29.30 -32.32
C ARG A 206 36.19 29.80 -30.94
N ASN A 207 37.12 30.75 -30.90
CA ASN A 207 37.53 31.32 -29.62
C ASN A 207 36.35 31.94 -28.89
N ALA A 208 35.57 32.76 -29.60
CA ALA A 208 34.45 33.43 -28.96
C ALA A 208 33.45 32.43 -28.41
N LEU A 209 33.10 31.40 -29.21
CA LEU A 209 32.13 30.42 -28.76
C LEU A 209 32.62 29.67 -27.53
N GLU A 210 33.89 29.24 -27.53
CA GLU A 210 34.41 28.50 -26.39
C GLU A 210 34.35 29.34 -25.12
N ILE A 211 34.81 30.59 -25.21
CA ILE A 211 34.81 31.44 -24.03
C ILE A 211 33.39 31.67 -23.53
N GLY A 212 32.47 31.94 -24.44
CA GLY A 212 31.09 32.17 -24.04
C GLY A 212 30.48 30.97 -23.35
N PHE A 213 30.72 29.77 -23.89
CA PHE A 213 30.15 28.58 -23.27
C PHE A 213 30.74 28.32 -21.90
N LEU A 214 32.05 28.54 -21.74
CA LEU A 214 32.66 28.36 -20.42
C LEU A 214 32.04 29.31 -19.39
N VAL A 215 31.92 30.59 -19.76
CA VAL A 215 31.36 31.56 -18.83
C VAL A 215 29.91 31.20 -18.51
N GLY A 216 29.14 30.80 -19.52
CA GLY A 216 27.77 30.42 -19.28
C GLY A 216 27.64 29.23 -18.34
N GLN A 217 28.52 28.24 -18.51
CA GLN A 217 28.49 27.09 -17.60
C GLN A 217 28.75 27.53 -16.17
N TYR A 218 29.75 28.39 -15.97
CA TYR A 218 30.02 28.84 -14.62
C TYR A 218 28.81 29.56 -14.03
N PHE A 219 28.20 30.46 -14.80
CA PHE A 219 27.09 31.24 -14.26
C PHE A 219 25.83 30.43 -14.08
N LEU A 220 25.70 29.30 -14.79
CA LEU A 220 24.50 28.48 -14.68
C LEU A 220 24.59 27.46 -13.56
N TYR A 221 25.72 26.77 -13.41
CA TYR A 221 25.81 25.63 -12.52
C TYR A 221 26.75 25.79 -11.34
N GLY A 222 27.69 26.72 -11.38
CA GLY A 222 28.63 26.84 -10.30
C GLY A 222 29.71 25.77 -10.37
N PHE A 223 30.14 25.31 -9.19
CA PHE A 223 31.21 24.33 -9.10
C PHE A 223 30.84 23.08 -8.32
N SER A 224 29.62 22.97 -7.79
CA SER A 224 29.24 21.80 -7.03
C SER A 224 27.74 21.61 -7.10
N VAL A 225 27.31 20.38 -6.84
CA VAL A 225 25.91 19.99 -6.78
C VAL A 225 25.57 19.64 -5.34
N PRO A 226 24.83 20.47 -4.61
CA PRO A 226 24.53 20.16 -3.22
C PRO A 226 23.60 18.97 -3.09
N GLY A 227 23.70 18.28 -1.95
CA GLY A 227 22.87 17.11 -1.71
C GLY A 227 21.48 17.41 -1.23
N LEU A 228 21.23 18.63 -0.74
CA LEU A 228 19.92 19.05 -0.27
C LEU A 228 19.46 20.26 -1.07
N TYR A 229 18.14 20.41 -1.19
CA TYR A 229 17.54 21.55 -1.86
C TYR A 229 16.35 22.04 -1.04
N GLU A 230 16.22 23.35 -0.93
CA GLU A 230 15.09 23.98 -0.24
C GLU A 230 14.17 24.58 -1.28
N CYS A 231 12.92 24.11 -1.32
CA CYS A 231 12.00 24.42 -2.39
C CYS A 231 10.73 25.06 -1.81
N ASN A 232 10.30 26.17 -2.39
CA ASN A 232 9.09 26.85 -1.96
C ASN A 232 8.24 27.25 -3.15
N ARG A 233 8.05 26.34 -4.09
CA ARG A 233 7.25 26.58 -5.29
C ARG A 233 5.87 25.96 -5.13
N TYR A 234 4.86 26.64 -5.64
CA TYR A 234 3.52 26.07 -5.64
C TYR A 234 3.52 24.76 -6.42
N PRO A 235 2.79 23.72 -5.96
CA PRO A 235 1.83 23.67 -4.84
C PRO A 235 2.43 23.33 -3.49
N CYS A 236 3.75 23.26 -3.35
CA CYS A 236 4.33 22.91 -2.06
C CYS A 236 3.95 23.94 -1.01
N ILE A 237 3.63 23.46 0.19
CA ILE A 237 3.16 24.31 1.27
C ILE A 237 4.38 24.89 1.99
N LYS A 238 4.48 26.22 2.02
CA LYS A 238 5.58 26.91 2.68
C LYS A 238 6.89 26.43 2.06
N GLU A 239 7.82 25.88 2.82
CA GLU A 239 9.12 25.45 2.32
C GLU A 239 9.34 23.99 2.67
N VAL A 240 9.87 23.23 1.70
CA VAL A 240 10.10 21.80 1.86
C VAL A 240 11.55 21.50 1.50
N GLU A 241 11.98 20.31 1.91
CA GLU A 241 13.34 19.84 1.70
C GLU A 241 13.34 18.66 0.75
N CYS A 242 14.21 18.70 -0.25
CA CYS A 242 14.30 17.66 -1.27
C CYS A 242 15.74 17.17 -1.36
N TYR A 243 15.89 15.93 -1.82
CA TYR A 243 17.16 15.22 -1.78
C TYR A 243 17.57 14.79 -3.17
N VAL A 244 18.82 15.03 -3.53
CA VAL A 244 19.33 14.86 -4.88
C VAL A 244 19.97 13.47 -5.00
N SER A 245 20.12 13.02 -6.24
CA SER A 245 20.67 11.70 -6.55
C SER A 245 22.08 11.85 -7.12
N ARG A 246 23.03 11.10 -6.55
CA ARG A 246 24.42 11.10 -6.98
C ARG A 246 25.02 12.51 -7.06
N PRO A 247 24.97 13.29 -5.98
CA PRO A 247 25.59 14.62 -6.02
C PRO A 247 27.09 14.59 -6.27
N THR A 248 27.80 13.59 -5.73
CA THR A 248 29.26 13.61 -5.81
C THR A 248 29.75 13.30 -7.22
N GLU A 249 29.15 12.31 -7.89
CA GLU A 249 29.54 12.00 -9.25
C GLU A 249 29.27 13.18 -10.17
N LYS A 250 28.13 13.85 -9.97
CA LYS A 250 27.82 15.01 -10.79
C LYS A 250 28.79 16.15 -10.53
N THR A 251 29.20 16.35 -9.27
CA THR A 251 30.21 17.36 -8.99
C THR A 251 31.53 17.05 -9.71
N VAL A 252 31.96 15.78 -9.66
CA VAL A 252 33.19 15.39 -10.32
C VAL A 252 33.10 15.63 -11.82
N PHE A 253 31.97 15.25 -12.42
CA PHE A 253 31.77 15.47 -13.84
C PHE A 253 31.82 16.95 -14.19
N LEU A 254 31.18 17.79 -13.37
CA LEU A 254 31.17 19.22 -13.63
C LEU A 254 32.59 19.79 -13.61
N VAL A 255 33.37 19.43 -12.59
CA VAL A 255 34.72 19.96 -12.49
C VAL A 255 35.58 19.48 -13.65
N PHE A 256 35.44 18.20 -14.02
CA PHE A 256 36.25 17.68 -15.11
C PHE A 256 35.93 18.40 -16.42
N MET A 257 34.64 18.62 -16.70
CA MET A 257 34.28 19.32 -17.92
C MET A 257 34.79 20.75 -17.91
N PHE A 258 34.73 21.42 -16.76
CA PHE A 258 35.26 22.77 -16.69
C PHE A 258 36.75 22.79 -16.99
N ALA A 259 37.51 21.83 -16.44
CA ALA A 259 38.95 21.79 -16.69
C ALA A 259 39.25 21.56 -18.17
N VAL A 260 38.55 20.61 -18.79
CA VAL A 260 38.80 20.34 -20.21
C VAL A 260 38.48 21.56 -21.06
N SER A 261 37.37 22.23 -20.78
CA SER A 261 37.02 23.42 -21.55
C SER A 261 38.06 24.51 -21.36
N GLY A 262 38.58 24.67 -20.13
CA GLY A 262 39.63 25.65 -19.91
C GLY A 262 40.89 25.35 -20.72
N ILE A 263 41.27 24.09 -20.77
CA ILE A 263 42.43 23.72 -21.59
C ILE A 263 42.18 24.07 -23.05
N CYS A 264 40.99 23.75 -23.55
CA CYS A 264 40.67 24.10 -24.93
C CYS A 264 40.76 25.61 -25.16
N VAL A 265 40.25 26.40 -24.22
CA VAL A 265 40.29 27.84 -24.36
C VAL A 265 41.73 28.33 -24.42
N VAL A 266 42.59 27.80 -23.56
CA VAL A 266 43.99 28.23 -23.55
C VAL A 266 44.66 27.91 -24.88
N LEU A 267 44.44 26.70 -25.39
CA LEU A 267 45.05 26.33 -26.67
C LEU A 267 44.56 27.22 -27.80
N ASN A 268 43.25 27.51 -27.81
CA ASN A 268 42.71 28.38 -28.86
C ASN A 268 43.30 29.78 -28.77
N LEU A 269 43.47 30.31 -27.56
CA LEU A 269 44.08 31.62 -27.41
C LEU A 269 45.52 31.61 -27.90
N ALA A 270 46.25 30.54 -27.61
CA ALA A 270 47.63 30.44 -28.11
C ALA A 270 47.65 30.46 -29.64
N GLU A 271 46.75 29.70 -30.26
CA GLU A 271 46.67 29.69 -31.72
C GLU A 271 46.40 31.09 -32.24
N LEU A 272 45.38 31.75 -31.70
CA LEU A 272 45.01 33.08 -32.17
C LEU A 272 46.18 34.04 -32.01
N ASN A 273 46.89 33.98 -30.90
CA ASN A 273 48.06 34.83 -30.72
C ASN A 273 49.13 34.54 -31.76
N HIS A 274 49.33 33.25 -32.08
CA HIS A 274 50.32 32.91 -33.10
C HIS A 274 49.95 33.53 -34.45
N LEU A 275 48.67 33.46 -34.82
CA LEU A 275 48.27 34.04 -36.11
C LEU A 275 48.61 35.52 -36.17
N GLY A 276 48.34 36.25 -35.11
CA GLY A 276 48.77 37.64 -35.03
C GLY A 276 47.61 38.61 -35.13
N TRP A 277 47.75 39.75 -34.44
CA TRP A 277 46.71 40.77 -34.47
C TRP A 277 46.71 41.52 -35.79
N ARG A 278 47.90 41.80 -36.33
CA ARG A 278 47.99 42.38 -37.67
C ARG A 278 47.20 41.57 -38.69
N LYS A 279 47.42 40.25 -38.72
CA LYS A 279 46.69 39.41 -39.66
C LYS A 279 45.20 39.42 -39.36
N ILE A 280 44.84 39.37 -38.08
CA ILE A 280 43.43 39.29 -37.71
C ILE A 280 42.67 40.52 -38.19
N LYS A 281 43.28 41.71 -38.04
CA LYS A 281 42.60 42.93 -38.49
C LYS A 281 42.28 42.87 -39.97
N LEU A 282 43.23 42.40 -40.79
CA LEU A 282 43.02 42.36 -42.23
C LEU A 282 42.38 41.04 -42.65
N SER B 19 25.88 37.11 -53.16
CA SER B 19 26.29 36.30 -52.02
C SER B 19 25.42 35.06 -51.91
N THR B 20 25.24 34.36 -53.03
CA THR B 20 24.42 33.16 -53.06
C THR B 20 25.14 31.94 -52.52
N MET B 21 26.46 32.01 -52.34
CA MET B 21 27.20 30.83 -51.90
C MET B 21 27.17 30.72 -50.38
N ILE B 22 27.49 31.81 -49.67
CA ILE B 22 27.46 31.77 -48.22
C ILE B 22 26.06 31.41 -47.74
N GLY B 23 25.03 31.83 -48.48
CA GLY B 23 23.67 31.44 -48.11
C GLY B 23 23.50 29.93 -48.12
N ARG B 24 23.96 29.28 -49.19
CA ARG B 24 23.85 27.82 -49.27
C ARG B 24 24.67 27.15 -48.19
N ILE B 25 25.86 27.68 -47.92
CA ILE B 25 26.72 27.09 -46.89
C ILE B 25 26.02 27.14 -45.54
N LEU B 26 25.51 28.31 -45.18
CA LEU B 26 24.81 28.46 -43.91
C LEU B 26 23.57 27.59 -43.85
N LEU B 27 22.83 27.49 -44.95
CA LEU B 27 21.62 26.67 -44.96
C LEU B 27 21.96 25.22 -44.68
N THR B 28 22.99 24.70 -45.34
CA THR B 28 23.39 23.32 -45.09
C THR B 28 23.81 23.13 -43.64
N VAL B 29 24.59 24.08 -43.11
CA VAL B 29 25.09 23.95 -41.76
C VAL B 29 23.93 23.92 -40.76
N VAL B 30 22.97 24.82 -40.92
CA VAL B 30 21.87 24.89 -39.96
C VAL B 30 20.99 23.65 -40.08
N VAL B 31 20.78 23.15 -41.30
CA VAL B 31 19.98 21.94 -41.45
C VAL B 31 20.62 20.77 -40.71
N ILE B 32 21.93 20.59 -40.90
CA ILE B 32 22.63 19.51 -40.22
C ILE B 32 22.58 19.71 -38.71
N PHE B 33 22.76 20.95 -38.26
CA PHE B 33 22.73 21.24 -36.83
C PHE B 33 21.39 20.85 -36.22
N ARG B 34 20.30 21.24 -36.87
CA ARG B 34 18.97 20.91 -36.36
C ARG B 34 18.76 19.40 -36.31
N ILE B 35 19.14 18.70 -37.38
CA ILE B 35 18.96 17.25 -37.39
C ILE B 35 19.73 16.61 -36.25
N LEU B 36 20.98 17.03 -36.05
CA LEU B 36 21.79 16.42 -34.99
C LEU B 36 21.19 16.68 -33.62
N ILE B 37 20.81 17.93 -33.34
CA ILE B 37 20.27 18.25 -32.03
C ILE B 37 19.03 17.43 -31.74
N VAL B 38 18.09 17.41 -32.69
CA VAL B 38 16.87 16.64 -32.47
C VAL B 38 17.24 15.17 -32.23
N ALA B 39 17.93 14.55 -33.17
CA ALA B 39 18.21 13.13 -33.08
C ALA B 39 18.92 12.76 -31.79
N ILE B 40 19.73 13.65 -31.24
CA ILE B 40 20.53 13.28 -30.07
C ILE B 40 19.80 13.52 -28.76
N VAL B 41 19.07 14.62 -28.60
CA VAL B 41 18.52 14.95 -27.28
C VAL B 41 16.99 14.82 -27.21
N GLY B 42 16.28 14.97 -28.32
CA GLY B 42 14.83 15.06 -28.23
C GLY B 42 14.20 13.85 -27.59
N GLU B 43 14.60 12.66 -27.99
CA GLU B 43 13.98 11.46 -27.46
C GLU B 43 14.19 11.34 -25.97
N THR B 44 15.38 11.70 -25.49
CA THR B 44 15.66 11.59 -24.06
C THR B 44 14.87 12.62 -23.26
N VAL B 45 14.67 13.82 -23.81
CA VAL B 45 13.95 14.85 -23.06
C VAL B 45 12.52 14.41 -22.78
N TYR B 46 11.85 13.82 -23.77
CA TYR B 46 10.42 13.51 -23.69
C TYR B 46 10.17 12.06 -23.32
N ASP B 47 11.10 11.41 -22.63
CA ASP B 47 10.95 9.99 -22.34
C ASP B 47 9.84 9.73 -21.33
N ASP B 48 9.84 10.47 -20.22
CA ASP B 48 8.91 10.25 -19.12
C ASP B 48 7.79 11.27 -19.12
N GLU B 49 7.32 11.68 -20.29
CA GLU B 49 6.30 12.71 -20.35
C GLU B 49 5.01 12.27 -19.67
N GLN B 50 4.63 11.00 -19.86
CA GLN B 50 3.36 10.51 -19.33
C GLN B 50 3.48 9.80 -17.99
N THR B 51 4.63 9.21 -17.68
CA THR B 51 4.76 8.53 -16.39
C THR B 51 4.91 9.51 -15.25
N MET B 52 5.42 10.71 -15.52
CA MET B 52 5.61 11.73 -14.50
C MET B 52 4.50 12.78 -14.52
N PHE B 53 3.47 12.58 -15.34
CA PHE B 53 2.30 13.46 -15.36
C PHE B 53 1.31 12.95 -14.32
N VAL B 54 0.92 13.82 -13.39
CA VAL B 54 0.09 13.43 -12.27
C VAL B 54 -1.03 14.44 -12.10
N CYS B 55 -2.22 13.94 -11.77
CA CYS B 55 -3.38 14.77 -11.47
C CYS B 55 -3.82 14.52 -10.04
N ASN B 56 -4.43 15.55 -9.43
CA ASN B 56 -4.87 15.49 -8.04
C ASN B 56 -6.29 14.94 -8.01
N THR B 57 -6.41 13.62 -7.99
CA THR B 57 -7.72 12.98 -8.02
C THR B 57 -7.55 11.51 -7.64
N LEU B 58 -8.69 10.86 -7.37
CA LEU B 58 -8.73 9.43 -7.11
C LEU B 58 -9.47 8.67 -8.21
N GLN B 59 -9.96 9.36 -9.23
CA GLN B 59 -10.76 8.72 -10.26
C GLN B 59 -9.87 7.93 -11.21
N PRO B 60 -10.08 6.63 -11.39
CA PRO B 60 -9.32 5.90 -12.41
C PRO B 60 -9.60 6.46 -13.81
N GLY B 61 -8.54 6.54 -14.61
CA GLY B 61 -8.66 6.98 -15.98
C GLY B 61 -8.62 8.48 -16.20
N CYS B 62 -8.57 9.27 -15.13
CA CYS B 62 -8.50 10.72 -15.29
C CYS B 62 -7.13 11.16 -15.79
N ASN B 63 -6.07 10.46 -15.36
CA ASN B 63 -4.72 10.81 -15.82
C ASN B 63 -4.61 10.66 -17.33
N GLN B 64 -5.11 9.55 -17.87
CA GLN B 64 -5.00 9.32 -19.31
C GLN B 64 -5.74 10.40 -20.09
N ALA B 65 -6.98 10.68 -19.69
CA ALA B 65 -7.78 11.68 -20.41
C ALA B 65 -7.13 13.05 -20.34
N CYS B 66 -6.70 13.45 -19.16
CA CYS B 66 -6.14 14.79 -19.01
C CYS B 66 -4.82 14.93 -19.74
N TYR B 67 -3.96 13.90 -19.71
CA TYR B 67 -2.73 13.97 -20.48
C TYR B 67 -3.02 14.05 -21.97
N ASP B 68 -3.96 13.24 -22.46
CA ASP B 68 -4.26 13.26 -23.88
C ASP B 68 -4.83 14.61 -24.31
N ARG B 69 -5.57 15.27 -23.42
CA ARG B 69 -6.10 16.58 -23.77
C ARG B 69 -5.01 17.65 -23.72
N ALA B 70 -4.08 17.54 -22.78
CA ALA B 70 -3.05 18.56 -22.65
C ALA B 70 -2.05 18.52 -23.80
N PHE B 71 -1.64 17.32 -24.21
CA PHE B 71 -0.61 17.14 -25.23
C PHE B 71 -1.14 16.20 -26.31
N PRO B 72 -1.96 16.70 -27.23
CA PRO B 72 -2.49 15.80 -28.28
C PRO B 72 -1.40 15.16 -29.11
N ILE B 73 -0.33 15.90 -29.43
CA ILE B 73 0.80 15.38 -30.17
C ILE B 73 2.06 15.87 -29.50
N SER B 74 3.00 14.97 -29.26
CA SER B 74 4.25 15.35 -28.63
C SER B 74 5.07 16.23 -29.57
N HIS B 75 5.89 17.11 -28.98
CA HIS B 75 6.70 18.01 -29.80
C HIS B 75 7.67 17.22 -30.66
N ILE B 76 8.28 16.19 -30.09
CA ILE B 76 9.37 15.50 -30.78
C ILE B 76 8.88 14.86 -32.08
N ARG B 77 7.69 14.26 -32.05
CA ARG B 77 7.15 13.64 -33.25
C ARG B 77 6.83 14.67 -34.32
N TYR B 78 6.28 15.82 -33.90
CA TYR B 78 6.02 16.90 -34.85
C TYR B 78 7.32 17.35 -35.51
N TRP B 79 8.39 17.49 -34.73
CA TRP B 79 9.65 17.95 -35.29
C TRP B 79 10.25 16.91 -36.23
N VAL B 80 10.14 15.63 -35.90
CA VAL B 80 10.65 14.58 -36.78
C VAL B 80 9.91 14.61 -38.11
N PHE B 81 8.58 14.71 -38.05
CA PHE B 81 7.80 14.80 -39.28
C PHE B 81 8.21 16.01 -40.09
N GLN B 82 8.40 17.15 -39.43
CA GLN B 82 8.80 18.36 -40.14
C GLN B 82 10.14 18.17 -40.83
N ILE B 83 11.10 17.56 -40.16
CA ILE B 83 12.43 17.38 -40.74
C ILE B 83 12.35 16.52 -41.99
N ILE B 84 11.66 15.37 -41.89
CA ILE B 84 11.57 14.49 -43.04
C ILE B 84 10.86 15.19 -44.20
N MET B 85 9.74 15.87 -43.91
CA MET B 85 8.99 16.52 -44.96
C MET B 85 9.81 17.60 -45.65
N VAL B 86 10.56 18.39 -44.87
CA VAL B 86 11.37 19.44 -45.46
C VAL B 86 12.50 18.86 -46.30
N CYS B 87 13.06 17.71 -45.90
CA CYS B 87 14.12 17.11 -46.69
C CYS B 87 13.61 16.40 -47.94
N THR B 88 12.31 16.10 -48.00
CA THR B 88 11.78 15.34 -49.15
C THR B 88 12.09 15.94 -50.51
N PRO B 89 11.89 17.23 -50.77
CA PRO B 89 12.13 17.75 -52.13
C PRO B 89 13.54 17.53 -52.65
N SER B 90 14.54 17.65 -51.78
CA SER B 90 15.91 17.36 -52.20
C SER B 90 16.06 15.91 -52.61
N LEU B 91 15.41 15.00 -51.87
CA LEU B 91 15.42 13.59 -52.24
C LEU B 91 14.78 13.39 -53.61
N CYS B 92 13.67 14.07 -53.87
CA CYS B 92 13.03 13.96 -55.17
C CYS B 92 13.96 14.45 -56.27
N PHE B 93 14.64 15.57 -56.05
CA PHE B 93 15.56 16.08 -57.06
C PHE B 93 16.70 15.11 -57.31
N ILE B 94 17.27 14.54 -56.24
CA ILE B 94 18.39 13.63 -56.40
C ILE B 94 17.97 12.38 -57.16
N THR B 95 16.81 11.82 -56.82
CA THR B 95 16.38 10.61 -57.51
C THR B 95 16.02 10.89 -58.96
N TYR B 96 15.47 12.08 -59.24
CA TYR B 96 15.25 12.46 -60.63
C TYR B 96 16.57 12.57 -61.39
N SER B 97 17.59 13.15 -60.76
CA SER B 97 18.89 13.24 -61.40
C SER B 97 19.45 11.85 -61.68
N VAL B 98 19.31 10.94 -60.72
CA VAL B 98 19.79 9.57 -60.94
C VAL B 98 19.05 8.92 -62.11
N HIS B 99 17.73 9.08 -62.15
CA HIS B 99 16.94 8.50 -63.23
C HIS B 99 17.34 9.09 -64.58
N GLN B 100 17.68 10.39 -64.62
CA GLN B 100 17.99 11.02 -65.90
C GLN B 100 19.18 10.36 -66.58
N SER B 101 20.21 10.03 -65.80
CA SER B 101 21.42 9.40 -66.33
C SER B 101 21.32 7.90 -66.16
N ALA B 102 21.44 7.17 -67.27
CA ALA B 102 21.34 5.71 -67.25
C ALA B 102 19.99 5.27 -66.67
N GLY B 194 16.65 21.23 -68.82
CA GLY B 194 16.18 19.99 -68.22
C GLY B 194 16.21 20.03 -66.70
N ILE B 195 17.41 19.83 -66.13
CA ILE B 195 17.56 19.86 -64.68
C ILE B 195 17.61 21.27 -64.13
N SER B 196 17.69 22.30 -64.98
CA SER B 196 17.72 23.68 -64.54
C SER B 196 16.33 24.25 -64.25
N ARG B 197 15.27 23.52 -64.58
CA ARG B 197 13.91 23.93 -64.27
C ARG B 197 13.36 23.26 -63.02
N PHE B 198 13.68 21.97 -62.82
CA PHE B 198 13.26 21.29 -61.60
C PHE B 198 13.80 21.99 -60.36
N TYR B 199 14.97 22.63 -60.47
CA TYR B 199 15.59 23.25 -59.31
C TYR B 199 14.73 24.38 -58.75
N ILE B 200 14.16 25.20 -59.64
CA ILE B 200 13.34 26.32 -59.19
C ILE B 200 12.10 25.83 -58.46
N ILE B 201 11.43 24.82 -59.01
CA ILE B 201 10.23 24.29 -58.37
C ILE B 201 10.59 23.67 -57.03
N GLN B 202 11.73 22.98 -56.97
CA GLN B 202 12.17 22.42 -55.70
C GLN B 202 12.38 23.51 -54.66
N VAL B 203 13.00 24.61 -55.05
CA VAL B 203 13.22 25.72 -54.12
C VAL B 203 11.89 26.28 -53.64
N VAL B 204 10.94 26.48 -54.56
CA VAL B 204 9.65 27.04 -54.18
C VAL B 204 8.93 26.12 -53.19
N PHE B 205 8.92 24.82 -53.47
CA PHE B 205 8.25 23.88 -52.58
C PHE B 205 8.92 23.86 -51.21
N ARG B 206 10.24 23.91 -51.17
CA ARG B 206 10.92 23.94 -49.88
C ARG B 206 10.52 25.18 -49.08
N ASN B 207 10.47 26.33 -49.74
CA ASN B 207 10.05 27.55 -49.06
C ASN B 207 8.65 27.40 -48.48
N ALA B 208 7.72 26.91 -49.30
CA ALA B 208 6.34 26.77 -48.84
C ALA B 208 6.25 25.83 -47.65
N LEU B 209 6.92 24.69 -47.73
CA LEU B 209 6.87 23.72 -46.64
C LEU B 209 7.42 24.30 -45.35
N GLU B 210 8.57 24.98 -45.43
CA GLU B 210 9.17 25.54 -44.23
C GLU B 210 8.23 26.57 -43.58
N ILE B 211 7.67 27.46 -44.39
CA ILE B 211 6.79 28.48 -43.82
C ILE B 211 5.57 27.84 -43.19
N GLY B 212 4.97 26.87 -43.88
CA GLY B 212 3.79 26.21 -43.34
C GLY B 212 4.07 25.52 -42.02
N PHE B 213 5.20 24.83 -41.93
CA PHE B 213 5.52 24.12 -40.68
C PHE B 213 5.77 25.10 -39.54
N LEU B 214 6.44 26.22 -39.82
CA LEU B 214 6.67 27.21 -38.76
C LEU B 214 5.33 27.76 -38.24
N VAL B 215 4.44 28.13 -39.16
CA VAL B 215 3.15 28.67 -38.75
C VAL B 215 2.36 27.63 -37.95
N GLY B 216 2.38 26.38 -38.42
CA GLY B 216 1.67 25.33 -37.71
C GLY B 216 2.21 25.12 -36.31
N GLN B 217 3.53 25.16 -36.15
CA GLN B 217 4.10 25.01 -34.82
C GLN B 217 3.63 26.12 -33.90
N TYR B 218 3.63 27.37 -34.40
CA TYR B 218 3.16 28.46 -33.56
C TYR B 218 1.71 28.26 -33.16
N PHE B 219 0.86 27.87 -34.10
CA PHE B 219 -0.56 27.74 -33.78
C PHE B 219 -0.86 26.52 -32.94
N LEU B 220 0.01 25.52 -32.93
CA LEU B 220 -0.22 24.31 -32.15
C LEU B 220 0.28 24.45 -30.71
N TYR B 221 1.49 24.96 -30.52
CA TYR B 221 2.15 24.90 -29.22
C TYR B 221 2.37 26.24 -28.55
N GLY B 222 2.31 27.35 -29.28
CA GLY B 222 2.60 28.62 -28.65
C GLY B 222 4.09 28.80 -28.40
N PHE B 223 4.42 29.48 -27.30
CA PHE B 223 5.80 29.80 -26.98
C PHE B 223 6.25 29.30 -25.61
N SER B 224 5.40 28.62 -24.85
CA SER B 224 5.79 28.13 -23.55
C SER B 224 4.95 26.93 -23.16
N VAL B 225 5.47 26.16 -22.20
CA VAL B 225 4.79 25.00 -21.65
C VAL B 225 4.46 25.32 -20.18
N PRO B 226 3.20 25.57 -19.84
CA PRO B 226 2.88 25.89 -18.44
C PRO B 226 3.08 24.70 -17.53
N GLY B 227 3.37 24.99 -16.27
CA GLY B 227 3.59 23.95 -15.28
C GLY B 227 2.33 23.35 -14.68
N LEU B 228 1.18 24.00 -14.87
CA LEU B 228 -0.09 23.53 -14.37
C LEU B 228 -1.08 23.40 -15.53
N TYR B 229 -2.02 22.48 -15.39
CA TYR B 229 -3.07 22.29 -16.38
C TYR B 229 -4.39 22.09 -15.66
N GLU B 230 -5.45 22.71 -16.18
CA GLU B 230 -6.79 22.55 -15.65
C GLU B 230 -7.60 21.70 -16.62
N CYS B 231 -8.09 20.56 -16.14
CA CYS B 231 -8.67 19.53 -16.97
C CYS B 231 -10.10 19.25 -16.53
N ASN B 232 -11.02 19.18 -17.48
CA ASN B 232 -12.42 18.89 -17.19
C ASN B 232 -12.98 17.89 -18.19
N ARG B 233 -12.24 16.83 -18.46
CA ARG B 233 -12.65 15.79 -19.40
C ARG B 233 -13.17 14.58 -18.64
N TYR B 234 -14.20 13.95 -19.18
CA TYR B 234 -14.70 12.72 -18.58
C TYR B 234 -13.59 11.67 -18.56
N PRO B 235 -13.47 10.87 -17.49
CA PRO B 235 -14.34 10.74 -16.31
C PRO B 235 -14.03 11.67 -15.16
N CYS B 236 -13.14 12.64 -15.32
CA CYS B 236 -12.81 13.52 -14.21
C CYS B 236 -14.04 14.30 -13.77
N ILE B 237 -14.18 14.47 -12.45
CA ILE B 237 -15.34 15.14 -11.89
C ILE B 237 -15.07 16.63 -11.83
N LYS B 238 -15.93 17.41 -12.49
CA LYS B 238 -15.80 18.88 -12.51
C LYS B 238 -14.41 19.22 -13.05
N GLU B 239 -13.63 20.04 -12.34
CA GLU B 239 -12.31 20.44 -12.79
C GLU B 239 -11.25 19.85 -11.87
N VAL B 240 -10.14 19.41 -12.45
CA VAL B 240 -9.01 18.90 -11.70
C VAL B 240 -7.76 19.62 -12.17
N GLU B 241 -6.74 19.58 -11.31
CA GLU B 241 -5.46 20.23 -11.57
C GLU B 241 -4.39 19.16 -11.76
N CYS B 242 -3.65 19.28 -12.85
CA CYS B 242 -2.60 18.33 -13.20
C CYS B 242 -1.28 19.07 -13.37
N TYR B 243 -0.18 18.33 -13.16
CA TYR B 243 1.15 18.91 -13.07
C TYR B 243 2.06 18.30 -14.12
N VAL B 244 2.79 19.15 -14.84
CA VAL B 244 3.58 18.73 -15.98
C VAL B 244 5.00 18.44 -15.55
N SER B 245 5.72 17.68 -16.38
CA SER B 245 7.09 17.27 -16.10
C SER B 245 8.06 18.06 -16.97
N ARG B 246 9.08 18.63 -16.33
CA ARG B 246 10.12 19.40 -17.00
C ARG B 246 9.55 20.49 -17.91
N PRO B 247 8.70 21.37 -17.40
CA PRO B 247 8.19 22.46 -18.25
C PRO B 247 9.27 23.40 -18.78
N THR B 248 10.31 23.68 -18.00
CA THR B 248 11.29 24.68 -18.40
C THR B 248 12.17 24.17 -19.54
N GLU B 249 12.63 22.93 -19.45
CA GLU B 249 13.43 22.36 -20.53
C GLU B 249 12.64 22.30 -21.82
N LYS B 250 11.36 21.95 -21.73
CA LYS B 250 10.53 21.89 -22.92
C LYS B 250 10.30 23.28 -23.51
N THR B 251 10.14 24.29 -22.66
CA THR B 251 10.04 25.66 -23.17
C THR B 251 11.30 26.08 -23.90
N VAL B 252 12.47 25.76 -23.32
CA VAL B 252 13.72 26.13 -23.98
C VAL B 252 13.85 25.43 -25.32
N PHE B 253 13.51 24.14 -25.36
CA PHE B 253 13.58 23.40 -26.62
C PHE B 253 12.65 24.00 -27.66
N LEU B 254 11.43 24.36 -27.26
CA LEU B 254 10.47 24.95 -28.18
C LEU B 254 11.01 26.25 -28.78
N VAL B 255 11.53 27.13 -27.92
CA VAL B 255 12.03 28.42 -28.42
C VAL B 255 13.23 28.20 -29.35
N PHE B 256 14.12 27.29 -28.98
CA PHE B 256 15.30 27.05 -29.82
C PHE B 256 14.90 26.53 -31.19
N MET B 257 13.96 25.59 -31.24
CA MET B 257 13.52 25.07 -32.53
C MET B 257 12.85 26.15 -33.37
N PHE B 258 12.06 27.02 -32.72
CA PHE B 258 11.44 28.11 -33.45
C PHE B 258 12.50 29.02 -34.07
N ALA B 259 13.54 29.36 -33.30
CA ALA B 259 14.58 30.24 -33.82
C ALA B 259 15.30 29.60 -35.00
N VAL B 260 15.65 28.32 -34.89
CA VAL B 260 16.36 27.67 -35.98
C VAL B 260 15.50 27.62 -37.24
N SER B 261 14.21 27.31 -37.08
CA SER B 261 13.33 27.27 -38.23
C SER B 261 13.20 28.64 -38.87
N GLY B 262 13.14 29.69 -38.06
CA GLY B 262 13.09 31.04 -38.61
C GLY B 262 14.32 31.39 -39.41
N ILE B 263 15.49 31.00 -38.91
CA ILE B 263 16.72 31.24 -39.67
C ILE B 263 16.67 30.52 -41.00
N CYS B 264 16.22 29.26 -40.99
CA CYS B 264 16.11 28.52 -42.24
C CYS B 264 15.16 29.21 -43.22
N VAL B 265 14.04 29.70 -42.71
CA VAL B 265 13.07 30.37 -43.56
C VAL B 265 13.69 31.62 -44.19
N VAL B 266 14.43 32.39 -43.40
CA VAL B 266 15.04 33.61 -43.93
C VAL B 266 16.03 33.26 -45.03
N LEU B 267 16.87 32.25 -44.80
CA LEU B 267 17.85 31.87 -45.82
C LEU B 267 17.16 31.40 -47.10
N ASN B 268 16.09 30.60 -46.96
CA ASN B 268 15.37 30.14 -48.13
C ASN B 268 14.76 31.30 -48.91
N LEU B 269 14.20 32.27 -48.19
CA LEU B 269 13.63 33.44 -48.87
C LEU B 269 14.72 34.21 -49.61
N ALA B 270 15.90 34.35 -49.00
CA ALA B 270 16.99 35.02 -49.69
C ALA B 270 17.36 34.29 -50.98
N GLU B 271 17.46 32.95 -50.91
CA GLU B 271 17.77 32.17 -52.10
C GLU B 271 16.72 32.41 -53.18
N LEU B 272 15.45 32.30 -52.81
CA LEU B 272 14.37 32.46 -53.77
C LEU B 272 14.41 33.84 -54.41
N ASN B 273 14.67 34.88 -53.61
CA ASN B 273 14.79 36.23 -54.16
C ASN B 273 15.95 36.31 -55.14
N HIS B 274 17.07 35.65 -54.81
CA HIS B 274 18.20 35.67 -55.72
C HIS B 274 17.85 35.05 -57.07
N LEU B 275 17.13 33.92 -57.05
CA LEU B 275 16.77 33.30 -58.32
C LEU B 275 15.91 34.23 -59.17
N GLY B 276 14.94 34.89 -58.56
CA GLY B 276 14.23 35.96 -59.22
C GLY B 276 12.82 35.58 -59.61
N TRP B 277 11.94 36.59 -59.63
CA TRP B 277 10.54 36.35 -59.97
C TRP B 277 10.37 36.10 -61.47
N ARG B 278 11.08 36.84 -62.32
CA ARG B 278 11.10 36.54 -63.74
C ARG B 278 11.42 35.07 -64.00
N LYS B 279 12.49 34.55 -63.38
CA LYS B 279 12.83 33.15 -63.59
C LYS B 279 11.75 32.23 -63.04
N ILE B 280 11.21 32.57 -61.87
CA ILE B 280 10.23 31.70 -61.22
C ILE B 280 8.98 31.56 -62.07
N LYS B 281 8.54 32.65 -62.70
CA LYS B 281 7.28 32.61 -63.44
C LYS B 281 7.34 31.62 -64.59
N LEU B 282 8.50 31.49 -65.23
CA LEU B 282 8.66 30.57 -66.35
C LEU B 282 9.23 29.24 -65.88
N SER C 19 3.71 10.55 -68.90
CA SER C 19 4.28 10.95 -67.62
C SER C 19 4.53 9.73 -66.74
N THR C 20 5.29 8.77 -67.28
CA THR C 20 5.62 7.56 -66.55
C THR C 20 6.85 7.70 -65.66
N MET C 21 7.60 8.79 -65.80
CA MET C 21 8.82 8.92 -65.01
C MET C 21 8.54 9.63 -63.68
N ILE C 22 7.80 10.74 -63.72
CA ILE C 22 7.45 11.41 -62.48
C ILE C 22 6.66 10.48 -61.58
N GLY C 23 5.87 9.58 -62.17
CA GLY C 23 5.16 8.61 -61.36
C GLY C 23 6.10 7.72 -60.57
N ARG C 24 7.13 7.19 -61.24
CA ARG C 24 8.09 6.34 -60.55
C ARG C 24 8.86 7.13 -59.49
N ILE C 25 9.22 8.37 -59.81
CA ILE C 25 9.95 9.21 -58.85
C ILE C 25 9.11 9.40 -57.59
N LEU C 26 7.85 9.80 -57.76
CA LEU C 26 6.98 10.03 -56.62
C LEU C 26 6.76 8.73 -55.85
N LEU C 27 6.61 7.61 -56.55
CA LEU C 27 6.39 6.35 -55.86
C LEU C 27 7.58 6.00 -54.97
N THR C 28 8.80 6.14 -55.51
CA THR C 28 9.97 5.85 -54.71
C THR C 28 10.06 6.78 -53.50
N VAL C 29 9.81 8.07 -53.71
CA VAL C 29 9.90 9.02 -52.61
C VAL C 29 8.89 8.68 -51.52
N VAL C 30 7.65 8.36 -51.92
CA VAL C 30 6.62 8.06 -50.94
C VAL C 30 6.96 6.79 -50.17
N VAL C 31 7.47 5.77 -50.86
CA VAL C 31 7.83 4.53 -50.17
C VAL C 31 8.90 4.81 -49.12
N ILE C 32 9.94 5.55 -49.50
CA ILE C 32 11.00 5.85 -48.55
C ILE C 32 10.47 6.66 -47.38
N PHE C 33 9.60 7.63 -47.66
CA PHE C 33 9.03 8.46 -46.62
C PHE C 33 8.26 7.62 -45.61
N ARG C 34 7.41 6.71 -46.09
CA ARG C 34 6.63 5.86 -45.20
C ARG C 34 7.54 5.00 -44.35
N ILE C 35 8.55 4.38 -44.96
CA ILE C 35 9.45 3.52 -44.21
C ILE C 35 10.14 4.31 -43.11
N LEU C 36 10.64 5.50 -43.43
CA LEU C 36 11.36 6.29 -42.45
C LEU C 36 10.44 6.68 -41.29
N ILE C 37 9.24 7.17 -41.61
CA ILE C 37 8.33 7.62 -40.54
C ILE C 37 8.02 6.46 -39.61
N VAL C 38 7.62 5.31 -40.17
CA VAL C 38 7.31 4.16 -39.33
C VAL C 38 8.52 3.81 -38.46
N ALA C 39 9.66 3.52 -39.10
CA ALA C 39 10.82 3.04 -38.37
C ALA C 39 11.24 4.00 -37.27
N ILE C 40 11.03 5.30 -37.45
CA ILE C 40 11.54 6.26 -36.48
C ILE C 40 10.57 6.50 -35.32
N VAL C 41 9.27 6.64 -35.58
CA VAL C 41 8.35 7.07 -34.54
C VAL C 41 7.42 5.96 -34.04
N GLY C 42 7.09 4.98 -34.89
CA GLY C 42 6.03 4.06 -34.53
C GLY C 42 6.31 3.31 -33.24
N GLU C 43 7.51 2.76 -33.11
CA GLU C 43 7.81 1.95 -31.92
C GLU C 43 7.71 2.78 -30.65
N THR C 44 8.11 4.05 -30.72
CA THR C 44 8.05 4.90 -29.53
C THR C 44 6.62 5.27 -29.18
N VAL C 45 5.76 5.46 -30.19
CA VAL C 45 4.38 5.85 -29.90
C VAL C 45 3.67 4.77 -29.11
N TYR C 46 3.86 3.50 -29.49
CA TYR C 46 3.11 2.38 -28.93
C TYR C 46 3.88 1.65 -27.84
N ASP C 47 4.79 2.33 -27.15
CA ASP C 47 5.63 1.66 -26.17
C ASP C 47 4.83 1.25 -24.93
N ASP C 48 4.04 2.17 -24.37
CA ASP C 48 3.32 1.94 -23.12
C ASP C 48 1.85 1.65 -23.37
N GLU C 49 1.54 0.95 -24.45
CA GLU C 49 0.14 0.70 -24.79
C GLU C 49 -0.57 -0.10 -23.70
N GLN C 50 0.12 -1.09 -23.12
CA GLN C 50 -0.51 -1.98 -22.15
C GLN C 50 -0.26 -1.56 -20.71
N THR C 51 0.85 -0.88 -20.42
CA THR C 51 1.11 -0.49 -19.05
C THR C 51 0.23 0.68 -18.60
N MET C 52 -0.22 1.50 -19.55
CA MET C 52 -1.07 2.64 -19.25
C MET C 52 -2.54 2.36 -19.55
N PHE C 53 -2.89 1.13 -19.89
CA PHE C 53 -4.27 0.73 -20.09
C PHE C 53 -4.83 0.29 -18.74
N VAL C 54 -5.91 0.91 -18.30
CA VAL C 54 -6.46 0.69 -16.97
C VAL C 54 -7.96 0.49 -17.08
N CYS C 55 -8.48 -0.44 -16.28
CA CYS C 55 -9.91 -0.69 -16.19
C CYS C 55 -10.38 -0.43 -14.77
N ASN C 56 -11.65 -0.03 -14.64
CA ASN C 56 -12.23 0.33 -13.35
C ASN C 56 -12.80 -0.94 -12.72
N THR C 57 -11.95 -1.69 -12.02
CA THR C 57 -12.36 -2.95 -11.42
C THR C 57 -11.31 -3.39 -10.41
N LEU C 58 -11.67 -4.39 -9.61
CA LEU C 58 -10.76 -5.01 -8.66
C LEU C 58 -10.45 -6.45 -9.03
N GLN C 59 -11.02 -6.97 -10.10
CA GLN C 59 -10.85 -8.37 -10.45
C GLN C 59 -9.48 -8.60 -11.07
N PRO C 60 -8.66 -9.50 -10.52
CA PRO C 60 -7.39 -9.82 -11.18
C PRO C 60 -7.63 -10.43 -12.55
N GLY C 61 -6.78 -10.03 -13.51
CA GLY C 61 -6.85 -10.58 -14.85
C GLY C 61 -7.83 -9.90 -15.78
N CYS C 62 -8.61 -8.93 -15.29
CA CYS C 62 -9.55 -8.24 -16.17
C CYS C 62 -8.82 -7.29 -17.13
N ASN C 63 -7.73 -6.68 -16.66
CA ASN C 63 -6.97 -5.79 -17.52
C ASN C 63 -6.42 -6.53 -18.73
N GLN C 64 -5.84 -7.70 -18.51
CA GLN C 64 -5.26 -8.47 -19.61
C GLN C 64 -6.33 -8.84 -20.64
N ALA C 65 -7.46 -9.38 -20.17
CA ALA C 65 -8.50 -9.81 -21.09
C ALA C 65 -9.07 -8.63 -21.87
N CYS C 66 -9.33 -7.52 -21.18
CA CYS C 66 -9.94 -6.38 -21.85
C CYS C 66 -8.98 -5.74 -22.86
N TYR C 67 -7.69 -5.64 -22.50
CA TYR C 67 -6.73 -5.11 -23.46
C TYR C 67 -6.62 -6.02 -24.67
N ASP C 68 -6.57 -7.33 -24.45
CA ASP C 68 -6.45 -8.24 -25.59
C ASP C 68 -7.68 -8.18 -26.48
N ARG C 69 -8.86 -7.96 -25.91
CA ARG C 69 -10.05 -7.83 -26.74
C ARG C 69 -10.07 -6.51 -27.49
N ALA C 70 -9.62 -5.43 -26.87
CA ALA C 70 -9.68 -4.12 -27.50
C ALA C 70 -8.71 -4.01 -28.66
N PHE C 71 -7.49 -4.53 -28.51
CA PHE C 71 -6.43 -4.40 -29.50
C PHE C 71 -5.86 -5.77 -29.80
N PRO C 72 -6.53 -6.57 -30.62
CA PRO C 72 -6.01 -7.91 -30.94
C PRO C 72 -4.62 -7.87 -31.55
N ILE C 73 -4.36 -6.92 -32.43
CA ILE C 73 -3.05 -6.75 -33.05
C ILE C 73 -2.72 -5.26 -33.03
N SER C 74 -1.52 -4.93 -32.59
CA SER C 74 -1.09 -3.54 -32.55
C SER C 74 -0.96 -2.98 -33.96
N HIS C 75 -1.19 -1.67 -34.10
CA HIS C 75 -1.08 -1.04 -35.41
C HIS C 75 0.32 -1.17 -35.98
N ILE C 76 1.34 -0.99 -35.13
CA ILE C 76 2.71 -0.90 -35.60
C ILE C 76 3.13 -2.22 -36.24
N ARG C 77 2.76 -3.34 -35.64
CA ARG C 77 3.13 -4.63 -36.21
C ARG C 77 2.44 -4.86 -37.54
N TYR C 78 1.17 -4.47 -37.66
CA TYR C 78 0.47 -4.58 -38.93
C TYR C 78 1.18 -3.76 -40.01
N TRP C 79 1.61 -2.55 -39.67
CA TRP C 79 2.26 -1.71 -40.66
C TRP C 79 3.63 -2.26 -41.06
N VAL C 80 4.36 -2.83 -40.10
CA VAL C 80 5.65 -3.43 -40.43
C VAL C 80 5.45 -4.59 -41.40
N PHE C 81 4.49 -5.46 -41.09
CA PHE C 81 4.19 -6.58 -41.99
C PHE C 81 3.81 -6.09 -43.37
N GLN C 82 2.97 -5.05 -43.43
CA GLN C 82 2.56 -4.51 -44.72
C GLN C 82 3.75 -4.00 -45.51
N ILE C 83 4.66 -3.28 -44.85
CA ILE C 83 5.81 -2.71 -45.56
C ILE C 83 6.67 -3.84 -46.15
N ILE C 84 6.97 -4.84 -45.34
CA ILE C 84 7.83 -5.92 -45.83
C ILE C 84 7.14 -6.65 -46.99
N MET C 85 5.86 -6.96 -46.84
CA MET C 85 5.16 -7.70 -47.89
C MET C 85 5.11 -6.89 -49.18
N VAL C 86 4.86 -5.58 -49.09
CA VAL C 86 4.80 -4.76 -50.28
C VAL C 86 6.16 -4.68 -50.96
N CYS C 87 7.24 -4.66 -50.18
CA CYS C 87 8.57 -4.61 -50.78
C CYS C 87 9.02 -5.96 -51.34
N THR C 88 8.37 -7.06 -50.95
CA THR C 88 8.83 -8.38 -51.40
C THR C 88 8.94 -8.53 -52.91
N PRO C 89 7.94 -8.16 -53.72
CA PRO C 89 8.06 -8.42 -55.17
C PRO C 89 9.29 -7.79 -55.82
N SER C 90 9.67 -6.59 -55.39
CA SER C 90 10.89 -5.97 -55.92
C SER C 90 12.11 -6.80 -55.56
N LEU C 91 12.13 -7.33 -54.33
CA LEU C 91 13.23 -8.21 -53.93
C LEU C 91 13.28 -9.44 -54.81
N CYS C 92 12.12 -10.04 -55.10
CA CYS C 92 12.09 -11.20 -55.97
C CYS C 92 12.64 -10.86 -57.36
N PHE C 93 12.23 -9.72 -57.91
CA PHE C 93 12.70 -9.32 -59.22
C PHE C 93 14.21 -9.10 -59.23
N ILE C 94 14.73 -8.43 -58.20
CA ILE C 94 16.17 -8.18 -58.14
C ILE C 94 16.94 -9.49 -58.03
N THR C 95 16.46 -10.41 -57.19
CA THR C 95 17.13 -11.69 -57.04
C THR C 95 17.11 -12.48 -58.35
N TYR C 96 15.98 -12.43 -59.06
CA TYR C 96 15.91 -13.10 -60.36
C TYR C 96 16.90 -12.48 -61.35
N SER C 97 17.00 -11.15 -61.35
CA SER C 97 17.96 -10.50 -62.24
C SER C 97 19.38 -10.93 -61.91
N VAL C 98 19.72 -11.00 -60.62
CA VAL C 98 21.06 -11.44 -60.22
C VAL C 98 21.30 -12.86 -60.69
N HIS C 99 20.32 -13.74 -60.50
CA HIS C 99 20.47 -15.14 -60.92
C HIS C 99 20.64 -15.24 -62.43
N GLN C 100 19.97 -14.38 -63.19
CA GLN C 100 20.03 -14.47 -64.64
C GLN C 100 21.45 -14.28 -65.16
N SER C 101 22.19 -13.34 -64.59
CA SER C 101 23.55 -13.05 -64.99
C SER C 101 24.51 -13.76 -64.06
N ALA C 102 25.41 -14.57 -64.61
CA ALA C 102 26.37 -15.32 -63.83
C ALA C 102 25.66 -16.23 -62.84
N GLY C 194 12.55 -11.85 -71.79
CA GLY C 194 13.04 -12.43 -70.54
C GLY C 194 12.68 -11.59 -69.34
N ILE C 195 13.53 -10.61 -69.03
CA ILE C 195 13.27 -9.73 -67.89
C ILE C 195 12.18 -8.71 -68.17
N SER C 196 11.79 -8.53 -69.43
CA SER C 196 10.73 -7.58 -69.76
C SER C 196 9.34 -8.12 -69.49
N ARG C 197 9.20 -9.41 -69.22
CA ARG C 197 7.92 -10.01 -68.88
C ARG C 197 7.70 -10.11 -67.37
N PHE C 198 8.73 -10.49 -66.62
CA PHE C 198 8.61 -10.56 -65.16
C PHE C 198 8.17 -9.21 -64.58
N TYR C 199 8.54 -8.12 -65.25
CA TYR C 199 8.24 -6.80 -64.71
C TYR C 199 6.72 -6.57 -64.62
N ILE C 200 5.98 -7.00 -65.63
CA ILE C 200 4.54 -6.80 -65.62
C ILE C 200 3.89 -7.56 -64.48
N ILE C 201 4.27 -8.82 -64.29
CA ILE C 201 3.68 -9.60 -63.20
C ILE C 201 4.07 -8.99 -61.85
N GLN C 202 5.30 -8.49 -61.75
CA GLN C 202 5.70 -7.82 -60.51
C GLN C 202 4.80 -6.62 -60.22
N VAL C 203 4.53 -5.82 -61.26
CA VAL C 203 3.67 -4.66 -61.07
C VAL C 203 2.26 -5.07 -60.64
N VAL C 204 1.73 -6.11 -61.29
CA VAL C 204 0.38 -6.56 -60.96
C VAL C 204 0.30 -7.04 -59.51
N PHE C 205 1.29 -7.83 -59.08
CA PHE C 205 1.29 -8.32 -57.72
C PHE C 205 1.42 -7.18 -56.71
N ARG C 206 2.25 -6.19 -57.02
CA ARG C 206 2.38 -5.05 -56.13
C ARG C 206 1.04 -4.32 -55.98
N ASN C 207 0.35 -4.10 -57.10
CA ASN C 207 -0.96 -3.46 -57.04
C ASN C 207 -1.91 -4.26 -56.15
N ALA C 208 -1.99 -5.57 -56.38
CA ALA C 208 -2.92 -6.39 -55.61
C ALA C 208 -2.60 -6.33 -54.12
N LEU C 209 -1.32 -6.45 -53.77
CA LEU C 209 -0.94 -6.43 -52.35
C LEU C 209 -1.29 -5.10 -51.71
N GLU C 210 -0.99 -3.99 -52.38
CA GLU C 210 -1.28 -2.69 -51.80
C GLU C 210 -2.77 -2.52 -51.56
N ILE C 211 -3.60 -2.86 -52.55
CA ILE C 211 -5.03 -2.71 -52.39
C ILE C 211 -5.54 -3.58 -51.24
N GLY C 212 -5.08 -4.83 -51.20
CA GLY C 212 -5.53 -5.72 -50.14
C GLY C 212 -5.18 -5.22 -48.76
N PHE C 213 -3.95 -4.71 -48.60
CA PHE C 213 -3.55 -4.23 -47.29
C PHE C 213 -4.34 -3.00 -46.88
N LEU C 214 -4.62 -2.10 -47.83
CA LEU C 214 -5.43 -0.93 -47.50
C LEU C 214 -6.83 -1.33 -47.03
N VAL C 215 -7.46 -2.23 -47.78
CA VAL C 215 -8.81 -2.67 -47.40
C VAL C 215 -8.79 -3.36 -46.04
N GLY C 216 -7.79 -4.20 -45.82
CA GLY C 216 -7.69 -4.87 -44.53
C GLY C 216 -7.51 -3.90 -43.39
N GLN C 217 -6.70 -2.86 -43.57
CA GLN C 217 -6.53 -1.87 -42.53
C GLN C 217 -7.86 -1.20 -42.20
N TYR C 218 -8.61 -0.83 -43.24
CA TYR C 218 -9.90 -0.19 -42.98
C TYR C 218 -10.82 -1.11 -42.21
N PHE C 219 -10.89 -2.38 -42.61
CA PHE C 219 -11.83 -3.29 -41.96
C PHE C 219 -11.37 -3.70 -40.56
N LEU C 220 -10.08 -3.58 -40.26
CA LEU C 220 -9.58 -3.97 -38.95
C LEU C 220 -9.67 -2.85 -37.93
N TYR C 221 -9.27 -1.62 -38.32
CA TYR C 221 -9.12 -0.56 -37.35
C TYR C 221 -10.08 0.61 -37.51
N GLY C 222 -10.71 0.78 -38.67
CA GLY C 222 -11.57 1.92 -38.84
C GLY C 222 -10.77 3.20 -39.08
N PHE C 223 -11.29 4.31 -38.56
CA PHE C 223 -10.68 5.62 -38.77
C PHE C 223 -10.36 6.36 -37.49
N SER C 224 -10.63 5.79 -36.32
CA SER C 224 -10.35 6.49 -35.07
C SER C 224 -10.14 5.48 -33.95
N VAL C 225 -9.48 5.92 -32.89
CA VAL C 225 -9.24 5.14 -31.69
C VAL C 225 -10.02 5.78 -30.56
N PRO C 226 -11.13 5.19 -30.10
CA PRO C 226 -11.90 5.83 -29.03
C PRO C 226 -11.15 5.83 -27.71
N GLY C 227 -11.48 6.80 -26.86
CA GLY C 227 -10.83 6.93 -25.56
C GLY C 227 -11.40 6.03 -24.49
N LEU C 228 -12.58 5.45 -24.71
CA LEU C 228 -13.22 4.55 -23.76
C LEU C 228 -13.50 3.22 -24.44
N TYR C 229 -13.52 2.16 -23.64
CA TYR C 229 -13.85 0.83 -24.13
C TYR C 229 -14.77 0.15 -23.13
N GLU C 230 -15.78 -0.54 -23.63
CA GLU C 230 -16.69 -1.33 -22.80
C GLU C 230 -16.37 -2.81 -23.00
N CYS C 231 -16.02 -3.49 -21.92
CA CYS C 231 -15.47 -4.83 -21.97
C CYS C 231 -16.30 -5.77 -21.11
N ASN C 232 -16.68 -6.91 -21.66
CA ASN C 232 -17.49 -7.90 -20.95
C ASN C 232 -16.94 -9.30 -21.17
N ARG C 233 -15.62 -9.45 -21.01
CA ARG C 233 -14.95 -10.73 -21.17
C ARG C 233 -14.60 -11.31 -19.81
N TYR C 234 -14.70 -12.63 -19.69
CA TYR C 234 -14.30 -13.29 -18.46
C TYR C 234 -12.83 -13.01 -18.20
N PRO C 235 -12.42 -12.79 -16.93
CA PRO C 235 -13.16 -12.89 -15.68
C PRO C 235 -13.90 -11.63 -15.25
N CYS C 236 -13.95 -10.60 -16.07
CA CYS C 236 -14.62 -9.37 -15.66
C CYS C 236 -16.10 -9.64 -15.39
N ILE C 237 -16.61 -9.04 -14.31
CA ILE C 237 -17.98 -9.26 -13.88
C ILE C 237 -18.90 -8.33 -14.66
N LYS C 238 -19.85 -8.90 -15.39
CA LYS C 238 -20.81 -8.14 -16.19
C LYS C 238 -20.01 -7.27 -17.16
N GLU C 239 -20.18 -5.95 -17.16
CA GLU C 239 -19.52 -5.07 -18.11
C GLU C 239 -18.75 -4.00 -17.36
N VAL C 240 -17.51 -3.75 -17.80
CA VAL C 240 -16.62 -2.79 -17.16
C VAL C 240 -16.17 -1.78 -18.21
N GLU C 241 -15.62 -0.67 -17.71
CA GLU C 241 -15.16 0.44 -18.55
C GLU C 241 -13.67 0.57 -18.42
N CYS C 242 -12.97 0.68 -19.56
CA CYS C 242 -11.53 0.77 -19.60
C CYS C 242 -11.12 1.99 -20.41
N TYR C 243 -9.92 2.50 -20.12
CA TYR C 243 -9.46 3.78 -20.64
C TYR C 243 -8.16 3.59 -21.41
N VAL C 244 -8.09 4.19 -22.59
CA VAL C 244 -6.99 3.97 -23.52
C VAL C 244 -5.94 5.06 -23.34
N SER C 245 -4.73 4.78 -23.82
CA SER C 245 -3.59 5.67 -23.71
C SER C 245 -3.30 6.33 -25.06
N ARG C 246 -3.18 7.66 -25.05
CA ARG C 246 -2.88 8.44 -26.24
C ARG C 246 -3.80 8.13 -27.42
N PRO C 247 -5.12 8.23 -27.23
CA PRO C 247 -6.03 7.99 -28.37
C PRO C 247 -5.83 8.95 -29.53
N THR C 248 -5.51 10.22 -29.25
CA THR C 248 -5.47 11.21 -30.33
C THR C 248 -4.25 11.01 -31.22
N GLU C 249 -3.09 10.75 -30.62
CA GLU C 249 -1.89 10.51 -31.42
C GLU C 249 -2.06 9.27 -32.30
N LYS C 250 -2.68 8.23 -31.75
CA LYS C 250 -2.91 7.02 -32.52
C LYS C 250 -3.91 7.27 -33.65
N THR C 251 -4.93 8.09 -33.41
CA THR C 251 -5.84 8.44 -34.49
C THR C 251 -5.12 9.18 -35.60
N VAL C 252 -4.27 10.14 -35.24
CA VAL C 252 -3.53 10.90 -36.26
C VAL C 252 -2.63 9.97 -37.06
N PHE C 253 -1.92 9.07 -36.37
CA PHE C 253 -1.06 8.12 -37.06
C PHE C 253 -1.85 7.25 -38.01
N LEU C 254 -3.02 6.77 -37.58
CA LEU C 254 -3.85 5.92 -38.43
C LEU C 254 -4.26 6.64 -39.69
N VAL C 255 -4.73 7.89 -39.55
CA VAL C 255 -5.18 8.64 -40.72
C VAL C 255 -4.03 8.92 -41.66
N PHE C 256 -2.87 9.28 -41.11
CA PHE C 256 -1.71 9.58 -41.96
C PHE C 256 -1.29 8.34 -42.75
N MET C 257 -1.24 7.19 -42.09
CA MET C 257 -0.86 5.97 -42.82
C MET C 257 -1.87 5.64 -43.90
N PHE C 258 -3.16 5.82 -43.61
CA PHE C 258 -4.17 5.57 -44.63
C PHE C 258 -3.96 6.47 -45.84
N ALA C 259 -3.69 7.75 -45.61
CA ALA C 259 -3.48 8.67 -46.73
C ALA C 259 -2.27 8.28 -47.57
N VAL C 260 -1.16 7.94 -46.91
CA VAL C 260 0.04 7.56 -47.64
C VAL C 260 -0.21 6.31 -48.48
N SER C 261 -0.88 5.31 -47.88
CA SER C 261 -1.16 4.09 -48.63
C SER C 261 -2.07 4.37 -49.82
N GLY C 262 -3.06 5.27 -49.65
CA GLY C 262 -3.91 5.63 -50.77
C GLY C 262 -3.12 6.27 -51.90
N ILE C 263 -2.18 7.16 -51.56
CA ILE C 263 -1.35 7.77 -52.60
C ILE C 263 -0.56 6.69 -53.34
N CYS C 264 0.02 5.75 -52.59
CA CYS C 264 0.76 4.67 -53.24
C CYS C 264 -0.14 3.87 -54.17
N VAL C 265 -1.36 3.58 -53.74
CA VAL C 265 -2.28 2.81 -54.57
C VAL C 265 -2.58 3.57 -55.86
N VAL C 266 -2.82 4.87 -55.76
CA VAL C 266 -3.13 5.65 -56.95
C VAL C 266 -1.96 5.63 -57.92
N LEU C 267 -0.74 5.83 -57.42
CA LEU C 267 0.42 5.82 -58.30
C LEU C 267 0.60 4.46 -58.97
N ASN C 268 0.41 3.38 -58.21
CA ASN C 268 0.54 2.04 -58.80
C ASN C 268 -0.50 1.81 -59.88
N LEU C 269 -1.74 2.26 -59.64
CA LEU C 269 -2.77 2.12 -60.66
C LEU C 269 -2.41 2.90 -61.91
N ALA C 270 -1.87 4.10 -61.75
CA ALA C 270 -1.44 4.88 -62.91
C ALA C 270 -0.37 4.14 -63.70
N GLU C 271 0.61 3.57 -63.01
CA GLU C 271 1.66 2.81 -63.68
C GLU C 271 1.05 1.64 -64.46
N LEU C 272 0.19 0.87 -63.79
CA LEU C 272 -0.40 -0.31 -64.43
C LEU C 272 -1.21 0.10 -65.66
N ASN C 273 -1.96 1.19 -65.57
CA ASN C 273 -2.69 1.68 -66.73
C ASN C 273 -1.74 2.08 -67.86
N HIS C 274 -0.62 2.70 -67.51
CA HIS C 274 0.34 3.08 -68.55
C HIS C 274 0.87 1.86 -69.28
N LEU C 275 1.20 0.79 -68.56
CA LEU C 275 1.74 -0.39 -69.21
C LEU C 275 0.79 -0.91 -70.28
N GLY C 276 -0.48 -1.03 -69.95
CA GLY C 276 -1.51 -1.28 -70.95
C GLY C 276 -2.14 -2.66 -70.81
N TRP C 277 -3.47 -2.70 -70.92
CA TRP C 277 -4.22 -3.94 -70.71
C TRP C 277 -3.82 -5.01 -71.73
N ARG C 278 -3.68 -4.62 -72.99
CA ARG C 278 -3.13 -5.54 -73.99
C ARG C 278 -1.83 -6.17 -73.51
N LYS C 279 -0.91 -5.39 -72.97
CA LYS C 279 0.36 -5.94 -72.52
C LYS C 279 0.17 -6.89 -71.34
N ILE C 280 -0.71 -6.54 -70.40
CA ILE C 280 -0.89 -7.39 -69.22
C ILE C 280 -1.48 -8.73 -69.63
N LYS C 281 -2.37 -8.75 -70.63
CA LYS C 281 -2.98 -10.00 -71.03
C LYS C 281 -1.93 -11.02 -71.49
N LEU C 282 -0.95 -10.58 -72.27
CA LEU C 282 0.08 -11.50 -72.76
C LEU C 282 1.25 -11.54 -71.78
N SER D 19 11.70 -26.28 -63.56
CA SER D 19 11.43 -25.04 -62.84
C SER D 19 12.27 -24.98 -61.56
N THR D 20 13.53 -25.37 -61.67
CA THR D 20 14.42 -25.36 -60.51
C THR D 20 14.89 -23.96 -60.13
N MET D 21 14.71 -22.97 -61.00
CA MET D 21 15.21 -21.64 -60.70
C MET D 21 14.21 -20.85 -59.87
N ILE D 22 12.95 -20.80 -60.32
CA ILE D 22 11.94 -20.08 -59.55
C ILE D 22 11.85 -20.65 -58.14
N GLY D 23 12.09 -21.95 -57.98
CA GLY D 23 12.11 -22.52 -56.65
C GLY D 23 13.17 -21.90 -55.78
N ARG D 24 14.39 -21.76 -56.31
CA ARG D 24 15.48 -21.16 -55.54
C ARG D 24 15.18 -19.70 -55.22
N ILE D 25 14.62 -18.98 -56.20
CA ILE D 25 14.30 -17.57 -55.99
C ILE D 25 13.30 -17.43 -54.85
N LEU D 26 12.21 -18.21 -54.91
CA LEU D 26 11.21 -18.15 -53.86
C LEU D 26 11.77 -18.56 -52.52
N LEU D 27 12.64 -19.58 -52.50
CA LEU D 27 13.21 -20.03 -51.24
C LEU D 27 14.05 -18.92 -50.60
N THR D 28 14.88 -18.27 -51.38
CA THR D 28 15.68 -17.17 -50.85
C THR D 28 14.79 -16.05 -50.33
N VAL D 29 13.77 -15.68 -51.10
CA VAL D 29 12.90 -14.59 -50.68
C VAL D 29 12.21 -14.93 -49.37
N VAL D 30 11.70 -16.17 -49.26
CA VAL D 30 10.98 -16.57 -48.05
C VAL D 30 11.92 -16.57 -46.84
N VAL D 31 13.14 -17.07 -47.02
CA VAL D 31 14.09 -17.10 -45.91
C VAL D 31 14.36 -15.68 -45.42
N ILE D 32 14.62 -14.77 -46.34
CA ILE D 32 14.90 -13.39 -45.94
C ILE D 32 13.68 -12.78 -45.25
N PHE D 33 12.49 -13.06 -45.78
CA PHE D 33 11.27 -12.51 -45.19
C PHE D 33 11.11 -12.98 -43.75
N ARG D 34 11.30 -14.28 -43.52
CA ARG D 34 11.16 -14.81 -42.17
C ARG D 34 12.18 -14.18 -41.22
N ILE D 35 13.43 -14.08 -41.66
CA ILE D 35 14.46 -13.50 -40.80
C ILE D 35 14.10 -12.06 -40.44
N LEU D 36 13.66 -11.28 -41.42
CA LEU D 36 13.35 -9.87 -41.16
C LEU D 36 12.19 -9.76 -40.18
N ILE D 37 11.12 -10.52 -40.41
CA ILE D 37 9.94 -10.42 -39.55
C ILE D 37 10.32 -10.75 -38.11
N VAL D 38 11.00 -11.88 -37.91
CA VAL D 38 11.41 -12.25 -36.56
C VAL D 38 12.25 -11.14 -35.95
N ALA D 39 13.35 -10.79 -36.60
CA ALA D 39 14.30 -9.85 -36.02
C ALA D 39 13.65 -8.51 -35.70
N ILE D 40 12.60 -8.12 -36.42
CA ILE D 40 12.05 -6.79 -36.22
C ILE D 40 10.94 -6.78 -35.17
N VAL D 41 10.05 -7.77 -35.13
CA VAL D 41 8.89 -7.69 -34.26
C VAL D 41 8.93 -8.66 -33.08
N GLY D 42 9.62 -9.81 -33.21
CA GLY D 42 9.47 -10.84 -32.20
C GLY D 42 9.88 -10.37 -30.82
N GLU D 43 11.04 -9.73 -30.71
CA GLU D 43 11.53 -9.36 -29.39
C GLU D 43 10.59 -8.36 -28.73
N THR D 44 9.91 -7.52 -29.51
CA THR D 44 9.00 -6.54 -28.93
C THR D 44 7.69 -7.20 -28.50
N VAL D 45 7.22 -8.20 -29.24
CA VAL D 45 5.96 -8.83 -28.86
C VAL D 45 6.07 -9.49 -27.49
N TYR D 46 7.19 -10.17 -27.22
CA TYR D 46 7.35 -10.98 -26.02
C TYR D 46 8.12 -10.26 -24.93
N ASP D 47 8.07 -8.92 -24.90
CA ASP D 47 8.88 -8.17 -23.95
C ASP D 47 8.34 -8.32 -22.53
N ASP D 48 7.04 -8.16 -22.33
CA ASP D 48 6.42 -8.16 -21.01
C ASP D 48 5.70 -9.46 -20.73
N GLU D 49 6.24 -10.58 -21.22
CA GLU D 49 5.56 -11.86 -21.04
C GLU D 49 5.41 -12.22 -19.57
N GLN D 50 6.42 -11.94 -18.76
CA GLN D 50 6.41 -12.34 -17.36
C GLN D 50 5.92 -11.25 -16.41
N THR D 51 6.13 -9.98 -16.76
CA THR D 51 5.70 -8.91 -15.87
C THR D 51 4.19 -8.73 -15.90
N MET D 52 3.54 -9.10 -17.01
CA MET D 52 2.11 -8.98 -17.15
C MET D 52 1.39 -10.30 -16.90
N PHE D 53 2.10 -11.34 -16.49
CA PHE D 53 1.49 -12.61 -16.12
C PHE D 53 1.12 -12.56 -14.65
N VAL D 54 -0.16 -12.83 -14.35
CA VAL D 54 -0.69 -12.66 -13.00
C VAL D 54 -1.53 -13.89 -12.64
N CYS D 55 -1.42 -14.32 -11.38
CA CYS D 55 -2.21 -15.41 -10.86
C CYS D 55 -3.07 -14.90 -9.70
N ASN D 56 -4.21 -15.55 -9.49
CA ASN D 56 -5.16 -15.15 -8.46
C ASN D 56 -4.80 -15.88 -7.17
N THR D 57 -3.87 -15.30 -6.41
CA THR D 57 -3.39 -15.93 -5.19
C THR D 57 -2.64 -14.89 -4.37
N LEU D 58 -2.36 -15.24 -3.11
CA LEU D 58 -1.53 -14.44 -2.22
C LEU D 58 -0.22 -15.12 -1.87
N GLN D 59 0.03 -16.32 -2.39
CA GLN D 59 1.21 -17.07 -2.02
C GLN D 59 2.43 -16.51 -2.72
N PRO D 60 3.48 -16.11 -1.99
CA PRO D 60 4.71 -15.68 -2.66
C PRO D 60 5.32 -16.83 -3.45
N GLY D 61 5.81 -16.52 -4.65
CA GLY D 61 6.48 -17.49 -5.48
C GLY D 61 5.58 -18.31 -6.37
N CYS D 62 4.26 -18.17 -6.27
CA CYS D 62 3.37 -18.92 -7.13
C CYS D 62 3.42 -18.41 -8.56
N ASN D 63 3.60 -17.10 -8.74
CA ASN D 63 3.69 -16.54 -10.09
C ASN D 63 4.87 -17.13 -10.85
N GLN D 64 6.03 -17.20 -10.21
CA GLN D 64 7.22 -17.72 -10.88
C GLN D 64 7.01 -19.16 -11.30
N ALA D 65 6.54 -20.00 -10.38
CA ALA D 65 6.36 -21.41 -10.68
C ALA D 65 5.34 -21.61 -11.80
N CYS D 66 4.22 -20.90 -11.73
CA CYS D 66 3.16 -21.11 -12.72
C CYS D 66 3.58 -20.59 -14.08
N TYR D 67 4.28 -19.46 -14.14
CA TYR D 67 4.78 -18.99 -15.43
C TYR D 67 5.79 -19.96 -16.01
N ASP D 68 6.70 -20.48 -15.19
CA ASP D 68 7.69 -21.41 -15.70
C ASP D 68 7.04 -22.69 -16.21
N ARG D 69 5.97 -23.13 -15.56
CA ARG D 69 5.27 -24.32 -16.04
C ARG D 69 4.51 -24.04 -17.32
N ALA D 70 3.91 -22.86 -17.44
CA ALA D 70 3.09 -22.56 -18.62
C ALA D 70 3.94 -22.40 -19.87
N PHE D 71 5.08 -21.71 -19.76
CA PHE D 71 5.93 -21.39 -20.90
C PHE D 71 7.35 -21.82 -20.60
N PRO D 72 7.66 -23.12 -20.73
CA PRO D 72 9.02 -23.57 -20.44
C PRO D 72 10.08 -22.88 -21.29
N ILE D 73 9.79 -22.66 -22.56
CA ILE D 73 10.69 -21.96 -23.47
C ILE D 73 9.86 -20.97 -24.27
N SER D 74 10.32 -19.72 -24.35
CA SER D 74 9.62 -18.71 -25.11
C SER D 74 9.65 -19.04 -26.59
N HIS D 75 8.62 -18.60 -27.31
CA HIS D 75 8.56 -18.87 -28.74
C HIS D 75 9.72 -18.21 -29.47
N ILE D 76 10.06 -16.98 -29.09
CA ILE D 76 11.02 -16.21 -29.85
C ILE D 76 12.39 -16.88 -29.83
N ARG D 77 12.80 -17.40 -28.68
CA ARG D 77 14.10 -18.07 -28.60
C ARG D 77 14.11 -19.35 -29.43
N TYR D 78 13.02 -20.11 -29.41
CA TYR D 78 12.94 -21.29 -30.26
C TYR D 78 13.09 -20.91 -31.72
N TRP D 79 12.43 -19.84 -32.15
CA TRP D 79 12.51 -19.46 -33.56
C TRP D 79 13.91 -18.96 -33.93
N VAL D 80 14.57 -18.24 -33.02
CA VAL D 80 15.94 -17.79 -33.30
C VAL D 80 16.85 -18.99 -33.47
N PHE D 81 16.76 -19.96 -32.55
CA PHE D 81 17.57 -21.16 -32.67
C PHE D 81 17.29 -21.87 -33.97
N GLN D 82 16.01 -21.98 -34.35
CA GLN D 82 15.65 -22.64 -35.60
C GLN D 82 16.28 -21.94 -36.79
N ILE D 83 16.23 -20.61 -36.82
CA ILE D 83 16.77 -19.87 -37.96
C ILE D 83 18.27 -20.11 -38.08
N ILE D 84 19.00 -20.00 -36.98
CA ILE D 84 20.45 -20.18 -37.05
C ILE D 84 20.77 -21.61 -37.49
N MET D 85 20.10 -22.60 -36.91
CA MET D 85 20.40 -23.98 -37.26
C MET D 85 20.11 -24.25 -38.73
N VAL D 86 19.00 -23.71 -39.25
CA VAL D 86 18.66 -23.95 -40.65
C VAL D 86 19.68 -23.28 -41.55
N CYS D 87 20.21 -22.12 -41.17
CA CYS D 87 21.21 -21.46 -42.00
C CYS D 87 22.59 -22.10 -41.90
N THR D 88 22.84 -22.91 -40.88
CA THR D 88 24.17 -23.48 -40.69
C THR D 88 24.72 -24.22 -41.90
N PRO D 89 23.99 -25.15 -42.54
CA PRO D 89 24.60 -25.92 -43.64
C PRO D 89 25.13 -25.05 -44.78
N SER D 90 24.44 -23.96 -45.11
CA SER D 90 24.96 -23.05 -46.12
C SER D 90 26.28 -22.44 -45.68
N LEU D 91 26.39 -22.12 -44.39
CA LEU D 91 27.65 -21.62 -43.86
C LEU D 91 28.74 -22.66 -44.01
N CYS D 92 28.43 -23.93 -43.71
CA CYS D 92 29.41 -24.99 -43.90
C CYS D 92 29.88 -25.04 -45.36
N PHE D 93 28.94 -24.99 -46.29
CA PHE D 93 29.29 -25.08 -47.70
C PHE D 93 30.15 -23.90 -48.13
N ILE D 94 29.79 -22.69 -47.72
CA ILE D 94 30.56 -21.51 -48.11
C ILE D 94 31.96 -21.57 -47.55
N THR D 95 32.09 -21.96 -46.27
CA THR D 95 33.42 -22.04 -45.67
C THR D 95 34.26 -23.12 -46.35
N TYR D 96 33.65 -24.24 -46.71
CA TYR D 96 34.39 -25.27 -47.43
C TYR D 96 34.84 -24.76 -48.79
N SER D 97 33.99 -24.02 -49.49
CA SER D 97 34.37 -23.45 -50.77
C SER D 97 35.55 -22.49 -50.60
N VAL D 98 35.51 -21.66 -49.58
CA VAL D 98 36.62 -20.73 -49.32
C VAL D 98 37.91 -21.51 -49.06
N HIS D 99 37.81 -22.56 -48.24
CA HIS D 99 38.99 -23.35 -47.93
C HIS D 99 39.56 -24.03 -49.17
N GLN D 100 38.68 -24.47 -50.07
CA GLN D 100 39.13 -25.20 -51.25
C GLN D 100 40.06 -24.34 -52.10
N SER D 101 39.72 -23.07 -52.29
CA SER D 101 40.51 -22.16 -53.09
C SER D 101 41.46 -21.38 -52.17
N ALA D 102 42.75 -21.47 -52.45
CA ALA D 102 43.76 -20.80 -51.64
C ALA D 102 43.69 -21.27 -50.19
N GLY D 194 34.01 -32.67 -56.86
CA GLY D 194 34.42 -32.06 -55.60
C GLY D 194 33.31 -31.29 -54.93
N ILE D 195 33.09 -30.06 -55.37
CA ILE D 195 32.02 -29.23 -54.80
C ILE D 195 30.64 -29.63 -55.29
N SER D 196 30.56 -30.48 -56.32
CA SER D 196 29.27 -30.91 -56.84
C SER D 196 28.66 -32.04 -56.01
N ARG D 197 29.41 -32.62 -55.07
CA ARG D 197 28.89 -33.65 -54.18
C ARG D 197 28.45 -33.08 -52.84
N PHE D 198 29.24 -32.16 -52.27
CA PHE D 198 28.86 -31.53 -51.01
C PHE D 198 27.49 -30.89 -51.10
N TYR D 199 27.12 -30.41 -52.29
CA TYR D 199 25.85 -29.70 -52.45
C TYR D 199 24.67 -30.61 -52.14
N ILE D 200 24.72 -31.87 -52.58
CA ILE D 200 23.62 -32.79 -52.35
C ILE D 200 23.45 -33.06 -50.86
N ILE D 201 24.55 -33.30 -50.16
CA ILE D 201 24.46 -33.56 -48.73
C ILE D 201 23.95 -32.32 -48.00
N GLN D 202 24.37 -31.14 -48.44
CA GLN D 202 23.86 -29.91 -47.86
C GLN D 202 22.35 -29.83 -48.00
N VAL D 203 21.85 -30.15 -49.20
CA VAL D 203 20.40 -30.09 -49.44
C VAL D 203 19.68 -31.08 -48.54
N VAL D 204 20.21 -32.31 -48.43
CA VAL D 204 19.54 -33.32 -47.62
C VAL D 204 19.50 -32.89 -46.16
N PHE D 205 20.61 -32.36 -45.64
CA PHE D 205 20.63 -31.94 -44.25
C PHE D 205 19.67 -30.77 -44.01
N ARG D 206 19.60 -29.84 -44.96
CA ARG D 206 18.66 -28.74 -44.81
C ARG D 206 17.23 -29.24 -44.74
N ASN D 207 16.88 -30.18 -45.62
CA ASN D 207 15.54 -30.76 -45.59
C ASN D 207 15.24 -31.39 -44.24
N ALA D 208 16.18 -32.21 -43.75
CA ALA D 208 15.95 -32.89 -42.48
C ALA D 208 15.77 -31.90 -41.33
N LEU D 209 16.62 -30.88 -41.28
CA LEU D 209 16.52 -29.90 -40.20
C LEU D 209 15.20 -29.15 -40.25
N GLU D 210 14.78 -28.73 -41.44
CA GLU D 210 13.52 -27.99 -41.55
C GLU D 210 12.35 -28.84 -41.08
N ILE D 211 12.28 -30.09 -41.54
CA ILE D 211 11.18 -30.95 -41.16
C ILE D 211 11.18 -31.18 -39.65
N GLY D 212 12.36 -31.46 -39.09
CA GLY D 212 12.44 -31.70 -37.66
C GLY D 212 11.98 -30.51 -36.85
N PHE D 213 12.41 -29.30 -37.24
CA PHE D 213 12.01 -28.12 -36.48
C PHE D 213 10.51 -27.88 -36.59
N LEU D 214 9.92 -28.09 -37.76
CA LEU D 214 8.48 -27.91 -37.89
C LEU D 214 7.73 -28.88 -36.98
N VAL D 215 8.11 -30.15 -37.00
CA VAL D 215 7.44 -31.14 -36.16
C VAL D 215 7.61 -30.79 -34.69
N GLY D 216 8.83 -30.39 -34.29
CA GLY D 216 9.06 -30.01 -32.91
C GLY D 216 8.20 -28.84 -32.48
N GLN D 217 8.07 -27.84 -33.34
CA GLN D 217 7.22 -26.70 -33.00
C GLN D 217 5.79 -27.15 -32.77
N TYR D 218 5.26 -28.01 -33.66
CA TYR D 218 3.90 -28.47 -33.47
C TYR D 218 3.75 -29.21 -32.14
N PHE D 219 4.69 -30.10 -31.84
CA PHE D 219 4.56 -30.90 -30.61
C PHE D 219 4.81 -30.09 -29.35
N LEU D 220 5.50 -28.96 -29.45
CA LEU D 220 5.80 -28.15 -28.29
C LEU D 220 4.71 -27.13 -27.98
N TYR D 221 4.20 -26.43 -29.00
CA TYR D 221 3.33 -25.29 -28.76
C TYR D 221 1.90 -25.46 -29.24
N GLY D 222 1.62 -26.40 -30.15
CA GLY D 222 0.28 -26.52 -30.68
C GLY D 222 -0.01 -25.44 -31.71
N PHE D 223 -1.27 -25.00 -31.72
CA PHE D 223 -1.74 -24.01 -32.69
C PHE D 223 -2.36 -22.77 -32.07
N SER D 224 -2.44 -22.68 -30.74
CA SER D 224 -3.04 -21.51 -30.12
C SER D 224 -2.46 -21.32 -28.73
N VAL D 225 -2.59 -20.10 -28.22
CA VAL D 225 -2.16 -19.72 -26.88
C VAL D 225 -3.42 -19.40 -26.07
N PRO D 226 -3.84 -20.24 -25.14
CA PRO D 226 -5.06 -19.95 -24.38
C PRO D 226 -4.87 -18.76 -23.45
N GLY D 227 -5.99 -18.08 -23.16
CA GLY D 227 -5.95 -16.92 -22.29
C GLY D 227 -5.94 -17.23 -20.82
N LEU D 228 -6.28 -18.46 -20.44
CA LEU D 228 -6.30 -18.90 -19.05
C LEU D 228 -5.37 -20.10 -18.89
N TYR D 229 -4.83 -20.24 -17.69
CA TYR D 229 -3.99 -21.39 -17.35
C TYR D 229 -4.37 -21.88 -15.97
N GLU D 230 -4.43 -23.21 -15.81
CA GLU D 230 -4.69 -23.83 -14.52
C GLU D 230 -3.39 -24.44 -14.01
N CYS D 231 -2.94 -23.99 -12.84
CA CYS D 231 -1.62 -24.31 -12.34
C CYS D 231 -1.73 -24.94 -10.96
N ASN D 232 -1.06 -26.08 -10.77
CA ASN D 232 -1.09 -26.78 -9.48
C ASN D 232 0.31 -27.19 -9.07
N ARG D 233 1.26 -26.26 -9.16
CA ARG D 233 2.65 -26.53 -8.83
C ARG D 233 3.02 -25.86 -7.51
N TYR D 234 3.84 -26.54 -6.72
CA TYR D 234 4.30 -25.97 -5.47
C TYR D 234 5.02 -24.65 -5.73
N PRO D 235 4.84 -23.62 -4.87
CA PRO D 235 4.12 -23.59 -3.60
C PRO D 235 2.64 -23.25 -3.69
N CYS D 236 2.06 -23.18 -4.88
CA CYS D 236 0.65 -22.83 -4.99
C CYS D 236 -0.21 -23.88 -4.29
N ILE D 237 -1.23 -23.41 -3.58
CA ILE D 237 -2.08 -24.28 -2.78
C ILE D 237 -3.16 -24.85 -3.70
N LYS D 238 -3.22 -26.18 -3.78
CA LYS D 238 -4.21 -26.88 -4.62
C LYS D 238 -4.05 -26.38 -6.05
N GLU D 239 -5.10 -25.83 -6.67
CA GLU D 239 -5.04 -25.40 -8.06
C GLU D 239 -5.47 -23.94 -8.14
N VAL D 240 -4.74 -23.16 -8.94
CA VAL D 240 -4.99 -21.73 -9.10
C VAL D 240 -5.14 -21.41 -10.57
N GLU D 241 -5.67 -20.22 -10.84
CA GLU D 241 -5.94 -19.75 -12.19
C GLU D 241 -5.05 -18.55 -12.48
N CYS D 242 -4.41 -18.58 -13.66
CA CYS D 242 -3.49 -17.53 -14.07
C CYS D 242 -3.88 -17.02 -15.44
N TYR D 243 -3.51 -15.78 -15.73
CA TYR D 243 -3.98 -15.07 -16.91
C TYR D 243 -2.81 -14.62 -17.76
N VAL D 244 -2.90 -14.85 -19.06
CA VAL D 244 -1.79 -14.65 -19.98
C VAL D 244 -1.90 -13.27 -20.63
N SER D 245 -0.78 -12.80 -21.18
CA SER D 245 -0.69 -11.48 -21.79
C SER D 245 -0.62 -11.61 -23.31
N ARG D 246 -1.48 -10.86 -23.99
CA ARG D 246 -1.55 -10.84 -25.45
C ARG D 246 -1.66 -12.25 -26.05
N PRO D 247 -2.66 -13.03 -25.65
CA PRO D 247 -2.81 -14.37 -26.27
C PRO D 247 -3.08 -14.32 -27.77
N THR D 248 -3.84 -13.33 -28.25
CA THR D 248 -4.25 -13.33 -29.65
C THR D 248 -3.08 -13.00 -30.57
N GLU D 249 -2.27 -12.00 -30.22
CA GLU D 249 -1.11 -11.68 -31.04
C GLU D 249 -0.15 -12.86 -31.11
N LYS D 250 0.05 -13.54 -29.99
CA LYS D 250 0.93 -14.70 -29.97
C LYS D 250 0.37 -15.84 -30.81
N THR D 251 -0.94 -16.04 -30.79
CA THR D 251 -1.54 -17.05 -31.66
C THR D 251 -1.32 -16.70 -33.13
N VAL D 252 -1.51 -15.44 -33.50
CA VAL D 252 -1.30 -15.04 -34.89
C VAL D 252 0.13 -15.27 -35.30
N PHE D 253 1.08 -14.89 -34.43
CA PHE D 253 2.49 -15.09 -34.73
C PHE D 253 2.80 -16.57 -34.91
N LEU D 254 2.26 -17.41 -34.03
CA LEU D 254 2.51 -18.86 -34.13
C LEU D 254 2.02 -19.41 -35.45
N VAL D 255 0.79 -19.06 -35.85
CA VAL D 255 0.25 -19.58 -37.10
C VAL D 255 1.06 -19.08 -38.28
N PHE D 256 1.44 -17.81 -38.27
CA PHE D 256 2.21 -17.26 -39.39
C PHE D 256 3.55 -17.97 -39.54
N MET D 257 4.24 -18.20 -38.42
CA MET D 257 5.51 -18.90 -38.48
C MET D 257 5.34 -20.32 -38.99
N PHE D 258 4.28 -21.00 -38.54
CA PHE D 258 4.03 -22.35 -39.05
C PHE D 258 3.83 -22.35 -40.56
N ALA D 259 3.05 -21.39 -41.07
CA ALA D 259 2.81 -21.34 -42.51
C ALA D 259 4.09 -21.10 -43.28
N VAL D 260 4.92 -20.15 -42.81
CA VAL D 260 6.16 -19.86 -43.53
C VAL D 260 7.07 -21.07 -43.54
N SER D 261 7.18 -21.75 -42.39
CA SER D 261 8.03 -22.94 -42.33
C SER D 261 7.51 -24.04 -43.25
N GLY D 262 6.19 -24.19 -43.34
CA GLY D 262 5.64 -25.17 -44.26
C GLY D 262 5.97 -24.86 -45.71
N ILE D 263 5.89 -23.59 -46.09
CA ILE D 263 6.27 -23.20 -47.45
C ILE D 263 7.73 -23.54 -47.70
N CYS D 264 8.61 -23.24 -46.74
CA CYS D 264 10.02 -23.58 -46.90
C CYS D 264 10.21 -25.08 -47.08
N VAL D 265 9.50 -25.88 -46.29
CA VAL D 265 9.63 -27.33 -46.39
C VAL D 265 9.21 -27.80 -47.77
N VAL D 266 8.10 -27.26 -48.29
CA VAL D 266 7.63 -27.69 -49.60
C VAL D 266 8.66 -27.35 -50.68
N LEU D 267 9.21 -26.13 -50.64
CA LEU D 267 10.20 -25.76 -51.63
C LEU D 267 11.44 -26.64 -51.55
N ASN D 268 11.89 -26.94 -50.33
CA ASN D 268 13.06 -27.81 -50.18
C ASN D 268 12.79 -29.20 -50.73
N LEU D 269 11.59 -29.73 -50.47
CA LEU D 269 11.25 -31.04 -51.00
C LEU D 269 11.23 -31.03 -52.52
N ALA D 270 10.71 -29.95 -53.13
CA ALA D 270 10.73 -29.84 -54.58
C ALA D 270 12.16 -29.85 -55.10
N GLU D 271 13.05 -29.10 -54.45
CA GLU D 271 14.45 -29.08 -54.87
C GLU D 271 15.04 -30.48 -54.80
N LEU D 272 14.85 -31.15 -53.65
CA LEU D 272 15.41 -32.48 -53.48
C LEU D 272 14.89 -33.45 -54.53
N ASN D 273 13.59 -33.38 -54.83
CA ASN D 273 13.05 -34.24 -55.88
C ASN D 273 13.69 -33.92 -57.22
N HIS D 274 13.93 -32.64 -57.51
CA HIS D 274 14.58 -32.29 -58.76
C HIS D 274 15.96 -32.90 -58.88
N LEU D 275 16.75 -32.86 -57.79
CA LEU D 275 18.08 -33.45 -57.85
C LEU D 275 18.00 -34.94 -58.17
N GLY D 276 17.10 -35.65 -57.52
CA GLY D 276 16.82 -37.03 -57.90
C GLY D 276 17.39 -38.04 -56.93
N TRP D 277 16.69 -39.18 -56.81
CA TRP D 277 17.12 -40.22 -55.88
C TRP D 277 18.37 -40.95 -56.38
N ARG D 278 18.43 -41.23 -57.69
CA ARG D 278 19.66 -41.76 -58.27
C ARG D 278 20.88 -40.91 -57.89
N LYS D 279 20.81 -39.59 -58.08
CA LYS D 279 21.94 -38.75 -57.72
C LYS D 279 22.20 -38.78 -56.21
N ILE D 280 21.13 -38.77 -55.41
CA ILE D 280 21.27 -38.71 -53.96
C ILE D 280 22.00 -39.94 -53.45
N LYS D 281 21.67 -41.12 -53.97
CA LYS D 281 22.22 -42.36 -53.44
C LYS D 281 23.74 -42.39 -53.58
N LEU D 282 24.27 -41.77 -54.62
CA LEU D 282 25.70 -41.76 -54.85
C LEU D 282 26.33 -40.46 -54.39
N SER E 19 41.60 -36.60 -42.53
CA SER E 19 40.42 -35.75 -42.48
C SER E 19 40.67 -34.55 -41.59
N THR E 20 41.70 -33.77 -41.92
CA THR E 20 42.05 -32.59 -41.15
C THR E 20 41.34 -31.33 -41.63
N MET E 21 40.63 -31.40 -42.75
CA MET E 21 39.98 -30.20 -43.27
C MET E 21 38.56 -30.08 -42.74
N ILE E 22 37.78 -31.17 -42.83
CA ILE E 22 36.41 -31.14 -42.31
C ILE E 22 36.43 -30.78 -40.83
N GLY E 23 37.47 -31.21 -40.11
CA GLY E 23 37.58 -30.82 -38.72
C GLY E 23 37.66 -29.31 -38.55
N ARG E 24 38.49 -28.65 -39.34
CA ARG E 24 38.60 -27.20 -39.25
C ARG E 24 37.30 -26.52 -39.66
N ILE E 25 36.65 -27.04 -40.69
CA ILE E 25 35.38 -26.46 -41.14
C ILE E 25 34.36 -26.52 -40.02
N LEU E 26 34.19 -27.70 -39.42
CA LEU E 26 33.23 -27.86 -38.34
C LEU E 26 33.59 -26.99 -37.15
N LEU E 27 34.88 -26.90 -36.83
CA LEU E 27 35.29 -26.09 -35.69
C LEU E 27 34.91 -24.63 -35.89
N THR E 28 35.21 -24.10 -37.08
CA THR E 28 34.83 -22.71 -37.36
C THR E 28 33.33 -22.52 -37.27
N VAL E 29 32.57 -23.46 -37.85
CA VAL E 29 31.12 -23.31 -37.86
C VAL E 29 30.56 -23.33 -36.45
N VAL E 30 31.03 -24.24 -35.61
CA VAL E 30 30.49 -24.32 -34.25
C VAL E 30 30.89 -23.11 -33.44
N VAL E 31 32.09 -22.59 -33.65
CA VAL E 31 32.50 -21.38 -32.93
C VAL E 31 31.58 -20.22 -33.28
N ILE E 32 31.32 -20.03 -34.58
CA ILE E 32 30.44 -18.94 -34.99
C ILE E 32 29.04 -19.15 -34.44
N PHE E 33 28.56 -20.40 -34.47
CA PHE E 33 27.22 -20.71 -33.98
C PHE E 33 27.10 -20.34 -32.51
N ARG E 34 28.08 -20.72 -31.69
CA ARG E 34 28.03 -20.41 -30.27
C ARG E 34 28.05 -18.91 -30.04
N ILE E 35 28.92 -18.19 -30.75
CA ILE E 35 28.99 -16.75 -30.57
C ILE E 35 27.65 -16.11 -30.90
N LEU E 36 27.04 -16.51 -32.01
CA LEU E 36 25.78 -15.91 -32.42
C LEU E 36 24.68 -16.19 -31.40
N ILE E 37 24.56 -17.45 -30.96
CA ILE E 37 23.50 -17.79 -30.02
C ILE E 37 23.65 -16.97 -28.75
N VAL E 38 24.85 -16.95 -28.17
CA VAL E 38 25.05 -16.18 -26.95
C VAL E 38 24.67 -14.72 -27.20
N ALA E 39 25.33 -14.08 -28.16
CA ALA E 39 25.15 -12.65 -28.38
C ALA E 39 23.69 -12.29 -28.62
N ILE E 40 22.90 -13.20 -29.19
CA ILE E 40 21.54 -12.83 -29.56
C ILE E 40 20.55 -13.08 -28.43
N VAL E 41 20.63 -14.20 -27.72
CA VAL E 41 19.59 -14.55 -26.76
C VAL E 41 20.02 -14.43 -25.30
N GLY E 42 21.31 -14.58 -25.00
CA GLY E 42 21.70 -14.69 -23.60
C GLY E 42 21.32 -13.49 -22.78
N GLU E 43 21.60 -12.29 -23.29
CA GLU E 43 21.33 -11.09 -22.50
C GLU E 43 19.85 -10.94 -22.21
N THR E 44 18.99 -11.37 -23.13
CA THR E 44 17.55 -11.25 -22.92
C THR E 44 17.04 -12.30 -21.94
N VAL E 45 17.63 -13.49 -21.94
CA VAL E 45 17.15 -14.53 -21.02
C VAL E 45 17.36 -14.10 -19.57
N TYR E 46 18.52 -13.52 -19.27
CA TYR E 46 18.91 -13.21 -17.90
C TYR E 46 18.66 -11.76 -17.53
N ASP E 47 17.68 -11.11 -18.15
CA ASP E 47 17.47 -9.69 -17.91
C ASP E 47 16.88 -9.44 -16.53
N ASP E 48 15.85 -10.18 -16.15
CA ASP E 48 15.14 -9.97 -14.89
C ASP E 48 15.50 -11.01 -13.84
N GLU E 49 16.76 -11.43 -13.81
CA GLU E 49 17.17 -12.47 -12.88
C GLU E 49 16.97 -12.04 -11.44
N GLN E 50 17.31 -10.79 -11.12
CA GLN E 50 17.22 -10.31 -9.75
C GLN E 50 15.90 -9.60 -9.46
N THR E 51 15.24 -9.06 -10.48
CA THR E 51 13.97 -8.37 -10.25
C THR E 51 12.87 -9.36 -9.89
N MET E 52 12.90 -10.55 -10.47
CA MET E 52 11.86 -11.56 -10.25
C MET E 52 12.27 -12.58 -9.21
N PHE E 53 13.40 -12.39 -8.54
CA PHE E 53 13.80 -13.26 -7.44
C PHE E 53 13.15 -12.77 -6.16
N VAL E 54 12.42 -13.66 -5.49
CA VAL E 54 11.62 -13.29 -4.33
C VAL E 54 11.85 -14.31 -3.22
N CYS E 55 11.93 -13.82 -1.99
CA CYS E 55 12.04 -14.66 -0.80
C CYS E 55 10.84 -14.42 0.10
N ASN E 56 10.48 -15.46 0.86
CA ASN E 56 9.31 -15.42 1.74
C ASN E 56 9.75 -14.88 3.09
N THR E 57 9.78 -13.56 3.22
CA THR E 57 10.23 -12.92 4.45
C THR E 57 9.82 -11.46 4.43
N LEU E 58 9.94 -10.82 5.60
CA LEU E 58 9.71 -9.39 5.75
C LEU E 58 10.97 -8.63 6.09
N GLN E 59 12.11 -9.31 6.20
CA GLN E 59 13.35 -8.68 6.61
C GLN E 59 13.94 -7.87 5.46
N PRO E 60 14.17 -6.57 5.62
CA PRO E 60 14.87 -5.83 4.56
C PRO E 60 16.27 -6.36 4.35
N GLY E 61 16.68 -6.43 3.08
CA GLY E 61 18.01 -6.86 2.73
C GLY E 61 18.21 -8.35 2.60
N CYS E 62 17.19 -9.16 2.90
CA CYS E 62 17.33 -10.61 2.77
C CYS E 62 17.34 -11.03 1.30
N ASN E 63 16.58 -10.34 0.46
CA ASN E 63 16.56 -10.66 -0.96
C ASN E 63 17.95 -10.50 -1.57
N GLN E 64 18.61 -9.38 -1.28
CA GLN E 64 19.94 -9.14 -1.85
C GLN E 64 20.92 -10.22 -1.42
N ALA E 65 20.97 -10.53 -0.13
CA ALA E 65 21.93 -11.51 0.37
C ALA E 65 21.65 -12.89 -0.23
N CYS E 66 20.38 -13.29 -0.26
CA CYS E 66 20.07 -14.63 -0.74
C CYS E 66 20.31 -14.75 -2.24
N TYR E 67 19.99 -13.72 -3.02
CA TYR E 67 20.30 -13.77 -4.44
C TYR E 67 21.80 -13.83 -4.67
N ASP E 68 22.58 -13.03 -3.93
CA ASP E 68 24.02 -13.05 -4.11
C ASP E 68 24.60 -14.40 -3.76
N ARG E 69 24.06 -15.06 -2.74
CA ARG E 69 24.55 -16.39 -2.38
C ARG E 69 24.15 -17.43 -3.42
N ALA E 70 22.95 -17.32 -3.97
CA ALA E 70 22.48 -18.33 -4.91
C ALA E 70 23.23 -18.27 -6.23
N PHE E 71 23.48 -17.07 -6.74
CA PHE E 71 24.09 -16.86 -8.05
C PHE E 71 25.27 -15.92 -7.91
N PRO E 72 26.42 -16.42 -7.45
CA PRO E 72 27.58 -15.53 -7.30
C PRO E 72 27.99 -14.86 -8.59
N ILE E 73 27.94 -15.59 -9.71
CA ILE E 73 28.27 -15.06 -11.02
C ILE E 73 27.20 -15.55 -11.99
N SER E 74 26.66 -14.64 -12.80
CA SER E 74 25.65 -15.02 -13.77
C SER E 74 26.27 -15.88 -14.86
N HIS E 75 25.45 -16.77 -15.43
CA HIS E 75 25.95 -17.66 -16.48
C HIS E 75 26.43 -16.86 -17.69
N ILE E 76 25.69 -15.81 -18.06
CA ILE E 76 25.96 -15.11 -19.30
C ILE E 76 27.34 -14.47 -19.27
N ARG E 77 27.71 -13.88 -18.13
CA ARG E 77 29.03 -13.25 -18.03
C ARG E 77 30.14 -14.28 -18.09
N TYR E 78 29.95 -15.43 -17.44
CA TYR E 78 30.94 -16.50 -17.53
C TYR E 78 31.13 -16.94 -18.98
N TRP E 79 30.02 -17.08 -19.72
CA TRP E 79 30.14 -17.52 -21.11
C TRP E 79 30.81 -16.47 -21.98
N VAL E 80 30.52 -15.19 -21.74
CA VAL E 80 31.19 -14.14 -22.51
C VAL E 80 32.68 -14.17 -22.27
N PHE E 81 33.08 -14.26 -21.00
CA PHE E 81 34.49 -14.35 -20.67
C PHE E 81 35.13 -15.55 -21.34
N GLN E 82 34.45 -16.69 -21.31
CA GLN E 82 34.99 -17.90 -21.93
C GLN E 82 35.20 -17.70 -23.42
N ILE E 83 34.23 -17.08 -24.10
CA ILE E 83 34.34 -16.90 -25.54
C ILE E 83 35.53 -16.02 -25.87
N ILE E 84 35.67 -14.88 -25.18
CA ILE E 84 36.78 -13.99 -25.48
C ILE E 84 38.11 -14.69 -25.21
N MET E 85 38.22 -15.37 -24.07
CA MET E 85 39.48 -16.01 -23.73
C MET E 85 39.85 -17.09 -24.73
N VAL E 86 38.86 -17.86 -25.18
CA VAL E 86 39.15 -18.91 -26.15
C VAL E 86 39.56 -18.32 -27.49
N CYS E 87 38.99 -17.18 -27.87
CA CYS E 87 39.38 -16.55 -29.13
C CYS E 87 40.72 -15.84 -29.06
N THR E 88 41.22 -15.55 -27.85
CA THR E 88 42.46 -14.79 -27.72
C THR E 88 43.65 -15.38 -28.49
N PRO E 89 43.97 -16.67 -28.38
CA PRO E 89 45.19 -17.17 -29.06
C PRO E 89 45.21 -16.94 -30.55
N SER E 90 44.06 -17.05 -31.21
CA SER E 90 44.00 -16.74 -32.64
C SER E 90 44.33 -15.28 -32.89
N LEU E 91 43.87 -14.39 -32.00
CA LEU E 91 44.23 -12.98 -32.11
C LEU E 91 45.73 -12.80 -31.97
N CYS E 92 46.35 -13.49 -31.00
CA CYS E 92 47.80 -13.43 -30.86
C CYS E 92 48.49 -13.85 -32.15
N PHE E 93 48.05 -14.95 -32.73
CA PHE E 93 48.68 -15.45 -33.95
C PHE E 93 48.53 -14.47 -35.10
N ILE E 94 47.33 -13.91 -35.27
CA ILE E 94 47.10 -12.97 -36.36
C ILE E 94 47.95 -11.72 -36.19
N THR E 95 48.01 -11.19 -34.96
CA THR E 95 48.81 -10.00 -34.73
C THR E 95 50.29 -10.27 -34.95
N TYR E 96 50.77 -11.45 -34.54
CA TYR E 96 52.15 -11.81 -34.80
C TYR E 96 52.42 -11.90 -36.30
N SER E 97 51.49 -12.48 -37.05
CA SER E 97 51.65 -12.56 -38.50
C SER E 97 51.72 -11.16 -39.11
N VAL E 98 50.85 -10.26 -38.66
CA VAL E 98 50.88 -8.88 -39.18
C VAL E 98 52.22 -8.23 -38.86
N HIS E 99 52.70 -8.39 -37.63
CA HIS E 99 53.99 -7.81 -37.26
C HIS E 99 55.13 -8.40 -38.08
N GLN E 100 55.04 -9.68 -38.43
CA GLN E 100 56.13 -10.34 -39.13
C GLN E 100 56.39 -9.68 -40.48
N SER E 101 55.33 -9.33 -41.20
CA SER E 101 55.44 -8.71 -42.51
C SER E 101 55.29 -7.20 -42.36
N ALA E 102 56.29 -6.46 -42.82
CA ALA E 102 56.29 -5.00 -42.72
C ALA E 102 56.18 -4.57 -41.25
N GLY E 194 59.41 -20.50 -38.95
CA GLY E 194 59.00 -19.27 -38.30
C GLY E 194 57.56 -19.32 -37.81
N ILE E 195 56.61 -19.13 -38.73
CA ILE E 195 55.20 -19.18 -38.38
C ILE E 195 54.68 -20.60 -38.26
N SER E 196 55.46 -21.60 -38.66
CA SER E 196 55.02 -22.99 -38.55
C SER E 196 55.21 -23.55 -37.15
N ARG E 197 55.89 -22.83 -36.26
CA ARG E 197 56.05 -23.25 -34.87
C ARG E 197 55.06 -22.58 -33.93
N PHE E 198 54.76 -21.30 -34.17
CA PHE E 198 53.75 -20.61 -33.36
C PHE E 198 52.40 -21.30 -33.46
N TYR E 199 52.10 -21.92 -34.60
CA TYR E 199 50.81 -22.55 -34.80
C TYR E 199 50.59 -23.69 -33.81
N ILE E 200 51.61 -24.51 -33.59
CA ILE E 200 51.48 -25.63 -32.67
C ILE E 200 51.20 -25.16 -31.25
N ILE E 201 51.94 -24.14 -30.80
CA ILE E 201 51.73 -23.63 -29.45
C ILE E 201 50.34 -23.01 -29.33
N GLN E 202 49.89 -22.33 -30.38
CA GLN E 202 48.54 -21.77 -30.37
C GLN E 202 47.50 -22.87 -30.22
N VAL E 203 47.68 -23.98 -30.95
CA VAL E 203 46.73 -25.09 -30.85
C VAL E 203 46.73 -25.66 -29.44
N VAL E 204 47.91 -25.85 -28.85
CA VAL E 204 48.00 -26.42 -27.51
C VAL E 204 47.30 -25.52 -26.50
N PHE E 205 47.56 -24.21 -26.58
CA PHE E 205 46.93 -23.29 -25.64
C PHE E 205 45.42 -23.28 -25.81
N ARG E 206 44.93 -23.33 -27.04
CA ARG E 206 43.49 -23.38 -27.26
C ARG E 206 42.89 -24.62 -26.62
N ASN E 207 43.54 -25.77 -26.80
CA ASN E 207 43.04 -27.00 -26.17
C ASN E 207 42.97 -26.85 -24.66
N ALA E 208 44.04 -26.35 -24.06
CA ALA E 208 44.07 -26.22 -22.60
C ALA E 208 42.97 -25.30 -22.11
N LEU E 209 42.81 -24.15 -22.77
CA LEU E 209 41.80 -23.20 -22.34
C LEU E 209 40.40 -23.79 -22.44
N GLU E 210 40.10 -24.46 -23.56
CA GLU E 210 38.77 -25.05 -23.72
C GLU E 210 38.48 -26.06 -22.63
N ILE E 211 39.43 -26.97 -22.38
CA ILE E 211 39.20 -27.99 -21.37
C ILE E 211 39.02 -27.36 -20.00
N GLY E 212 39.85 -26.38 -19.66
CA GLY E 212 39.73 -25.73 -18.37
C GLY E 212 38.39 -25.06 -18.18
N PHE E 213 37.92 -24.36 -19.21
CA PHE E 213 36.64 -23.67 -19.09
C PHE E 213 35.49 -24.66 -18.94
N LEU E 214 35.53 -25.77 -19.68
CA LEU E 214 34.47 -26.77 -19.54
C LEU E 214 34.43 -27.33 -18.13
N VAL E 215 35.60 -27.70 -17.59
CA VAL E 215 35.65 -28.26 -16.24
C VAL E 215 35.16 -27.23 -15.23
N GLY E 216 35.58 -25.97 -15.39
CA GLY E 216 35.15 -24.93 -14.48
C GLY E 216 33.64 -24.73 -14.51
N GLN E 217 33.05 -24.76 -15.69
CA GLN E 217 31.60 -24.63 -15.79
C GLN E 217 30.90 -25.75 -15.04
N TYR E 218 31.38 -26.98 -15.22
CA TYR E 218 30.76 -28.09 -14.51
C TYR E 218 30.85 -27.90 -13.01
N PHE E 219 32.03 -27.52 -12.52
CA PHE E 219 32.21 -27.40 -11.07
C PHE E 219 31.50 -26.19 -10.49
N LEU E 220 31.20 -25.18 -11.30
CA LEU E 220 30.54 -23.98 -10.81
C LEU E 220 29.01 -24.12 -10.80
N TYR E 221 28.43 -24.63 -11.89
CA TYR E 221 26.99 -24.58 -12.05
C TYR E 221 26.28 -25.92 -12.06
N GLY E 222 27.00 -27.02 -12.27
CA GLY E 222 26.31 -28.30 -12.34
C GLY E 222 25.58 -28.46 -13.66
N PHE E 223 24.44 -29.16 -13.61
CA PHE E 223 23.67 -29.47 -14.81
C PHE E 223 22.23 -28.98 -14.77
N SER E 224 21.80 -28.32 -13.69
CA SER E 224 20.42 -27.85 -13.63
C SER E 224 20.34 -26.65 -12.69
N VAL E 225 19.26 -25.89 -12.85
CA VAL E 225 18.95 -24.74 -12.02
C VAL E 225 17.69 -25.06 -11.22
N PRO E 226 17.79 -25.34 -9.93
CA PRO E 226 16.58 -25.68 -9.16
C PRO E 226 15.65 -24.48 -9.02
N GLY E 227 14.36 -24.78 -8.88
CA GLY E 227 13.36 -23.75 -8.73
C GLY E 227 13.22 -23.17 -7.35
N LEU E 228 13.78 -23.82 -6.34
CA LEU E 228 13.74 -23.35 -4.95
C LEU E 228 15.15 -23.23 -4.42
N TYR E 229 15.33 -22.31 -3.48
CA TYR E 229 16.62 -22.13 -2.83
C TYR E 229 16.39 -21.95 -1.33
N GLU E 230 17.22 -22.59 -0.52
CA GLU E 230 17.18 -22.45 0.93
C GLU E 230 18.35 -21.59 1.37
N CYS E 231 18.05 -20.46 1.99
CA CYS E 231 19.05 -19.43 2.26
C CYS E 231 19.10 -19.14 3.75
N ASN E 232 20.30 -19.10 4.32
CA ASN E 232 20.49 -18.81 5.74
C ASN E 232 21.62 -17.81 5.94
N ARG E 233 21.60 -16.73 5.17
CA ARG E 233 22.61 -15.69 5.25
C ARG E 233 22.07 -14.49 6.01
N TYR E 234 22.92 -13.86 6.80
CA TYR E 234 22.53 -12.64 7.49
C TYR E 234 22.13 -11.58 6.45
N PRO E 235 21.08 -10.78 6.71
CA PRO E 235 20.27 -10.65 7.92
C PRO E 235 19.07 -11.58 8.01
N CYS E 236 18.91 -12.53 7.10
CA CYS E 236 17.77 -13.42 7.15
C CYS E 236 17.77 -14.20 8.45
N ILE E 237 16.59 -14.31 9.07
CA ILE E 237 16.45 -14.99 10.36
C ILE E 237 16.38 -16.49 10.11
N LYS E 238 17.29 -17.23 10.74
CA LYS E 238 17.33 -18.68 10.56
C LYS E 238 17.43 -19.03 9.07
N GLU E 239 16.46 -19.79 8.55
CA GLU E 239 16.49 -20.26 7.18
C GLU E 239 15.20 -19.87 6.47
N VAL E 240 15.34 -19.36 5.25
CA VAL E 240 14.20 -18.90 4.46
C VAL E 240 14.23 -19.59 3.10
N GLU E 241 13.10 -19.49 2.41
CA GLU E 241 12.91 -20.12 1.10
C GLU E 241 12.72 -19.05 0.05
N CYS E 242 13.46 -19.17 -1.06
CA CYS E 242 13.43 -18.21 -2.14
C CYS E 242 13.14 -18.92 -3.45
N TYR E 243 12.58 -18.18 -4.40
CA TYR E 243 12.05 -18.75 -5.63
C TYR E 243 12.73 -18.12 -6.84
N VAL E 244 13.15 -18.95 -7.78
CA VAL E 244 13.97 -18.53 -8.90
C VAL E 244 13.08 -18.23 -10.11
N SER E 245 13.62 -17.47 -11.05
CA SER E 245 12.92 -17.04 -12.24
C SER E 245 13.41 -17.82 -13.46
N ARG E 246 12.46 -18.39 -14.21
CA ARG E 246 12.76 -19.15 -15.42
C ARG E 246 13.82 -20.24 -15.19
N PRO E 247 13.63 -21.13 -14.23
CA PRO E 247 14.61 -22.22 -14.05
C PRO E 247 14.74 -23.13 -15.26
N THR E 248 13.66 -23.41 -15.98
CA THR E 248 13.72 -24.40 -17.06
C THR E 248 14.49 -23.88 -18.25
N GLU E 249 14.24 -22.63 -18.65
CA GLU E 249 14.99 -22.05 -19.76
C GLU E 249 16.48 -21.99 -19.45
N LYS E 250 16.81 -21.63 -18.20
CA LYS E 250 18.21 -21.58 -17.82
C LYS E 250 18.85 -22.96 -17.82
N THR E 251 18.11 -23.98 -17.39
CA THR E 251 18.64 -25.34 -17.47
C THR E 251 18.90 -25.74 -18.92
N VAL E 252 17.97 -25.43 -19.82
CA VAL E 252 18.16 -25.78 -21.23
C VAL E 252 19.38 -25.06 -21.79
N PHE E 253 19.53 -23.78 -21.48
CA PHE E 253 20.69 -23.02 -21.94
C PHE E 253 21.99 -23.63 -21.42
N LEU E 254 22.01 -24.00 -20.15
CA LEU E 254 23.20 -24.59 -19.56
C LEU E 254 23.59 -25.87 -20.28
N VAL E 255 22.62 -26.76 -20.50
CA VAL E 255 22.93 -28.04 -21.15
C VAL E 255 23.40 -27.81 -22.58
N PHE E 256 22.75 -26.89 -23.29
CA PHE E 256 23.15 -26.63 -24.68
C PHE E 256 24.57 -26.11 -24.76
N MET E 257 24.93 -25.16 -23.88
CA MET E 257 26.28 -24.63 -23.88
C MET E 257 27.29 -25.72 -23.55
N PHE E 258 26.97 -26.59 -22.59
CA PHE E 258 27.87 -27.69 -22.27
C PHE E 258 28.10 -28.59 -23.47
N ALA E 259 27.03 -28.91 -24.21
CA ALA E 259 27.18 -29.78 -25.37
C ALA E 259 28.04 -29.14 -26.45
N VAL E 260 27.81 -27.86 -26.72
CA VAL E 260 28.60 -27.18 -27.75
C VAL E 260 30.07 -27.13 -27.35
N SER E 261 30.35 -26.82 -26.09
CA SER E 261 31.74 -26.78 -25.64
C SER E 261 32.39 -28.16 -25.75
N GLY E 262 31.64 -29.22 -25.43
CA GLY E 262 32.18 -30.56 -25.58
C GLY E 262 32.53 -30.89 -27.01
N ILE E 263 31.66 -30.50 -27.95
CA ILE E 263 31.98 -30.72 -29.36
C ILE E 263 33.24 -29.99 -29.74
N CYS E 264 33.38 -28.73 -29.31
CA CYS E 264 34.59 -27.97 -29.62
C CYS E 264 35.82 -28.67 -29.05
N VAL E 265 35.73 -29.17 -27.83
CA VAL E 265 36.87 -29.85 -27.21
C VAL E 265 37.25 -31.08 -28.02
N VAL E 266 36.27 -31.86 -28.46
CA VAL E 266 36.56 -33.06 -29.22
C VAL E 266 37.26 -32.70 -30.53
N LEU E 267 36.76 -31.68 -31.23
CA LEU E 267 37.40 -31.29 -32.49
C LEU E 267 38.83 -30.81 -32.26
N ASN E 268 39.05 -30.03 -31.21
CA ASN E 268 40.39 -29.56 -30.91
C ASN E 268 41.33 -30.72 -30.61
N LEU E 269 40.86 -31.71 -29.85
CA LEU E 269 41.69 -32.87 -29.56
C LEU E 269 42.01 -33.63 -30.83
N ALA E 270 41.04 -33.75 -31.74
CA ALA E 270 41.31 -34.42 -33.01
C ALA E 270 42.39 -33.69 -33.79
N GLU E 271 42.31 -32.37 -33.85
CA GLU E 271 43.34 -31.59 -34.54
C GLU E 271 44.71 -31.85 -33.91
N LEU E 272 44.78 -31.70 -32.58
CA LEU E 272 46.06 -31.89 -31.89
C LEU E 272 46.63 -33.26 -32.16
N ASN E 273 45.80 -34.29 -32.12
CA ASN E 273 46.29 -35.64 -32.43
C ASN E 273 46.78 -35.74 -33.86
N HIS E 274 46.06 -35.13 -34.81
CA HIS E 274 46.52 -35.15 -36.19
C HIS E 274 47.91 -34.55 -36.32
N LEU E 275 48.19 -33.49 -35.56
CA LEU E 275 49.52 -32.89 -35.62
C LEU E 275 50.60 -33.93 -35.36
N GLY E 276 50.46 -34.69 -34.28
CA GLY E 276 51.44 -35.70 -33.92
C GLY E 276 52.16 -35.38 -32.63
N TRP E 277 52.45 -36.41 -31.82
CA TRP E 277 53.07 -36.18 -30.51
C TRP E 277 54.29 -35.28 -30.62
N ARG E 278 55.32 -35.74 -31.34
CA ARG E 278 56.51 -34.93 -31.54
C ARG E 278 56.19 -33.60 -32.22
N LYS E 279 55.20 -33.57 -33.11
CA LYS E 279 54.83 -32.31 -33.75
C LYS E 279 54.23 -31.33 -32.74
N ILE E 280 53.30 -31.81 -31.91
CA ILE E 280 52.73 -30.93 -30.87
C ILE E 280 53.84 -30.48 -29.93
N LYS E 281 54.79 -31.37 -29.66
CA LYS E 281 55.93 -31.03 -28.80
C LYS E 281 56.74 -29.89 -29.40
N LEU E 282 56.86 -29.85 -30.72
CA LEU E 282 57.69 -28.84 -31.38
C LEU E 282 56.86 -28.05 -32.39
N SER F 19 63.76 -9.90 -26.76
CA SER F 19 62.38 -10.34 -26.86
C SER F 19 61.43 -9.15 -26.77
N THR F 20 61.67 -8.14 -27.61
CA THR F 20 60.85 -6.94 -27.64
C THR F 20 59.61 -7.09 -28.50
N MET F 21 59.51 -8.15 -29.29
CA MET F 21 58.35 -8.28 -30.18
C MET F 21 57.20 -8.98 -29.47
N ILE F 22 57.49 -10.10 -28.81
CA ILE F 22 56.43 -10.80 -28.07
C ILE F 22 55.83 -9.87 -27.03
N GLY F 23 56.66 -8.99 -26.45
CA GLY F 23 56.12 -8.02 -25.51
C GLY F 23 55.06 -7.13 -26.13
N ARG F 24 55.35 -6.59 -27.32
CA ARG F 24 54.38 -5.75 -28.00
C ARG F 24 53.12 -6.53 -28.38
N ILE F 25 53.30 -7.76 -28.84
CA ILE F 25 52.15 -8.58 -29.21
C ILE F 25 51.24 -8.80 -28.01
N LEU F 26 51.83 -9.21 -26.88
CA LEU F 26 51.05 -9.43 -25.69
C LEU F 26 50.39 -8.15 -25.20
N LEU F 27 51.11 -7.02 -25.27
CA LEU F 27 50.53 -5.76 -24.81
C LEU F 27 49.29 -5.40 -25.63
N THR F 28 49.40 -5.53 -26.96
CA THR F 28 48.24 -5.23 -27.81
C THR F 28 47.08 -6.15 -27.50
N VAL F 29 47.36 -7.44 -27.34
CA VAL F 29 46.27 -8.39 -27.09
C VAL F 29 45.61 -8.09 -25.76
N VAL F 30 46.39 -7.78 -24.72
CA VAL F 30 45.83 -7.51 -23.41
C VAL F 30 44.98 -6.25 -23.45
N VAL F 31 45.44 -5.21 -24.15
CA VAL F 31 44.68 -3.97 -24.23
C VAL F 31 43.33 -4.24 -24.90
N ILE F 32 43.35 -4.98 -26.01
CA ILE F 32 42.09 -5.28 -26.70
C ILE F 32 41.18 -6.09 -25.81
N PHE F 33 41.74 -7.07 -25.10
CA PHE F 33 40.95 -7.92 -24.22
C PHE F 33 40.25 -7.10 -23.14
N ARG F 34 40.98 -6.19 -22.51
CA ARG F 34 40.40 -5.36 -21.47
C ARG F 34 39.29 -4.49 -22.03
N ILE F 35 39.52 -3.87 -23.18
CA ILE F 35 38.51 -3.00 -23.77
C ILE F 35 37.24 -3.80 -24.05
N LEU F 36 37.39 -4.98 -24.64
CA LEU F 36 36.22 -5.79 -24.99
C LEU F 36 35.44 -6.19 -23.75
N ILE F 37 36.15 -6.69 -22.73
CA ILE F 37 35.45 -7.15 -21.53
C ILE F 37 34.67 -6.00 -20.90
N VAL F 38 35.32 -4.86 -20.71
CA VAL F 38 34.62 -3.73 -20.11
C VAL F 38 33.41 -3.37 -20.95
N ALA F 39 33.63 -3.07 -22.24
CA ALA F 39 32.55 -2.58 -23.08
C ALA F 39 31.37 -3.55 -23.13
N ILE F 40 31.62 -4.85 -23.00
CA ILE F 40 30.53 -5.81 -23.17
C ILE F 40 29.78 -6.07 -21.88
N VAL F 41 30.46 -6.22 -20.73
CA VAL F 41 29.77 -6.67 -19.53
C VAL F 41 29.63 -5.57 -18.47
N GLY F 42 30.53 -4.59 -18.43
CA GLY F 42 30.55 -3.68 -17.30
C GLY F 42 29.24 -2.94 -17.11
N GLU F 43 28.70 -2.40 -18.20
CA GLU F 43 27.49 -1.58 -18.08
C GLU F 43 26.33 -2.43 -17.56
N THR F 44 26.25 -3.68 -17.98
CA THR F 44 25.15 -4.54 -17.53
C THR F 44 25.31 -4.92 -16.07
N VAL F 45 26.55 -5.11 -15.61
CA VAL F 45 26.73 -5.52 -14.21
C VAL F 45 26.23 -4.44 -13.26
N TYR F 46 26.53 -3.17 -13.56
CA TYR F 46 26.25 -2.06 -12.66
C TYR F 46 24.96 -1.33 -13.01
N ASP F 47 24.02 -2.00 -13.67
CA ASP F 47 22.80 -1.32 -14.13
C ASP F 47 21.91 -0.92 -12.95
N ASP F 48 21.65 -1.85 -12.04
CA ASP F 48 20.72 -1.63 -10.94
C ASP F 48 21.44 -1.37 -9.62
N GLU F 49 22.56 -0.67 -9.68
CA GLU F 49 23.34 -0.44 -8.46
C GLU F 49 22.55 0.34 -7.42
N GLN F 50 21.82 1.37 -7.86
CA GLN F 50 21.09 2.22 -6.92
C GLN F 50 19.65 1.79 -6.73
N THR F 51 19.07 1.09 -7.71
CA THR F 51 17.69 0.64 -7.57
C THR F 51 17.56 -0.47 -6.53
N MET F 52 18.57 -1.32 -6.42
CA MET F 52 18.54 -2.46 -5.50
C MET F 52 19.28 -2.18 -4.20
N PHE F 53 19.72 -0.95 -3.98
CA PHE F 53 20.35 -0.55 -2.73
C PHE F 53 19.26 -0.12 -1.76
N VAL F 54 19.23 -0.74 -0.58
CA VAL F 54 18.16 -0.54 0.39
C VAL F 54 18.77 -0.34 1.77
N CYS F 55 18.18 0.56 2.54
CA CYS F 55 18.57 0.81 3.92
C CYS F 55 17.39 0.53 4.83
N ASN F 56 17.70 0.12 6.06
CA ASN F 56 16.68 -0.25 7.04
C ASN F 56 16.27 1.00 7.80
N THR F 57 15.32 1.75 7.24
CA THR F 57 14.88 3.00 7.84
C THR F 57 13.58 3.43 7.19
N LEU F 58 12.93 4.41 7.82
CA LEU F 58 11.74 5.04 7.28
C LEU F 58 11.96 6.49 6.88
N GLN F 59 13.16 7.01 7.06
CA GLN F 59 13.44 8.42 6.80
C GLN F 59 13.54 8.66 5.30
N PRO F 60 12.74 9.55 4.72
CA PRO F 60 12.94 9.90 3.31
C PRO F 60 14.31 10.52 3.08
N GLY F 61 14.93 10.14 1.97
CA GLY F 61 16.21 10.70 1.58
C GLY F 61 17.42 10.03 2.18
N CYS F 62 17.23 9.05 3.07
CA CYS F 62 18.38 8.36 3.65
C CYS F 62 19.04 7.42 2.64
N ASN F 63 18.24 6.81 1.77
CA ASN F 63 18.80 5.94 0.75
C ASN F 63 19.75 6.69 -0.17
N GLN F 64 19.33 7.87 -0.63
CA GLN F 64 20.18 8.65 -1.54
C GLN F 64 21.49 9.01 -0.88
N ALA F 65 21.43 9.55 0.34
CA ALA F 65 22.64 9.98 1.02
C ALA F 65 23.57 8.81 1.29
N CYS F 66 23.03 7.69 1.76
CA CYS F 66 23.87 6.56 2.11
C CYS F 66 24.49 5.94 0.86
N TYR F 67 23.73 5.83 -0.24
CA TYR F 67 24.32 5.31 -1.46
C TYR F 67 25.41 6.23 -1.97
N ASP F 68 25.18 7.54 -1.94
CA ASP F 68 26.19 8.47 -2.42
C ASP F 68 27.45 8.41 -1.57
N ARG F 69 27.31 8.16 -0.28
CA ARG F 69 28.50 8.04 0.57
C ARG F 69 29.23 6.74 0.33
N ALA F 70 28.49 5.65 0.11
CA ALA F 70 29.14 4.34 -0.06
C ALA F 70 29.90 4.25 -1.37
N PHE F 71 29.33 4.78 -2.45
CA PHE F 71 29.91 4.66 -3.79
C PHE F 71 29.99 6.04 -4.42
N PRO F 72 31.00 6.84 -4.05
CA PRO F 72 31.10 8.18 -4.63
C PRO F 72 31.21 8.17 -6.15
N ILE F 73 31.96 7.23 -6.71
CA ILE F 73 32.11 7.06 -8.15
C ILE F 73 31.98 5.58 -8.46
N SER F 74 31.17 5.25 -9.46
CA SER F 74 31.00 3.86 -9.86
C SER F 74 32.29 3.33 -10.46
N HIS F 75 32.51 2.02 -10.30
CA HIS F 75 33.72 1.40 -10.85
C HIS F 75 33.77 1.55 -12.36
N ILE F 76 32.64 1.36 -13.03
CA ILE F 76 32.63 1.29 -14.48
C ILE F 76 33.09 2.60 -15.09
N ARG F 77 32.63 3.73 -14.53
CA ARG F 77 33.04 5.03 -15.07
C ARG F 77 34.53 5.27 -14.85
N TYR F 78 35.05 4.87 -13.69
CA TYR F 78 36.49 4.99 -13.46
C TYR F 78 37.26 4.19 -14.49
N TRP F 79 36.80 2.97 -14.79
CA TRP F 79 37.54 2.14 -15.75
C TRP F 79 37.45 2.71 -17.15
N VAL F 80 36.30 3.27 -17.53
CA VAL F 80 36.18 3.89 -18.86
C VAL F 80 37.15 5.06 -18.98
N PHE F 81 37.18 5.92 -17.96
CA PHE F 81 38.10 7.04 -17.97
C PHE F 81 39.54 6.55 -18.07
N GLN F 82 39.88 5.51 -17.31
CA GLN F 82 41.24 4.98 -17.36
C GLN F 82 41.58 4.49 -18.75
N ILE F 83 40.68 3.76 -19.40
CA ILE F 83 40.96 3.22 -20.72
C ILE F 83 41.22 4.34 -21.71
N ILE F 84 40.34 5.34 -21.73
CA ILE F 84 40.51 6.43 -22.69
C ILE F 84 41.83 7.17 -22.43
N MET F 85 42.11 7.47 -21.16
CA MET F 85 43.33 8.21 -20.84
C MET F 85 44.57 7.41 -21.24
N VAL F 86 44.58 6.11 -20.98
CA VAL F 86 45.73 5.30 -21.34
C VAL F 86 45.90 5.22 -22.84
N CYS F 87 44.81 5.20 -23.61
CA CYS F 87 44.93 5.17 -25.06
C CYS F 87 45.30 6.52 -25.66
N THR F 88 45.14 7.62 -24.92
CA THR F 88 45.40 8.95 -25.47
C THR F 88 46.79 9.11 -26.08
N PRO F 89 47.89 8.75 -25.42
CA PRO F 89 49.22 9.02 -26.01
C PRO F 89 49.41 8.40 -27.38
N SER F 90 48.90 7.19 -27.61
CA SER F 90 49.01 6.59 -28.93
C SER F 90 48.24 7.42 -29.96
N LEU F 91 47.08 7.93 -29.57
CA LEU F 91 46.33 8.81 -30.46
C LEU F 91 47.12 10.06 -30.80
N CYS F 92 47.78 10.65 -29.80
CA CYS F 92 48.61 11.82 -30.06
C CYS F 92 49.72 11.49 -31.03
N PHE F 93 50.39 10.35 -30.84
CA PHE F 93 51.48 9.97 -31.73
C PHE F 93 50.98 9.75 -33.16
N ILE F 94 49.84 9.09 -33.31
CA ILE F 94 49.30 8.83 -34.64
C ILE F 94 48.92 10.14 -35.33
N THR F 95 48.30 11.05 -34.58
CA THR F 95 47.91 12.33 -35.17
C THR F 95 49.15 13.13 -35.58
N TYR F 96 50.20 13.10 -34.76
CA TYR F 96 51.44 13.77 -35.13
C TYR F 96 52.05 13.16 -36.38
N SER F 97 52.02 11.83 -36.49
CA SER F 97 52.54 11.17 -37.69
C SER F 97 51.76 11.60 -38.92
N VAL F 98 50.44 11.67 -38.80
CA VAL F 98 49.62 12.10 -39.94
C VAL F 98 49.97 13.54 -40.31
N HIS F 99 50.10 14.41 -39.31
CA HIS F 99 50.43 15.81 -39.59
C HIS F 99 51.79 15.93 -40.26
N GLN F 100 52.75 15.07 -39.88
CA GLN F 100 54.09 15.19 -40.42
C GLN F 100 54.11 15.01 -41.93
N SER F 101 53.34 14.04 -42.44
CA SER F 101 53.27 13.76 -43.86
C SER F 101 52.05 14.46 -44.45
N ALA F 102 52.28 15.30 -45.46
CA ALA F 102 51.20 16.04 -46.10
C ALA F 102 50.48 16.92 -45.08
N GLY F 194 63.33 12.47 -35.71
CA GLY F 194 62.01 13.09 -35.75
C GLY F 194 60.96 12.27 -35.02
N ILE F 195 60.38 11.30 -35.72
CA ILE F 195 59.36 10.45 -35.12
C ILE F 195 59.97 9.59 -34.02
N SER F 196 61.25 9.23 -34.16
CA SER F 196 61.88 8.32 -33.20
C SER F 196 61.88 8.92 -31.80
N ARG F 197 62.20 10.21 -31.68
CA ARG F 197 62.25 10.83 -30.36
C ARG F 197 60.87 10.81 -29.69
N PHE F 198 59.83 11.17 -30.44
CA PHE F 198 58.48 11.21 -29.87
C PHE F 198 58.07 9.87 -29.28
N TYR F 199 58.58 8.78 -29.85
CA TYR F 199 58.18 7.44 -29.40
C TYR F 199 58.61 7.22 -27.94
N ILE F 200 59.80 7.66 -27.58
CA ILE F 200 60.28 7.46 -26.21
C ILE F 200 59.41 8.21 -25.22
N ILE F 201 59.08 9.47 -25.51
CA ILE F 201 58.24 10.24 -24.59
C ILE F 201 56.86 9.61 -24.51
N GLN F 202 56.34 9.11 -25.64
CA GLN F 202 55.05 8.44 -25.60
C GLN F 202 55.09 7.23 -24.67
N VAL F 203 56.16 6.43 -24.75
CA VAL F 203 56.28 5.26 -23.89
C VAL F 203 56.35 5.68 -22.43
N VAL F 204 57.13 6.71 -22.12
CA VAL F 204 57.26 7.15 -20.73
C VAL F 204 55.92 7.62 -20.19
N PHE F 205 55.19 8.41 -20.97
CA PHE F 205 53.89 8.90 -20.53
C PHE F 205 52.92 7.75 -20.30
N ARG F 206 52.92 6.76 -21.20
CA ARG F 206 52.04 5.61 -21.02
C ARG F 206 52.36 4.88 -19.72
N ASN F 207 53.65 4.68 -19.44
CA ASN F 207 54.03 4.02 -18.20
C ASN F 207 53.51 4.80 -16.99
N ALA F 208 53.74 6.11 -16.98
CA ALA F 208 53.32 6.92 -15.84
C ALA F 208 51.82 6.85 -15.65
N LEU F 209 51.05 6.98 -16.74
CA LEU F 209 49.59 6.95 -16.62
C LEU F 209 49.11 5.61 -16.09
N GLU F 210 49.65 4.51 -16.61
CA GLU F 210 49.21 3.20 -16.15
C GLU F 210 49.48 3.02 -14.66
N ILE F 211 50.69 3.37 -14.22
CA ILE F 211 51.02 3.20 -12.80
C ILE F 211 50.12 4.06 -11.94
N GLY F 212 49.90 5.32 -12.34
CA GLY F 212 49.06 6.20 -11.55
C GLY F 212 47.64 5.67 -11.44
N PHE F 213 47.08 5.18 -12.53
CA PHE F 213 45.70 4.68 -12.48
C PHE F 213 45.61 3.43 -11.60
N LEU F 214 46.60 2.55 -11.67
CA LEU F 214 46.57 1.36 -10.81
C LEU F 214 46.60 1.76 -9.34
N VAL F 215 47.51 2.67 -8.97
CA VAL F 215 47.61 3.09 -7.57
C VAL F 215 46.31 3.77 -7.14
N GLY F 216 45.75 4.62 -7.99
CA GLY F 216 44.50 5.27 -7.66
C GLY F 216 43.37 4.30 -7.43
N GLN F 217 43.28 3.26 -8.28
CA GLN F 217 42.25 2.26 -8.09
C GLN F 217 42.39 1.58 -6.74
N TYR F 218 43.62 1.21 -6.38
CA TYR F 218 43.82 0.56 -5.09
C TYR F 218 43.39 1.47 -3.95
N PHE F 219 43.79 2.74 -4.00
CA PHE F 219 43.48 3.65 -2.90
C PHE F 219 42.01 4.05 -2.86
N LEU F 220 41.30 3.93 -3.97
CA LEU F 220 39.89 4.31 -4.01
C LEU F 220 38.97 3.17 -3.59
N TYR F 221 39.19 1.95 -4.09
CA TYR F 221 38.23 0.87 -3.94
C TYR F 221 38.71 -0.29 -3.09
N GLY F 222 40.01 -0.46 -2.89
CA GLY F 222 40.49 -1.61 -2.14
C GLY F 222 40.45 -2.87 -3.00
N PHE F 223 40.15 -4.00 -2.35
CA PHE F 223 40.14 -5.30 -3.01
C PHE F 223 38.83 -6.05 -2.89
N SER F 224 37.82 -5.50 -2.22
CA SER F 224 36.55 -6.20 -2.06
C SER F 224 35.44 -5.20 -1.88
N VAL F 225 34.21 -5.65 -2.16
CA VAL F 225 32.99 -4.87 -1.97
C VAL F 225 32.19 -5.54 -0.87
N PRO F 226 32.12 -4.96 0.34
CA PRO F 226 31.37 -5.61 1.42
C PRO F 226 29.87 -5.61 1.16
N GLY F 227 29.20 -6.60 1.74
CA GLY F 227 27.76 -6.73 1.56
C GLY F 227 26.93 -5.83 2.45
N LEU F 228 27.52 -5.29 3.52
CA LEU F 228 26.84 -4.39 4.44
C LEU F 228 27.57 -3.06 4.50
N TYR F 229 26.81 -2.01 4.79
CA TYR F 229 27.38 -0.68 4.94
C TYR F 229 26.74 -0.01 6.15
N GLU F 230 27.55 0.66 6.96
CA GLU F 230 27.06 1.44 8.10
C GLU F 230 27.13 2.91 7.74
N CYS F 231 25.98 3.58 7.78
CA CYS F 231 25.84 4.94 7.27
C CYS F 231 25.32 5.85 8.37
N ASN F 232 25.97 7.00 8.55
CA ASN F 232 25.59 7.96 9.58
C ASN F 232 25.58 9.37 9.00
N ARG F 233 24.97 9.54 7.83
CA ARG F 233 24.92 10.82 7.15
C ARG F 233 23.52 11.39 7.21
N TYR F 234 23.43 12.71 7.37
CA TYR F 234 22.13 13.36 7.40
C TYR F 234 21.38 13.09 6.10
N PRO F 235 20.06 12.87 6.13
CA PRO F 235 19.13 12.97 7.26
C PRO F 235 18.96 11.70 8.08
N CYS F 236 19.78 10.67 7.86
CA CYS F 236 19.62 9.44 8.63
C CYS F 236 19.87 9.70 10.11
N ILE F 237 19.09 9.03 10.95
CA ILE F 237 19.14 9.24 12.40
C ILE F 237 20.18 8.28 12.98
N LYS F 238 21.22 8.83 13.59
CA LYS F 238 22.28 8.04 14.21
C LYS F 238 22.87 7.14 13.13
N GLU F 239 23.00 5.83 13.37
CA GLU F 239 23.57 4.90 12.41
C GLU F 239 22.49 4.01 11.82
N VAL F 240 22.59 3.75 10.53
CA VAL F 240 21.68 2.84 9.84
C VAL F 240 22.51 1.83 9.07
N GLU F 241 21.89 0.70 8.75
CA GLU F 241 22.53 -0.40 8.04
C GLU F 241 21.91 -0.50 6.64
N CYS F 242 22.77 -0.58 5.63
CA CYS F 242 22.33 -0.65 4.25
C CYS F 242 22.97 -1.85 3.59
N TYR F 243 22.30 -2.35 2.55
CA TYR F 243 22.64 -3.63 1.92
C TYR F 243 22.92 -3.43 0.45
N VAL F 244 24.03 -4.00 -0.01
CA VAL F 244 24.54 -3.76 -1.36
C VAL F 244 24.02 -4.85 -2.30
N SER F 245 24.07 -4.56 -3.60
CA SER F 245 23.57 -5.44 -4.64
C SER F 245 24.75 -6.09 -5.37
N ARG F 246 24.72 -7.41 -5.49
CA ARG F 246 25.74 -8.19 -6.18
C ARG F 246 27.16 -7.85 -5.69
N PRO F 247 27.43 -7.97 -4.39
CA PRO F 247 28.80 -7.73 -3.92
C PRO F 247 29.83 -8.67 -4.50
N THR F 248 29.48 -9.94 -4.70
CA THR F 248 30.47 -10.93 -5.13
C THR F 248 30.91 -10.71 -6.57
N GLU F 249 29.96 -10.45 -7.46
CA GLU F 249 30.32 -10.20 -8.85
C GLU F 249 31.18 -8.95 -8.97
N LYS F 250 30.86 -7.92 -8.19
CA LYS F 250 31.66 -6.71 -8.23
C LYS F 250 33.06 -6.94 -7.68
N THR F 251 33.18 -7.77 -6.64
CA THR F 251 34.51 -8.13 -6.15
C THR F 251 35.33 -8.84 -7.21
N VAL F 252 34.70 -9.80 -7.90
CA VAL F 252 35.41 -10.55 -8.95
C VAL F 252 35.87 -9.60 -10.05
N PHE F 253 34.98 -8.70 -10.48
CA PHE F 253 35.32 -7.74 -11.51
C PHE F 253 36.48 -6.86 -11.08
N LEU F 254 36.46 -6.40 -9.83
CA LEU F 254 37.53 -5.55 -9.31
C LEU F 254 38.87 -6.27 -9.36
N VAL F 255 38.90 -7.51 -8.87
CA VAL F 255 40.16 -8.26 -8.86
C VAL F 255 40.66 -8.51 -10.27
N PHE F 256 39.75 -8.87 -11.18
CA PHE F 256 40.16 -9.15 -12.55
C PHE F 256 40.76 -7.92 -13.21
N MET F 257 40.12 -6.76 -13.04
CA MET F 257 40.66 -5.53 -13.61
C MET F 257 42.02 -5.19 -13.02
N PHE F 258 42.18 -5.39 -11.71
CA PHE F 258 43.48 -5.14 -11.10
C PHE F 258 44.56 -6.03 -11.71
N ALA F 259 44.26 -7.31 -11.90
CA ALA F 259 45.25 -8.22 -12.47
C ALA F 259 45.62 -7.81 -13.89
N VAL F 260 44.62 -7.47 -14.71
CA VAL F 260 44.92 -7.09 -16.09
C VAL F 260 45.78 -5.82 -16.12
N SER F 261 45.43 -4.84 -15.28
CA SER F 261 46.23 -3.61 -15.25
C SER F 261 47.66 -3.89 -14.80
N GLY F 262 47.82 -4.79 -13.83
CA GLY F 262 49.17 -5.14 -13.41
C GLY F 262 49.99 -5.78 -14.53
N ILE F 263 49.36 -6.66 -15.31
CA ILE F 263 50.05 -7.25 -16.43
C ILE F 263 50.48 -6.16 -17.42
N CYS F 264 49.58 -5.23 -17.71
CA CYS F 264 49.93 -4.13 -18.62
C CYS F 264 51.11 -3.33 -18.08
N VAL F 265 51.11 -3.05 -16.77
CA VAL F 265 52.20 -2.28 -16.18
C VAL F 265 53.52 -3.03 -16.34
N VAL F 266 53.51 -4.34 -16.09
CA VAL F 266 54.74 -5.10 -16.21
C VAL F 266 55.27 -5.07 -17.63
N LEU F 267 54.39 -5.27 -18.62
CA LEU F 267 54.83 -5.25 -20.00
C LEU F 267 55.39 -3.88 -20.38
N ASN F 268 54.73 -2.81 -19.94
CA ASN F 268 55.23 -1.47 -20.25
C ASN F 268 56.60 -1.23 -19.63
N LEU F 269 56.80 -1.69 -18.39
CA LEU F 269 58.10 -1.54 -17.76
C LEU F 269 59.17 -2.31 -18.53
N ALA F 270 58.83 -3.51 -18.99
CA ALA F 270 59.80 -4.28 -19.78
C ALA F 270 60.18 -3.53 -21.05
N GLU F 271 59.19 -2.95 -21.73
CA GLU F 271 59.47 -2.19 -22.95
C GLU F 271 60.39 -1.02 -22.62
N LEU F 272 60.04 -0.24 -21.60
CA LEU F 272 60.84 0.92 -21.24
C LEU F 272 62.27 0.53 -20.90
N ASN F 273 62.45 -0.57 -20.17
CA ASN F 273 63.79 -1.05 -19.87
C ASN F 273 64.53 -1.41 -21.15
N HIS F 274 63.84 -2.05 -22.09
CA HIS F 274 64.49 -2.41 -23.35
C HIS F 274 64.99 -1.17 -24.09
N LEU F 275 64.18 -0.12 -24.15
CA LEU F 275 64.61 1.07 -24.88
C LEU F 275 65.92 1.60 -24.34
N GLY F 276 66.02 1.76 -23.03
CA GLY F 276 67.31 2.02 -22.41
C GLY F 276 67.35 3.37 -21.72
N TRP F 277 67.92 3.38 -20.51
CA TRP F 277 67.95 4.60 -19.71
C TRP F 277 68.80 5.67 -20.38
N ARG F 278 69.94 5.26 -20.97
CA ARG F 278 70.72 6.19 -21.79
C ARG F 278 69.84 6.84 -22.86
N LYS F 279 69.08 6.03 -23.60
CA LYS F 279 68.23 6.58 -24.65
C LYS F 279 67.15 7.49 -24.07
N ILE F 280 66.55 7.09 -22.94
CA ILE F 280 65.50 7.91 -22.34
C ILE F 280 66.03 9.28 -21.94
N LYS F 281 67.28 9.34 -21.46
CA LYS F 281 67.82 10.63 -21.06
C LYS F 281 67.83 11.60 -22.24
N LEU F 282 68.36 11.17 -23.38
CA LEU F 282 68.49 12.05 -24.53
C LEU F 282 67.18 12.16 -25.28
N SER G 19 -34.63 37.58 47.54
CA SER G 19 -34.80 36.57 46.51
C SER G 19 -33.68 35.54 46.57
N THR G 20 -33.36 35.09 47.79
CA THR G 20 -32.29 34.12 47.99
C THR G 20 -32.71 32.70 47.63
N MET G 21 -34.02 32.43 47.53
CA MET G 21 -34.45 31.07 47.28
C MET G 21 -34.38 30.75 45.79
N ILE G 22 -34.90 31.63 44.94
CA ILE G 22 -34.84 31.39 43.50
C ILE G 22 -33.39 31.29 43.05
N GLY G 23 -32.50 32.05 43.70
CA GLY G 23 -31.09 31.93 43.38
C GLY G 23 -30.56 30.52 43.60
N ARG G 24 -30.87 29.94 44.76
CA ARG G 24 -30.43 28.57 45.05
C ARG G 24 -31.06 27.59 44.08
N ILE G 25 -32.35 27.77 43.78
CA ILE G 25 -33.03 26.87 42.85
C ILE G 25 -32.33 26.88 41.49
N LEU G 26 -32.10 28.08 40.96
CA LEU G 26 -31.45 28.19 39.65
C LEU G 26 -30.04 27.63 39.70
N LEU G 27 -29.32 27.86 40.80
CA LEU G 27 -27.95 27.35 40.89
C LEU G 27 -27.94 25.84 40.84
N THR G 28 -28.83 25.19 41.60
CA THR G 28 -28.90 23.73 41.57
C THR G 28 -29.24 23.23 40.18
N VAL G 29 -30.23 23.86 39.54
CA VAL G 29 -30.65 23.40 38.21
C VAL G 29 -29.50 23.53 37.23
N VAL G 30 -28.78 24.64 37.27
CA VAL G 30 -27.68 24.86 36.33
C VAL G 30 -26.57 23.86 36.57
N VAL G 31 -26.25 23.58 37.83
CA VAL G 31 -25.19 22.61 38.12
C VAL G 31 -25.56 21.25 37.55
N ILE G 32 -26.79 20.81 37.80
CA ILE G 32 -27.21 19.51 37.29
C ILE G 32 -27.18 19.49 35.77
N PHE G 33 -27.63 20.58 35.15
CA PHE G 33 -27.65 20.66 33.69
C PHE G 33 -26.24 20.49 33.13
N ARG G 34 -25.28 21.22 33.70
CA ARG G 34 -23.91 21.14 33.21
C ARG G 34 -23.36 19.74 33.37
N ILE G 35 -23.58 19.12 34.53
CA ILE G 35 -23.06 17.78 34.75
C ILE G 35 -23.64 16.81 33.73
N LEU G 36 -24.94 16.88 33.50
CA LEU G 36 -25.58 15.95 32.57
C LEU G 36 -25.03 16.14 31.16
N ILE G 37 -24.95 17.39 30.70
CA ILE G 37 -24.49 17.64 29.33
C ILE G 37 -23.08 17.08 29.15
N VAL G 38 -22.18 17.43 30.06
CA VAL G 38 -20.81 16.93 29.94
C VAL G 38 -20.82 15.41 29.91
N ALA G 39 -21.38 14.79 30.96
CA ALA G 39 -21.30 13.34 31.09
C ALA G 39 -21.89 12.62 29.88
N ILE G 40 -22.88 13.22 29.22
CA ILE G 40 -23.55 12.50 28.15
C ILE G 40 -22.88 12.70 26.79
N VAL G 41 -22.42 13.92 26.45
CA VAL G 41 -21.95 14.17 25.10
C VAL G 41 -20.43 14.38 25.02
N GLY G 42 -19.78 14.87 26.08
CA GLY G 42 -18.41 15.29 25.94
C GLY G 42 -17.49 14.17 25.49
N GLU G 43 -17.60 13.01 26.12
CA GLU G 43 -16.68 11.92 25.81
C GLU G 43 -16.83 11.47 24.36
N THR G 44 -18.05 11.55 23.82
CA THR G 44 -18.26 11.15 22.43
C THR G 44 -17.75 12.20 21.46
N VAL G 45 -17.84 13.49 21.79
CA VAL G 45 -17.38 14.51 20.85
C VAL G 45 -15.88 14.37 20.61
N TYR G 46 -15.11 14.10 21.67
CA TYR G 46 -13.65 14.12 21.61
C TYR G 46 -13.05 12.72 21.47
N ASP G 47 -13.80 11.78 20.88
CA ASP G 47 -13.32 10.41 20.81
C ASP G 47 -12.15 10.26 19.84
N ASP G 48 -12.29 10.81 18.63
CA ASP G 48 -11.29 10.64 17.57
C ASP G 48 -10.45 11.90 17.39
N GLU G 49 -10.14 12.59 18.48
CA GLU G 49 -9.38 13.82 18.38
C GLU G 49 -8.01 13.58 17.77
N GLN G 50 -7.33 12.52 18.17
CA GLN G 50 -5.98 12.24 17.68
C GLN G 50 -5.97 11.33 16.47
N THR G 51 -6.99 10.48 16.31
CA THR G 51 -7.02 9.57 15.18
C THR G 51 -7.26 10.32 13.86
N MET G 52 -8.04 11.39 13.90
CA MET G 52 -8.37 12.15 12.70
C MET G 52 -7.53 13.41 12.55
N PHE G 53 -6.51 13.59 13.39
CA PHE G 53 -5.57 14.68 13.25
C PHE G 53 -4.48 14.26 12.28
N VAL G 54 -4.27 15.06 11.23
CA VAL G 54 -3.37 14.71 10.16
C VAL G 54 -2.51 15.91 9.80
N CYS G 55 -1.24 15.66 9.52
CA CYS G 55 -0.30 16.69 9.08
C CYS G 55 0.22 16.34 7.69
N ASN G 56 0.58 17.38 6.94
CA ASN G 56 1.04 17.21 5.56
C ASN G 56 2.54 17.01 5.58
N THR G 57 2.97 15.77 5.76
CA THR G 57 4.40 15.45 5.86
C THR G 57 4.58 13.95 5.70
N LEU G 58 5.84 13.55 5.54
CA LEU G 58 6.21 12.15 5.50
C LEU G 58 7.09 11.74 6.68
N GLN G 59 7.40 12.66 7.58
CA GLN G 59 8.31 12.38 8.68
C GLN G 59 7.61 11.56 9.75
N PRO G 60 8.12 10.39 10.11
CA PRO G 60 7.52 9.66 11.24
C PRO G 60 7.63 10.44 12.54
N GLY G 61 6.56 10.42 13.32
CA GLY G 61 6.54 11.06 14.61
C GLY G 61 6.16 12.53 14.60
N CYS G 62 5.95 13.13 13.43
CA CYS G 62 5.55 14.53 13.37
C CYS G 62 4.11 14.70 13.84
N ASN G 63 3.25 13.74 13.53
CA ASN G 63 1.86 13.82 13.96
C ASN G 63 1.76 13.87 15.48
N GLN G 64 2.48 12.99 16.17
CA GLN G 64 2.42 12.97 17.63
C GLN G 64 2.87 14.30 18.23
N ALA G 65 4.03 14.79 17.77
CA ALA G 65 4.55 16.04 18.33
C ALA G 65 3.61 17.20 18.06
N CYS G 66 3.10 17.30 16.84
CA CYS G 66 2.26 18.45 16.50
C CYS G 66 0.93 18.39 17.24
N TYR G 67 0.33 17.20 17.37
CA TYR G 67 -0.89 17.09 18.15
C TYR G 67 -0.66 17.45 19.60
N ASP G 68 0.44 16.97 20.19
CA ASP G 68 0.70 17.27 21.58
C ASP G 68 0.93 18.77 21.78
N ARG G 69 1.54 19.44 20.81
CA ARG G 69 1.73 20.89 20.94
C ARG G 69 0.41 21.63 20.77
N ALA G 70 -0.45 21.17 19.86
CA ALA G 70 -1.68 21.89 19.60
C ALA G 70 -2.66 21.79 20.75
N PHE G 71 -2.79 20.61 21.35
CA PHE G 71 -3.77 20.34 22.40
C PHE G 71 -3.06 19.72 23.59
N PRO G 72 -2.39 20.53 24.41
CA PRO G 72 -1.69 19.95 25.57
C PRO G 72 -2.61 19.21 26.51
N ILE G 73 -3.81 19.72 26.75
CA ILE G 73 -4.81 19.06 27.58
C ILE G 73 -6.14 19.14 26.86
N SER G 74 -6.85 18.01 26.77
CA SER G 74 -8.14 18.00 26.12
C SER G 74 -9.15 18.81 26.93
N HIS G 75 -10.14 19.37 26.24
CA HIS G 75 -11.15 20.16 26.92
C HIS G 75 -11.93 19.32 27.91
N ILE G 76 -12.27 18.10 27.53
CA ILE G 76 -13.18 17.29 28.34
C ILE G 76 -12.56 16.99 29.70
N ARG G 77 -11.27 16.67 29.74
CA ARG G 77 -10.60 16.41 31.01
C ARG G 77 -10.59 17.64 31.90
N TYR G 78 -10.32 18.80 31.31
CA TYR G 78 -10.33 20.04 32.08
C TYR G 78 -11.71 20.27 32.69
N TRP G 79 -12.78 20.04 31.91
CA TRP G 79 -14.12 20.27 32.43
C TRP G 79 -14.48 19.26 33.52
N VAL G 80 -14.06 18.02 33.38
CA VAL G 80 -14.33 17.03 34.41
C VAL G 80 -13.65 17.43 35.71
N PHE G 81 -12.37 17.81 35.62
CA PHE G 81 -11.66 18.25 36.80
C PHE G 81 -12.35 19.45 37.43
N GLN G 82 -12.79 20.41 36.62
CA GLN G 82 -13.47 21.59 37.14
C GLN G 82 -14.74 21.20 37.88
N ILE G 83 -15.53 20.27 37.32
CA ILE G 83 -16.79 19.89 37.94
C ILE G 83 -16.53 19.26 39.31
N ILE G 84 -15.58 18.32 39.37
CA ILE G 84 -15.32 17.65 40.64
C ILE G 84 -14.82 18.67 41.67
N MET G 85 -13.89 19.54 41.27
CA MET G 85 -13.33 20.49 42.22
C MET G 85 -14.41 21.45 42.72
N VAL G 86 -15.31 21.88 41.84
CA VAL G 86 -16.36 22.80 42.27
C VAL G 86 -17.32 22.11 43.22
N CYS G 87 -17.58 20.82 43.01
CA CYS G 87 -18.47 20.10 43.91
C CYS G 87 -17.82 19.73 45.24
N THR G 88 -16.50 19.77 45.33
CA THR G 88 -15.81 19.34 46.55
C THR G 88 -16.29 20.04 47.83
N PRO G 89 -16.40 21.37 47.88
CA PRO G 89 -16.76 22.02 49.16
C PRO G 89 -18.09 21.55 49.73
N SER G 90 -19.08 21.29 48.87
CA SER G 90 -20.34 20.76 49.35
C SER G 90 -20.15 19.39 49.99
N LEU G 91 -19.27 18.57 49.40
CA LEU G 91 -18.94 17.29 50.00
C LEU G 91 -18.31 17.48 51.37
N CYS G 92 -17.39 18.43 51.48
CA CYS G 92 -16.79 18.72 52.79
C CYS G 92 -17.86 19.07 53.81
N PHE G 93 -18.79 19.95 53.43
CA PHE G 93 -19.83 20.37 54.37
C PHE G 93 -20.72 19.20 54.77
N ILE G 94 -21.11 18.38 53.80
CA ILE G 94 -21.99 17.24 54.10
C ILE G 94 -21.30 16.26 55.04
N THR G 95 -20.03 15.96 54.76
CA THR G 95 -19.31 15.02 55.60
C THR G 95 -19.12 15.59 57.01
N TYR G 96 -18.87 16.89 57.12
CA TYR G 96 -18.76 17.50 58.44
C TYR G 96 -20.08 17.40 59.19
N SER G 97 -21.20 17.64 58.49
CA SER G 97 -22.50 17.52 59.14
C SER G 97 -22.73 16.09 59.63
N VAL G 98 -22.37 15.10 58.81
CA VAL G 98 -22.54 13.71 59.22
C VAL G 98 -21.69 13.43 60.45
N HIS G 99 -20.45 13.90 60.45
CA HIS G 99 -19.56 13.67 61.59
C HIS G 99 -20.11 14.32 62.86
N GLN G 100 -20.72 15.50 62.72
CA GLN G 100 -21.19 16.23 63.90
C GLN G 100 -22.23 15.42 64.67
N SER G 101 -23.14 14.77 63.96
CA SER G 101 -24.19 13.99 64.58
C SER G 101 -23.77 12.52 64.61
N ALA G 102 -23.75 11.95 65.81
CA ALA G 102 -23.33 10.55 65.98
C ALA G 102 -21.91 10.35 65.48
N GLY G 194 -22.24 26.77 65.18
CA GLY G 194 -21.56 25.57 64.74
C GLY G 194 -21.58 25.40 63.24
N ILE G 195 -22.66 24.78 62.73
CA ILE G 195 -22.81 24.58 61.29
C ILE G 195 -23.19 25.85 60.55
N SER G 196 -23.57 26.91 61.26
CA SER G 196 -23.92 28.17 60.63
C SER G 196 -22.70 28.99 60.22
N ARG G 197 -21.51 28.64 60.69
CA ARG G 197 -20.28 29.32 60.30
C ARG G 197 -19.58 28.64 59.14
N PHE G 198 -19.51 27.31 59.16
CA PHE G 198 -18.88 26.58 58.05
C PHE G 198 -19.53 26.94 56.72
N TYR G 199 -20.81 27.28 56.73
CA TYR G 199 -21.53 27.55 55.49
C TYR G 199 -20.94 28.76 54.77
N ILE G 200 -20.58 29.80 55.52
CA ILE G 200 -20.04 31.00 54.89
C ILE G 200 -18.71 30.71 54.22
N ILE G 201 -17.82 29.98 54.90
CA ILE G 201 -16.53 29.66 54.31
C ILE G 201 -16.72 28.76 53.09
N GLN G 202 -17.68 27.84 53.16
CA GLN G 202 -17.97 27.00 52.01
C GLN G 202 -18.38 27.85 50.81
N VAL G 203 -19.25 28.84 51.04
CA VAL G 203 -19.69 29.70 49.95
C VAL G 203 -18.52 30.48 49.36
N VAL G 204 -17.67 31.02 50.24
CA VAL G 204 -16.53 31.81 49.75
C VAL G 204 -15.60 30.94 48.90
N PHE G 205 -15.31 29.73 49.38
CA PHE G 205 -14.44 28.85 48.64
C PHE G 205 -15.04 28.47 47.29
N ARG G 206 -16.34 28.21 47.25
CA ARG G 206 -16.99 27.89 45.98
C ARG G 206 -16.86 29.05 45.01
N ASN G 207 -17.09 30.28 45.49
CA ASN G 207 -16.95 31.44 44.62
C ASN G 207 -15.54 31.53 44.05
N ALA G 208 -14.53 31.40 44.92
CA ALA G 208 -13.16 31.52 44.46
C ALA G 208 -12.83 30.45 43.42
N LEU G 209 -13.23 29.20 43.68
CA LEU G 209 -12.92 28.13 42.75
C LEU G 209 -13.58 28.37 41.39
N GLU G 210 -14.85 28.77 41.39
CA GLU G 210 -15.55 29.00 40.13
C GLU G 210 -14.86 30.10 39.33
N ILE G 211 -14.53 31.22 39.97
CA ILE G 211 -13.90 32.32 39.25
C ILE G 211 -12.55 31.88 38.69
N GLY G 212 -11.76 31.19 39.51
CA GLY G 212 -10.46 30.75 39.06
C GLY G 212 -10.54 29.82 37.86
N PHE G 213 -11.47 28.87 37.89
CA PHE G 213 -11.61 27.94 36.77
C PHE G 213 -12.05 28.65 35.51
N LEU G 214 -12.96 29.62 35.62
CA LEU G 214 -13.40 30.36 34.44
C LEU G 214 -12.22 31.12 33.82
N VAL G 215 -11.45 31.82 34.65
CA VAL G 215 -10.31 32.59 34.13
C VAL G 215 -9.29 31.65 33.50
N GLY G 216 -9.03 30.51 34.16
CA GLY G 216 -8.08 29.57 33.59
C GLY G 216 -8.53 29.03 32.25
N GLN G 217 -9.83 28.73 32.11
CA GLN G 217 -10.32 28.26 30.83
C GLN G 217 -10.10 29.30 29.74
N TYR G 218 -10.40 30.57 30.05
CA TYR G 218 -10.20 31.60 29.04
C TYR G 218 -8.72 31.68 28.64
N PHE G 219 -7.83 31.66 29.62
CA PHE G 219 -6.41 31.83 29.31
C PHE G 219 -5.81 30.60 28.64
N LEU G 220 -6.44 29.44 28.81
CA LEU G 220 -5.91 28.20 28.22
C LEU G 220 -6.39 27.99 26.78
N TYR G 221 -7.69 28.19 26.54
CA TYR G 221 -8.27 27.77 25.27
C TYR G 221 -8.79 28.91 24.40
N GLY G 222 -9.03 30.10 24.95
CA GLY G 222 -9.58 31.16 24.14
C GLY G 222 -11.08 30.97 23.90
N PHE G 223 -11.53 31.36 22.72
CA PHE G 223 -12.94 31.32 22.37
C PHE G 223 -13.25 30.53 21.10
N SER G 224 -12.24 29.97 20.43
CA SER G 224 -12.50 29.23 19.20
C SER G 224 -11.39 28.20 18.99
N VAL G 225 -11.70 27.20 18.18
CA VAL G 225 -10.77 26.15 17.80
C VAL G 225 -10.49 26.32 16.30
N PRO G 226 -9.32 26.79 15.90
CA PRO G 226 -9.06 26.98 14.46
C PRO G 226 -8.96 25.65 13.73
N GLY G 227 -9.29 25.68 12.43
CA GLY G 227 -9.24 24.48 11.63
C GLY G 227 -7.87 24.10 11.12
N LEU G 228 -6.92 25.03 11.18
CA LEU G 228 -5.55 24.79 10.74
C LEU G 228 -4.59 25.07 11.89
N TYR G 229 -3.45 24.37 11.87
CA TYR G 229 -2.41 24.58 12.85
C TYR G 229 -1.06 24.59 12.15
N GLU G 230 -0.18 25.49 12.56
CA GLU G 230 1.18 25.56 12.04
C GLU G 230 2.14 25.07 13.11
N CYS G 231 2.89 24.01 12.80
CA CYS G 231 3.67 23.28 13.79
C CYS G 231 5.13 23.25 13.36
N ASN G 232 6.03 23.58 14.27
CA ASN G 232 7.47 23.58 13.98
C ASN G 232 8.24 22.90 15.12
N ARG G 233 7.76 21.75 15.55
CA ARG G 233 8.39 20.98 16.61
C ARG G 233 9.18 19.82 16.02
N TYR G 234 10.32 19.52 16.63
CA TYR G 234 11.09 18.36 16.22
C TYR G 234 10.24 17.10 16.38
N PRO G 235 10.31 16.13 15.44
CA PRO G 235 11.20 16.01 14.29
C PRO G 235 10.71 16.66 13.01
N CYS G 236 9.61 17.41 13.04
CA CYS G 236 9.11 18.03 11.82
C CYS G 236 10.15 18.99 11.25
N ILE G 237 10.30 18.95 9.93
CA ILE G 237 11.30 19.75 9.23
C ILE G 237 10.74 21.14 8.98
N LYS G 238 11.42 22.16 9.50
CA LYS G 238 10.99 23.55 9.35
C LYS G 238 9.57 23.66 9.90
N GLU G 239 8.59 24.13 9.13
CA GLU G 239 7.24 24.33 9.61
C GLU G 239 6.27 23.58 8.71
N VAL G 240 5.30 22.90 9.33
CA VAL G 240 4.33 22.08 8.61
C VAL G 240 2.92 22.54 9.00
N GLU G 241 1.96 22.09 8.22
CA GLU G 241 0.55 22.44 8.39
C GLU G 241 -0.24 21.20 8.76
N CYS G 242 -1.09 21.32 9.78
CA CYS G 242 -1.89 20.21 10.29
C CYS G 242 -3.34 20.64 10.37
N TYR G 243 -4.23 19.64 10.29
CA TYR G 243 -5.66 19.88 10.14
C TYR G 243 -6.42 19.22 11.28
N VAL G 244 -7.36 19.95 11.85
CA VAL G 244 -8.05 19.54 13.08
C VAL G 244 -9.37 18.87 12.72
N SER G 245 -9.91 18.11 13.66
CA SER G 245 -11.14 17.36 13.49
C SER G 245 -12.29 18.03 14.23
N ARG G 246 -13.39 18.25 13.54
CA ARG G 246 -14.59 18.87 14.10
C ARG G 246 -14.29 20.18 14.84
N PRO G 247 -13.66 21.16 14.19
CA PRO G 247 -13.43 22.44 14.86
C PRO G 247 -14.71 23.17 15.26
N THR G 248 -15.77 23.08 14.46
CA THR G 248 -16.96 23.87 14.74
C THR G 248 -17.72 23.34 15.95
N GLU G 249 -17.88 22.03 16.06
CA GLU G 249 -18.55 21.47 17.23
C GLU G 249 -17.79 21.79 18.50
N LYS G 250 -16.47 21.71 18.44
CA LYS G 250 -15.66 22.03 19.61
C LYS G 250 -15.78 23.50 19.98
N THR G 251 -15.84 24.39 18.99
CA THR G 251 -16.06 25.80 19.29
C THR G 251 -17.41 26.02 19.97
N VAL G 252 -18.46 25.37 19.47
CA VAL G 252 -19.78 25.51 20.08
C VAL G 252 -19.76 25.02 21.51
N PHE G 253 -19.14 23.86 21.74
CA PHE G 253 -19.04 23.32 23.10
C PHE G 253 -18.30 24.27 24.02
N LEU G 254 -17.19 24.85 23.53
CA LEU G 254 -16.41 25.77 24.35
C LEU G 254 -17.24 26.97 24.76
N VAL G 255 -17.95 27.58 23.79
CA VAL G 255 -18.73 28.77 24.10
C VAL G 255 -19.86 28.43 25.08
N PHE G 256 -20.52 27.28 24.87
CA PHE G 256 -21.62 26.90 25.75
C PHE G 256 -21.13 26.70 27.18
N MET G 257 -20.00 26.02 27.35
CA MET G 257 -19.46 25.82 28.69
C MET G 257 -19.09 27.14 29.34
N PHE G 258 -18.49 28.04 28.56
CA PHE G 258 -18.17 29.36 29.12
C PHE G 258 -19.41 30.08 29.61
N ALA G 259 -20.49 30.05 28.82
CA ALA G 259 -21.71 30.73 29.23
C ALA G 259 -22.29 30.13 30.50
N VAL G 260 -22.33 28.80 30.58
CA VAL G 260 -22.88 28.17 31.77
C VAL G 260 -22.06 28.52 33.00
N SER G 261 -20.72 28.48 32.88
CA SER G 261 -19.88 28.83 34.00
C SER G 261 -20.08 30.27 34.42
N GLY G 262 -20.26 31.18 33.45
CA GLY G 262 -20.53 32.57 33.80
C GLY G 262 -21.83 32.73 34.58
N ILE G 263 -22.87 32.01 34.16
CA ILE G 263 -24.14 32.06 34.90
C ILE G 263 -23.93 31.58 36.33
N CYS G 264 -23.19 30.48 36.49
CA CYS G 264 -22.92 29.97 37.84
C CYS G 264 -22.18 31.00 38.67
N VAL G 265 -21.19 31.68 38.08
CA VAL G 265 -20.43 32.68 38.81
C VAL G 265 -21.34 33.82 39.26
N VAL G 266 -22.22 34.27 38.37
CA VAL G 266 -23.11 35.38 38.73
C VAL G 266 -24.02 34.97 39.89
N LEU G 267 -24.59 33.76 39.83
CA LEU G 267 -25.47 33.32 40.91
C LEU G 267 -24.71 33.21 42.23
N ASN G 268 -23.49 32.69 42.19
CA ASN G 268 -22.70 32.58 43.41
C ASN G 268 -22.40 33.95 43.99
N LEU G 269 -22.06 34.92 43.13
CA LEU G 269 -21.80 36.26 43.62
C LEU G 269 -23.05 36.86 44.25
N ALA G 270 -24.21 36.63 43.66
CA ALA G 270 -25.45 37.12 44.26
C ALA G 270 -25.66 36.52 45.63
N GLU G 271 -25.44 35.22 45.77
CA GLU G 271 -25.58 34.56 47.07
C GLU G 271 -24.64 35.20 48.08
N LEU G 272 -23.36 35.31 47.72
CA LEU G 272 -22.38 35.87 48.64
C LEU G 272 -22.74 37.28 49.05
N ASN G 273 -23.22 38.09 48.11
CA ASN G 273 -23.66 39.44 48.46
C ASN G 273 -24.83 39.41 49.43
N HIS G 274 -25.76 38.47 49.22
CA HIS G 274 -26.90 38.36 50.14
C HIS G 274 -26.43 38.04 51.55
N LEU G 275 -25.48 37.13 51.69
CA LEU G 275 -25.00 36.78 53.03
C LEU G 275 -24.44 38.00 53.74
N GLY G 276 -23.61 38.78 53.06
CA GLY G 276 -23.18 40.06 53.58
C GLY G 276 -21.71 40.07 53.95
N TRP G 277 -21.10 41.25 53.77
CA TRP G 277 -19.68 41.39 54.11
C TRP G 277 -19.46 41.38 55.62
N ARG G 278 -20.35 42.03 56.37
CA ARG G 278 -20.26 41.98 57.83
C ARG G 278 -20.20 40.54 58.31
N LYS G 279 -21.14 39.70 57.87
CA LYS G 279 -21.15 38.30 58.30
C LYS G 279 -19.90 37.57 57.82
N ILE G 280 -19.47 37.85 56.58
CA ILE G 280 -18.31 37.16 56.04
C ILE G 280 -17.07 37.43 56.88
N LYS G 281 -16.90 38.68 57.33
CA LYS G 281 -15.71 39.03 58.10
C LYS G 281 -15.65 38.22 59.40
N LEU G 282 -16.78 38.06 60.07
CA LEU G 282 -16.83 37.29 61.30
C LEU G 282 -17.01 35.80 61.01
N SER H 19 -7.33 19.38 66.66
CA SER H 19 -7.93 19.48 65.32
C SER H 19 -7.92 18.12 64.63
N THR H 20 -8.29 17.07 65.37
CA THR H 20 -8.33 15.73 64.82
C THR H 20 -9.51 15.49 63.91
N MET H 21 -10.52 16.36 63.94
CA MET H 21 -11.72 16.11 63.15
C MET H 21 -11.57 16.65 61.73
N ILE H 22 -11.15 17.91 61.59
CA ILE H 22 -10.96 18.47 60.27
C ILE H 22 -9.97 17.63 59.48
N GLY H 23 -8.98 17.04 60.17
CA GLY H 23 -8.06 16.14 59.49
C GLY H 23 -8.77 14.96 58.86
N ARG H 24 -9.65 14.32 59.61
CA ARG H 24 -10.39 13.18 59.08
C ARG H 24 -11.30 13.61 57.94
N ILE H 25 -11.94 14.76 58.07
CA ILE H 25 -12.83 15.25 57.01
C ILE H 25 -12.05 15.44 55.72
N LEU H 26 -10.92 16.15 55.82
CA LEU H 26 -10.10 16.40 54.64
C LEU H 26 -9.57 15.10 54.06
N LEU H 27 -9.17 14.16 54.91
CA LEU H 27 -8.63 12.90 54.41
C LEU H 27 -9.70 12.14 53.61
N THR H 28 -10.91 12.07 54.14
CA THR H 28 -11.98 11.38 53.42
C THR H 28 -12.26 12.07 52.09
N VAL H 29 -12.34 13.40 52.10
CA VAL H 29 -12.65 14.12 50.87
C VAL H 29 -11.55 13.90 49.83
N VAL H 30 -10.29 13.94 50.26
CA VAL H 30 -9.18 13.77 49.31
C VAL H 30 -9.20 12.35 48.73
N VAL H 31 -9.47 11.36 49.57
CA VAL H 31 -9.50 9.98 49.08
C VAL H 31 -10.59 9.83 48.02
N ILE H 32 -11.79 10.36 48.30
CA ILE H 32 -12.88 10.25 47.34
C ILE H 32 -12.52 10.99 46.05
N PHE H 33 -11.92 12.16 46.18
CA PHE H 33 -11.54 12.94 45.01
C PHE H 33 -10.58 12.16 44.11
N ARG H 34 -9.55 11.56 44.72
CA ARG H 34 -8.58 10.80 43.95
C ARG H 34 -9.25 9.63 43.25
N ILE H 35 -10.09 8.90 43.97
CA ILE H 35 -10.75 7.74 43.36
C ILE H 35 -11.59 8.18 42.16
N LEU H 36 -12.36 9.25 42.32
CA LEU H 36 -13.22 9.71 41.24
C LEU H 36 -12.40 10.13 40.03
N ILE H 37 -11.35 10.92 40.24
CA ILE H 37 -10.55 11.40 39.11
C ILE H 37 -9.97 10.22 38.35
N VAL H 38 -9.33 9.30 39.07
CA VAL H 38 -8.74 8.13 38.39
C VAL H 38 -9.82 7.40 37.61
N ALA H 39 -10.87 6.95 38.30
CA ALA H 39 -11.88 6.12 37.67
C ALA H 39 -12.51 6.79 36.46
N ILE H 40 -12.58 8.11 36.43
CA ILE H 40 -13.30 8.77 35.34
C ILE H 40 -12.40 9.07 34.15
N VAL H 41 -11.16 9.53 34.36
CA VAL H 41 -10.35 10.00 33.24
C VAL H 41 -9.18 9.08 32.91
N GLY H 42 -8.65 8.33 33.88
CA GLY H 42 -7.39 7.63 33.65
C GLY H 42 -7.47 6.65 32.49
N GLU H 43 -8.52 5.83 32.46
CA GLU H 43 -8.60 4.81 31.43
C GLU H 43 -8.68 5.42 30.04
N THR H 44 -9.34 6.58 29.92
CA THR H 44 -9.45 7.23 28.62
C THR H 44 -8.14 7.88 28.19
N VAL H 45 -7.36 8.42 29.15
CA VAL H 45 -6.11 9.06 28.76
C VAL H 45 -5.15 8.06 28.14
N TYR H 46 -5.05 6.86 28.71
CA TYR H 46 -4.06 5.87 28.32
C TYR H 46 -4.63 4.82 27.37
N ASP H 47 -5.66 5.17 26.60
CA ASP H 47 -6.30 4.17 25.74
C ASP H 47 -5.40 3.76 24.57
N ASP H 48 -4.83 4.74 23.88
CA ASP H 48 -4.05 4.50 22.67
C ASP H 48 -2.55 4.62 22.92
N GLU H 49 -2.10 4.19 24.09
CA GLU H 49 -0.69 4.33 24.43
C GLU H 49 0.20 3.56 23.47
N GLN H 50 -0.20 2.34 23.12
CA GLN H 50 0.63 1.50 22.25
C GLN H 50 0.26 1.63 20.78
N THR H 51 -0.98 2.02 20.47
CA THR H 51 -1.38 2.16 19.08
C THR H 51 -0.72 3.35 18.41
N MET H 52 -0.48 4.42 19.17
CA MET H 52 0.11 5.65 18.64
C MET H 52 1.60 5.75 18.93
N PHE H 53 2.21 4.70 19.47
CA PHE H 53 3.65 4.65 19.68
C PHE H 53 4.30 4.16 18.39
N VAL H 54 5.25 4.94 17.86
CA VAL H 54 5.86 4.66 16.58
C VAL H 54 7.37 4.82 16.68
N CYS H 55 8.10 3.93 16.01
CA CYS H 55 9.55 3.99 15.93
C CYS H 55 9.96 4.14 14.48
N ASN H 56 11.11 4.79 14.27
CA ASN H 56 11.63 5.07 12.93
C ASN H 56 12.49 3.89 12.49
N THR H 57 11.83 2.88 11.93
CA THR H 57 12.52 1.66 11.51
C THR H 57 11.61 0.87 10.59
N LEU H 58 12.21 -0.12 9.92
CA LEU H 58 11.47 -1.08 9.10
C LEU H 58 11.51 -2.49 9.68
N GLN H 59 12.15 -2.68 10.82
CA GLN H 59 12.31 -4.02 11.38
C GLN H 59 11.01 -4.47 12.03
N PRO H 60 10.43 -5.59 11.64
CA PRO H 60 9.26 -6.11 12.36
C PRO H 60 9.60 -6.43 13.80
N GLY H 61 8.68 -6.11 14.71
CA GLY H 61 8.85 -6.42 16.11
C GLY H 61 9.63 -5.40 16.91
N CYS H 62 10.18 -4.36 16.28
CA CYS H 62 10.92 -3.35 17.03
C CYS H 62 9.97 -2.48 17.85
N ASN H 63 8.78 -2.20 17.32
CA ASN H 63 7.81 -1.39 18.05
C ASN H 63 7.43 -2.05 19.36
N GLN H 64 7.14 -3.35 19.33
CA GLN H 64 6.74 -4.05 20.55
C GLN H 64 7.84 -4.00 21.59
N ALA H 65 9.08 -4.33 21.19
CA ALA H 65 10.18 -4.36 22.14
C ALA H 65 10.44 -2.99 22.72
N CYS H 66 10.46 -1.96 21.88
CA CYS H 66 10.77 -0.63 22.37
C CYS H 66 9.69 -0.09 23.27
N TYR H 67 8.41 -0.33 22.93
CA TYR H 67 7.34 0.10 23.82
C TYR H 67 7.42 -0.62 25.16
N ASP H 68 7.68 -1.93 25.15
CA ASP H 68 7.73 -2.66 26.40
C ASP H 68 8.91 -2.21 27.26
N ARG H 69 10.00 -1.78 26.62
CA ARG H 69 11.12 -1.26 27.40
C ARG H 69 10.83 0.12 27.95
N ALA H 70 10.14 0.96 27.18
CA ALA H 70 9.89 2.34 27.62
C ALA H 70 8.90 2.37 28.78
N PHE H 71 7.85 1.57 28.71
CA PHE H 71 6.75 1.60 29.69
C PHE H 71 6.51 0.18 30.20
N PRO H 72 7.34 -0.30 31.12
CA PRO H 72 7.13 -1.66 31.65
C PRO H 72 5.76 -1.85 32.27
N ILE H 73 5.28 -0.86 33.00
CA ILE H 73 3.96 -0.90 33.62
C ILE H 73 3.30 0.45 33.38
N SER H 74 2.06 0.43 32.93
CA SER H 74 1.33 1.67 32.68
C SER H 74 1.04 2.38 34.00
N HIS H 75 0.95 3.71 33.95
CA HIS H 75 0.68 4.48 35.15
C HIS H 75 -0.67 4.11 35.75
N ILE H 76 -1.69 3.93 34.89
CA ILE H 76 -3.04 3.78 35.38
C ILE H 76 -3.18 2.51 36.22
N ARG H 77 -2.54 1.42 35.79
CA ARG H 77 -2.61 0.18 36.55
C ARG H 77 -1.90 0.31 37.90
N TYR H 78 -0.76 0.99 37.91
CA TYR H 78 -0.07 1.23 39.17
C TYR H 78 -0.96 2.01 40.13
N TRP H 79 -1.65 3.03 39.62
CA TRP H 79 -2.50 3.84 40.50
C TRP H 79 -3.70 3.05 40.99
N VAL H 80 -4.28 2.20 40.15
CA VAL H 80 -5.40 1.37 40.59
C VAL H 80 -4.96 0.44 41.71
N PHE H 81 -3.82 -0.22 41.51
CA PHE H 81 -3.30 -1.10 42.56
C PHE H 81 -3.06 -0.33 43.85
N GLN H 82 -2.48 0.87 43.74
CA GLN H 82 -2.22 1.68 44.93
C GLN H 82 -3.51 2.01 45.66
N ILE H 83 -4.56 2.39 44.91
CA ILE H 83 -5.80 2.77 45.55
C ILE H 83 -6.40 1.59 46.31
N ILE H 84 -6.45 0.42 45.67
CA ILE H 84 -7.04 -0.74 46.33
C ILE H 84 -6.23 -1.11 47.57
N MET H 85 -4.90 -1.14 47.45
CA MET H 85 -4.07 -1.53 48.58
C MET H 85 -4.22 -0.56 49.73
N VAL H 86 -4.29 0.74 49.44
CA VAL H 86 -4.44 1.72 50.51
C VAL H 86 -5.79 1.59 51.18
N CYS H 87 -6.83 1.24 50.43
CA CYS H 87 -8.15 1.08 51.04
C CYS H 87 -8.28 -0.23 51.83
N THR H 88 -7.42 -1.20 51.58
CA THR H 88 -7.55 -2.51 52.24
C THR H 88 -7.67 -2.46 53.76
N PRO H 89 -6.81 -1.74 54.49
CA PRO H 89 -6.89 -1.82 55.96
C PRO H 89 -8.23 -1.39 56.52
N SER H 90 -8.88 -0.40 55.91
CA SER H 90 -10.22 -0.03 56.35
C SER H 90 -11.19 -1.18 56.15
N LEU H 91 -11.05 -1.92 55.05
CA LEU H 91 -11.87 -3.11 54.83
C LEU H 91 -11.61 -4.13 55.93
N CYS H 92 -10.35 -4.35 56.29
CA CYS H 92 -10.05 -5.27 57.38
C CYS H 92 -10.76 -4.85 58.66
N PHE H 93 -10.68 -3.57 58.99
CA PHE H 93 -11.29 -3.09 60.23
C PHE H 93 -12.80 -3.25 60.20
N ILE H 94 -13.44 -2.91 59.08
CA ILE H 94 -14.89 -3.01 58.99
C ILE H 94 -15.32 -4.47 59.10
N THR H 95 -14.62 -5.37 58.42
CA THR H 95 -14.99 -6.78 58.49
C THR H 95 -14.78 -7.32 59.90
N TYR H 96 -13.73 -6.89 60.58
CA TYR H 96 -13.53 -7.30 61.97
C TYR H 96 -14.68 -6.80 62.84
N SER H 97 -15.11 -5.55 62.65
CA SER H 97 -16.22 -5.04 63.42
C SER H 97 -17.48 -5.85 63.17
N VAL H 98 -17.75 -6.19 61.92
CA VAL H 98 -18.92 -7.01 61.60
C VAL H 98 -18.83 -8.37 62.29
N HIS H 99 -17.65 -8.99 62.24
CA HIS H 99 -17.48 -10.30 62.87
C HIS H 99 -17.68 -10.22 64.39
N GLN H 100 -17.22 -9.13 65.00
CA GLN H 100 -17.29 -9.02 66.45
C GLN H 100 -18.73 -9.08 66.94
N SER H 101 -19.63 -8.39 66.25
CA SER H 101 -21.04 -8.35 66.61
C SER H 101 -21.79 -9.43 65.83
N ALA H 102 -22.46 -10.32 66.55
CA ALA H 102 -23.21 -11.42 65.93
C ALA H 102 -22.28 -12.27 65.09
N GLY H 194 -10.88 -3.62 73.01
CA GLY H 194 -11.09 -4.51 71.89
C GLY H 194 -10.88 -3.83 70.55
N ILE H 195 -11.89 -3.10 70.10
CA ILE H 195 -11.80 -2.38 68.82
C ILE H 195 -10.99 -1.10 68.94
N SER H 196 -10.66 -0.66 70.15
CA SER H 196 -9.85 0.55 70.33
C SER H 196 -8.37 0.31 70.10
N ARG H 197 -7.94 -0.95 69.99
CA ARG H 197 -6.55 -1.28 69.70
C ARG H 197 -6.31 -1.54 68.22
N PHE H 198 -7.22 -2.27 67.56
CA PHE H 198 -7.08 -2.51 66.13
C PHE H 198 -6.95 -1.21 65.35
N TYR H 199 -7.58 -0.14 65.84
CA TYR H 199 -7.59 1.13 65.12
C TYR H 199 -6.17 1.68 64.97
N ILE H 200 -5.36 1.58 66.03
CA ILE H 200 -4.00 2.12 65.97
C ILE H 200 -3.16 1.37 64.94
N ILE H 201 -3.26 0.03 64.94
CA ILE H 201 -2.50 -0.75 63.96
C ILE H 201 -2.98 -0.44 62.55
N GLN H 202 -4.29 -0.26 62.39
CA GLN H 202 -4.81 0.13 61.08
C GLN H 202 -4.18 1.44 60.62
N VAL H 203 -4.11 2.42 61.51
CA VAL H 203 -3.53 3.71 61.15
C VAL H 203 -2.07 3.55 60.75
N VAL H 204 -1.31 2.77 61.53
CA VAL H 204 0.11 2.60 61.25
C VAL H 204 0.31 1.94 59.89
N PHE H 205 -0.47 0.89 59.61
CA PHE H 205 -0.33 0.21 58.33
C PHE H 205 -0.70 1.13 57.17
N ARG H 206 -1.75 1.93 57.34
CA ARG H 206 -2.12 2.88 56.28
C ARG H 206 -0.99 3.85 56.01
N ASN H 207 -0.39 4.39 57.07
CA ASN H 207 0.74 5.31 56.90
C ASN H 207 1.87 4.64 56.12
N ALA H 208 2.25 3.43 56.53
CA ALA H 208 3.35 2.75 55.88
C ALA H 208 3.06 2.51 54.41
N LEU H 209 1.85 2.04 54.10
CA LEU H 209 1.50 1.75 52.71
C LEU H 209 1.55 3.02 51.87
N GLU H 210 0.98 4.12 52.38
CA GLU H 210 0.98 5.35 51.60
C GLU H 210 2.39 5.83 51.31
N ILE H 211 3.25 5.84 52.33
CA ILE H 211 4.62 6.30 52.11
C ILE H 211 5.34 5.41 51.12
N GLY H 212 5.19 4.08 51.26
CA GLY H 212 5.86 3.18 50.34
C GLY H 212 5.42 3.38 48.91
N PHE H 213 4.11 3.55 48.70
CA PHE H 213 3.62 3.73 47.33
C PHE H 213 4.12 5.04 46.73
N LEU H 214 4.16 6.11 47.53
CA LEU H 214 4.69 7.38 47.01
C LEU H 214 6.15 7.24 46.60
N VAL H 215 6.96 6.63 47.45
CA VAL H 215 8.37 6.46 47.12
C VAL H 215 8.54 5.60 45.89
N GLY H 216 7.77 4.52 45.80
CA GLY H 216 7.85 3.66 44.63
C GLY H 216 7.48 4.38 43.36
N GLN H 217 6.44 5.22 43.40
CA GLN H 217 6.07 5.98 42.21
C GLN H 217 7.21 6.88 41.78
N TYR H 218 7.83 7.57 42.73
CA TYR H 218 8.94 8.44 42.36
C TYR H 218 10.07 7.65 41.72
N PHE H 219 10.42 6.51 42.30
CA PHE H 219 11.55 5.75 41.79
C PHE H 219 11.23 5.04 40.48
N LEU H 220 9.95 4.82 40.17
CA LEU H 220 9.57 4.14 38.95
C LEU H 220 9.41 5.09 37.78
N TYR H 221 8.73 6.22 37.97
CA TYR H 221 8.35 7.06 36.84
C TYR H 221 9.01 8.43 36.80
N GLY H 222 9.57 8.91 37.90
CA GLY H 222 10.15 10.25 37.89
C GLY H 222 9.07 11.31 37.96
N PHE H 223 9.34 12.45 37.30
CA PHE H 223 8.44 13.58 37.32
C PHE H 223 7.98 14.04 35.95
N SER H 224 8.40 13.39 34.87
CA SER H 224 7.97 13.80 33.54
C SER H 224 8.03 12.62 32.59
N VAL H 225 7.31 12.75 31.48
CA VAL H 225 7.27 11.77 30.40
C VAL H 225 7.92 12.40 29.18
N PRO H 226 9.13 12.02 28.80
CA PRO H 226 9.77 12.64 27.63
C PRO H 226 9.05 12.26 26.34
N GLY H 227 9.16 13.16 25.36
CA GLY H 227 8.51 12.94 24.07
C GLY H 227 9.28 12.04 23.13
N LEU H 228 10.56 11.79 23.41
CA LEU H 228 11.40 10.93 22.60
C LEU H 228 11.97 9.81 23.46
N TYR H 229 12.24 8.68 22.83
CA TYR H 229 12.86 7.55 23.50
C TYR H 229 13.92 6.96 22.60
N GLU H 230 15.06 6.58 23.19
CA GLU H 230 16.15 5.94 22.48
C GLU H 230 16.19 4.48 22.87
N CYS H 231 16.02 3.59 21.91
CA CYS H 231 15.79 2.16 22.17
C CYS H 231 16.84 1.34 21.45
N ASN H 232 17.44 0.39 22.15
CA ASN H 232 18.45 -0.48 21.56
C ASN H 232 18.23 -1.94 21.99
N ARG H 233 16.99 -2.40 21.93
CA ARG H 233 16.65 -3.78 22.28
C ARG H 233 16.49 -4.61 21.01
N TYR H 234 16.89 -5.86 21.09
CA TYR H 234 16.68 -6.78 19.98
C TYR H 234 15.18 -6.89 19.69
N PRO H 235 14.76 -6.95 18.42
CA PRO H 235 15.54 -7.07 17.18
C PRO H 235 15.96 -5.76 16.56
N CYS H 236 15.76 -4.62 17.22
CA CYS H 236 16.13 -3.34 16.62
C CYS H 236 17.64 -3.30 16.36
N ILE H 237 18.01 -2.79 15.19
CA ILE H 237 19.41 -2.75 14.77
C ILE H 237 20.06 -1.51 15.39
N LYS H 238 21.14 -1.72 16.14
CA LYS H 238 21.87 -0.64 16.80
C LYS H 238 20.88 0.12 17.67
N GLU H 239 20.70 1.43 17.48
CA GLU H 239 19.83 2.24 18.31
C GLU H 239 18.86 3.03 17.44
N VAL H 240 17.60 3.05 17.85
CA VAL H 240 16.53 3.70 17.09
C VAL H 240 15.84 4.71 17.98
N GLU H 241 15.06 5.59 17.35
CA GLU H 241 14.34 6.67 18.01
C GLU H 241 12.84 6.42 17.88
N CYS H 242 12.14 6.53 19.00
CA CYS H 242 10.71 6.28 19.06
C CYS H 242 10.01 7.48 19.68
N TYR H 243 8.73 7.65 19.35
CA TYR H 243 7.98 8.85 19.67
C TYR H 243 6.75 8.49 20.49
N VAL H 244 6.52 9.22 21.57
CA VAL H 244 5.50 8.90 22.55
C VAL H 244 4.22 9.68 22.23
N SER H 245 3.10 9.21 22.78
CA SER H 245 1.79 9.79 22.54
C SER H 245 1.33 10.55 23.78
N ARG H 246 0.90 11.80 23.58
CA ARG H 246 0.40 12.66 24.65
C ARG H 246 1.35 12.74 25.84
N PRO H 247 2.62 13.11 25.62
CA PRO H 247 3.54 13.26 26.76
C PRO H 247 3.11 14.31 27.77
N THR H 248 2.52 15.42 27.31
CA THR H 248 2.22 16.52 28.23
C THR H 248 1.07 16.18 29.17
N GLU H 249 0.01 15.57 28.63
CA GLU H 249 -1.11 15.17 29.49
C GLU H 249 -0.65 14.15 30.53
N LYS H 250 0.20 13.23 30.13
CA LYS H 250 0.69 12.23 31.07
C LYS H 250 1.58 12.87 32.13
N THR H 251 2.39 13.86 31.76
CA THR H 251 3.17 14.57 32.77
C THR H 251 2.27 15.28 33.77
N VAL H 252 1.22 15.95 33.28
CA VAL H 252 0.31 16.65 34.18
C VAL H 252 -0.37 15.66 35.12
N PHE H 253 -0.82 14.54 34.59
CA PHE H 253 -1.46 13.52 35.43
C PHE H 253 -0.50 13.01 36.49
N LEU H 254 0.75 12.75 36.10
CA LEU H 254 1.74 12.25 37.05
C LEU H 254 1.95 13.24 38.20
N VAL H 255 2.13 14.53 37.86
CA VAL H 255 2.38 15.52 38.90
C VAL H 255 1.16 15.66 39.81
N PHE H 256 -0.04 15.65 39.23
CA PHE H 256 -1.25 15.80 40.04
C PHE H 256 -1.39 14.63 41.02
N MET H 257 -1.15 13.41 40.54
CA MET H 257 -1.26 12.26 41.44
C MET H 257 -0.22 12.33 42.54
N PHE H 258 1.01 12.76 42.21
CA PHE H 258 2.02 12.91 43.24
C PHE H 258 1.58 13.91 44.31
N ALA H 259 1.03 15.04 43.89
CA ALA H 259 0.60 16.04 44.86
C ALA H 259 -0.50 15.51 45.76
N VAL H 260 -1.49 14.83 45.18
CA VAL H 260 -2.59 14.30 46.00
C VAL H 260 -2.07 13.28 46.99
N SER H 261 -1.18 12.39 46.55
CA SER H 261 -0.63 11.39 47.46
C SER H 261 0.17 12.05 48.57
N GLY H 262 0.91 13.11 48.26
CA GLY H 262 1.63 13.82 49.30
C GLY H 262 0.71 14.44 50.34
N ILE H 263 -0.40 15.02 49.89
CA ILE H 263 -1.37 15.55 50.84
C ILE H 263 -1.90 14.45 51.74
N CYS H 264 -2.24 13.30 51.16
CA CYS H 264 -2.72 12.18 51.96
C CYS H 264 -1.69 11.76 52.99
N VAL H 265 -0.41 11.69 52.59
CA VAL H 265 0.64 11.30 53.52
C VAL H 265 0.73 12.29 54.67
N VAL H 266 0.67 13.58 54.37
CA VAL H 266 0.77 14.59 55.43
C VAL H 266 -0.39 14.44 56.41
N LEU H 267 -1.61 14.27 55.90
CA LEU H 267 -2.76 14.13 56.81
C LEU H 267 -2.63 12.88 57.67
N ASN H 268 -2.18 11.77 57.08
CA ASN H 268 -2.01 10.55 57.85
C ASN H 268 -0.97 10.72 58.94
N LEU H 269 0.13 11.40 58.63
CA LEU H 269 1.16 11.65 59.64
C LEU H 269 0.61 12.52 60.76
N ALA H 270 -0.20 13.52 60.42
CA ALA H 270 -0.81 14.36 61.45
C ALA H 270 -1.69 13.52 62.37
N GLU H 271 -2.51 12.64 61.80
CA GLU H 271 -3.35 11.77 62.62
C GLU H 271 -2.48 10.92 63.55
N LEU H 272 -1.48 10.26 62.98
CA LEU H 272 -0.62 9.38 63.77
C LEU H 272 0.05 10.14 64.91
N ASN H 273 0.52 11.36 64.65
CA ASN H 273 1.09 12.16 65.71
C ASN H 273 0.05 12.51 66.77
N HIS H 274 -1.16 12.82 66.35
CA HIS H 274 -2.21 13.12 67.33
C HIS H 274 -2.43 11.96 68.28
N LEU H 275 -2.46 10.74 67.76
CA LEU H 275 -2.64 9.58 68.64
C LEU H 275 -1.54 9.52 69.69
N GLY H 276 -0.30 9.81 69.30
CA GLY H 276 0.82 9.68 70.21
C GLY H 276 1.53 8.36 70.03
N TRP H 277 2.86 8.38 69.99
CA TRP H 277 3.61 7.16 69.70
C TRP H 277 3.47 6.12 70.81
N ARG H 278 3.00 6.51 72.00
CA ARG H 278 2.73 5.52 73.04
C ARG H 278 1.55 4.63 72.66
N LYS H 279 0.54 5.19 71.99
CA LYS H 279 -0.53 4.35 71.46
C LYS H 279 0.01 3.36 70.44
N ILE H 280 0.88 3.83 69.54
CA ILE H 280 1.44 2.94 68.52
C ILE H 280 2.26 1.83 69.16
N LYS H 281 3.08 2.17 70.14
CA LYS H 281 3.86 1.15 70.85
C LYS H 281 2.95 0.09 71.45
N LEU H 282 1.78 0.50 71.95
CA LEU H 282 0.82 -0.43 72.51
C LEU H 282 -0.47 0.29 72.89
N SER I 19 -6.14 -18.68 67.10
CA SER I 19 -6.28 -17.58 66.15
C SER I 19 -7.02 -18.05 64.90
N THR I 20 -8.32 -18.25 65.03
CA THR I 20 -9.16 -18.67 63.92
C THR I 20 -10.04 -17.56 63.36
N MET I 21 -10.08 -16.40 64.01
CA MET I 21 -10.90 -15.31 63.49
C MET I 21 -10.10 -14.44 62.53
N ILE I 22 -8.90 -14.04 62.93
CA ILE I 22 -8.06 -13.22 62.04
C ILE I 22 -7.82 -13.96 60.73
N GLY I 23 -7.73 -15.30 60.79
CA GLY I 23 -7.59 -16.07 59.56
C GLY I 23 -8.76 -15.85 58.62
N ARG I 24 -9.98 -15.92 59.15
CA ARG I 24 -11.16 -15.70 58.31
C ARG I 24 -11.20 -14.27 57.78
N ILE I 25 -10.84 -13.31 58.62
CA ILE I 25 -10.84 -11.91 58.20
C ILE I 25 -9.89 -11.73 57.02
N LEU I 26 -8.66 -12.22 57.16
CA LEU I 26 -7.68 -12.08 56.10
C LEU I 26 -8.11 -12.82 54.85
N LEU I 27 -8.71 -14.01 55.00
CA LEU I 27 -9.14 -14.76 53.84
C LEU I 27 -10.19 -13.98 53.05
N THR I 28 -11.19 -13.43 53.75
CA THR I 28 -12.20 -12.65 53.07
C THR I 28 -11.58 -11.44 52.37
N VAL I 29 -10.66 -10.75 53.05
CA VAL I 29 -10.07 -9.56 52.47
C VAL I 29 -9.29 -9.89 51.21
N VAL I 30 -8.48 -10.96 51.25
CA VAL I 30 -7.68 -11.29 50.09
C VAL I 30 -8.56 -11.77 48.94
N VAL I 31 -9.64 -12.49 49.24
CA VAL I 31 -10.54 -12.92 48.17
C VAL I 31 -11.13 -11.70 47.47
N ILE I 32 -11.62 -10.74 48.24
CA ILE I 32 -12.20 -9.54 47.65
C ILE I 32 -11.15 -8.78 46.85
N PHE I 33 -9.93 -8.68 47.39
CA PHE I 33 -8.86 -7.97 46.72
C PHE I 33 -8.57 -8.59 45.35
N ARG I 34 -8.45 -9.91 45.31
CA ARG I 34 -8.18 -10.58 44.05
C ARG I 34 -9.29 -10.36 43.04
N ILE I 35 -10.54 -10.48 43.49
CA ILE I 35 -11.67 -10.29 42.58
C ILE I 35 -11.63 -8.89 42.00
N LEU I 36 -11.41 -7.88 42.85
CA LEU I 36 -11.42 -6.50 42.38
C LEU I 36 -10.30 -6.26 41.37
N ILE I 37 -9.09 -6.70 41.70
CA ILE I 37 -7.95 -6.46 40.80
C ILE I 37 -8.22 -7.09 39.44
N VAL I 38 -8.62 -8.36 39.42
CA VAL I 38 -8.90 -9.01 38.15
C VAL I 38 -9.96 -8.23 37.40
N ALA I 39 -11.14 -8.08 38.00
CA ALA I 39 -12.26 -7.47 37.30
C ALA I 39 -11.92 -6.08 36.77
N ILE I 40 -11.03 -5.35 37.43
CA ILE I 40 -10.80 -3.97 37.01
C ILE I 40 -9.71 -3.86 35.95
N VAL I 41 -8.59 -4.60 36.06
CA VAL I 41 -7.47 -4.37 35.16
C VAL I 41 -7.26 -5.50 34.15
N GLY I 42 -7.67 -6.73 34.45
CA GLY I 42 -7.27 -7.85 33.61
C GLY I 42 -7.75 -7.70 32.18
N GLU I 43 -9.03 -7.35 32.01
CA GLU I 43 -9.57 -7.28 30.66
C GLU I 43 -8.87 -6.23 29.82
N THR I 44 -8.44 -5.14 30.45
CA THR I 44 -7.76 -4.08 29.72
C THR I 44 -6.33 -4.47 29.38
N VAL I 45 -5.65 -5.21 30.25
CA VAL I 45 -4.27 -5.60 29.94
C VAL I 45 -4.21 -6.46 28.70
N TYR I 46 -5.11 -7.42 28.56
CA TYR I 46 -5.08 -8.42 27.51
C TYR I 46 -5.97 -8.06 26.33
N ASP I 47 -6.26 -6.77 26.12
CA ASP I 47 -7.20 -6.39 25.07
C ASP I 47 -6.63 -6.64 23.68
N ASP I 48 -5.39 -6.19 23.44
CA ASP I 48 -4.77 -6.25 22.12
C ASP I 48 -3.75 -7.37 22.03
N GLU I 49 -4.03 -8.51 22.68
CA GLU I 49 -3.06 -9.60 22.69
C GLU I 49 -2.78 -10.12 21.29
N GLN I 50 -3.82 -10.28 20.47
CA GLN I 50 -3.66 -10.84 19.14
C GLN I 50 -3.47 -9.78 18.06
N THR I 51 -3.97 -8.56 18.30
CA THR I 51 -3.81 -7.51 17.31
C THR I 51 -2.37 -7.05 17.19
N MET I 52 -1.62 -7.06 18.30
CA MET I 52 -0.25 -6.59 18.33
C MET I 52 0.77 -7.72 18.24
N PHE I 53 0.30 -8.96 18.03
CA PHE I 53 1.18 -10.09 17.83
C PHE I 53 1.56 -10.17 16.36
N VAL I 54 2.86 -10.18 16.08
CA VAL I 54 3.36 -10.10 14.72
C VAL I 54 4.46 -11.14 14.53
N CYS I 55 4.47 -11.77 13.35
CA CYS I 55 5.51 -12.72 12.97
C CYS I 55 6.23 -12.21 11.74
N ASN I 56 7.50 -12.59 11.61
CA ASN I 56 8.35 -12.14 10.51
C ASN I 56 8.20 -13.11 9.35
N THR I 57 7.18 -12.89 8.54
CA THR I 57 6.88 -13.77 7.41
C THR I 57 5.92 -13.08 6.47
N LEU I 58 5.76 -13.66 5.28
CA LEU I 58 4.79 -13.20 4.30
C LEU I 58 3.68 -14.21 4.07
N GLN I 59 3.70 -15.34 4.76
CA GLN I 59 2.73 -16.40 4.52
C GLN I 59 1.40 -16.03 5.17
N PRO I 60 0.29 -16.00 4.41
CA PRO I 60 -1.01 -15.79 5.05
C PRO I 60 -1.35 -16.92 6.00
N GLY I 61 -1.94 -16.55 7.14
CA GLY I 61 -2.37 -17.53 8.12
C GLY I 61 -1.32 -17.98 9.10
N CYS I 62 -0.07 -17.53 8.96
CA CYS I 62 0.97 -17.91 9.91
C CYS I 62 0.78 -17.22 11.26
N ASN I 63 0.30 -15.98 11.23
CA ASN I 63 0.06 -15.26 12.48
C ASN I 63 -0.97 -15.98 13.34
N GLN I 64 -2.07 -16.40 12.74
CA GLN I 64 -3.12 -17.08 13.50
C GLN I 64 -2.60 -18.36 14.13
N ALA I 65 -1.92 -19.19 13.33
CA ALA I 65 -1.44 -20.47 13.84
C ALA I 65 -0.41 -20.25 14.94
N CYS I 66 0.53 -19.33 14.75
CA CYS I 66 1.57 -19.13 15.74
C CYS I 66 1.01 -18.55 17.03
N TYR I 67 0.08 -17.60 16.93
CA TYR I 67 -0.53 -17.07 18.14
C TYR I 67 -1.31 -18.16 18.88
N ASP I 68 -2.06 -18.98 18.15
CA ASP I 68 -2.82 -20.03 18.81
C ASP I 68 -1.90 -21.03 19.50
N ARG I 69 -0.75 -21.32 18.90
CA ARG I 69 0.18 -22.25 19.54
C ARG I 69 0.85 -21.61 20.76
N ALA I 70 1.16 -20.32 20.69
CA ALA I 70 1.87 -19.69 21.80
C ALA I 70 0.98 -19.53 23.02
N PHE I 71 -0.28 -19.16 22.83
CA PHE I 71 -1.20 -18.87 23.92
C PHE I 71 -2.49 -19.65 23.70
N PRO I 72 -2.49 -20.94 24.03
CA PRO I 72 -3.72 -21.73 23.84
C PRO I 72 -4.91 -21.18 24.59
N ILE I 73 -4.71 -20.70 25.82
CA ILE I 73 -5.75 -20.10 26.63
C ILE I 73 -5.18 -18.83 27.25
N SER I 74 -5.92 -17.74 27.16
CA SER I 74 -5.47 -16.49 27.76
C SER I 74 -5.47 -16.59 29.28
N HIS I 75 -4.56 -15.84 29.91
CA HIS I 75 -4.47 -15.88 31.37
C HIS I 75 -5.77 -15.41 32.01
N ILE I 76 -6.37 -14.35 31.45
CA ILE I 76 -7.51 -13.71 32.10
C ILE I 76 -8.69 -14.68 32.21
N ARG I 77 -8.94 -15.46 31.15
CA ARG I 77 -10.04 -16.40 31.19
C ARG I 77 -9.79 -17.51 32.21
N TYR I 78 -8.54 -17.98 32.28
CA TYR I 78 -8.21 -18.98 33.30
C TYR I 78 -8.46 -18.44 34.69
N TRP I 79 -8.08 -17.18 34.94
CA TRP I 79 -8.27 -16.62 36.28
C TRP I 79 -9.74 -16.41 36.59
N VAL I 80 -10.55 -16.01 35.59
CA VAL I 80 -11.98 -15.87 35.82
C VAL I 80 -12.60 -17.21 36.19
N PHE I 81 -12.27 -18.25 35.43
CA PHE I 81 -12.78 -19.57 35.73
C PHE I 81 -12.37 -20.00 37.13
N GLN I 82 -11.10 -19.75 37.50
CA GLN I 82 -10.64 -20.12 38.83
C GLN I 82 -11.42 -19.41 39.91
N ILE I 83 -11.68 -18.12 39.74
CA ILE I 83 -12.39 -17.36 40.76
C ILE I 83 -13.80 -17.92 40.95
N ILE I 84 -14.52 -18.14 39.84
CA ILE I 84 -15.89 -18.65 39.97
C ILE I 84 -15.89 -20.02 40.62
N MET I 85 -14.99 -20.90 40.18
CA MET I 85 -14.97 -22.25 40.74
C MET I 85 -14.65 -22.23 42.23
N VAL I 86 -13.71 -21.37 42.64
CA VAL I 86 -13.36 -21.31 44.05
C VAL I 86 -14.52 -20.77 44.88
N CYS I 87 -15.29 -19.84 44.32
CA CYS I 87 -16.43 -19.31 45.06
C CYS I 87 -17.62 -20.25 45.09
N THR I 88 -17.66 -21.24 44.20
CA THR I 88 -18.83 -22.13 44.13
C THR I 88 -19.21 -22.78 45.45
N PRO I 89 -18.30 -23.40 46.21
CA PRO I 89 -18.74 -24.12 47.43
C PRO I 89 -19.47 -23.24 48.43
N SER I 90 -19.04 -21.98 48.58
CA SER I 90 -19.76 -21.07 49.46
C SER I 90 -21.19 -20.84 48.96
N LEU I 91 -21.35 -20.73 47.63
CA LEU I 91 -22.68 -20.61 47.06
C LEU I 91 -23.53 -21.83 47.39
N CYS I 92 -22.93 -23.02 47.27
CA CYS I 92 -23.67 -24.24 47.60
C CYS I 92 -24.12 -24.22 49.06
N PHE I 93 -23.22 -23.82 49.95
CA PHE I 93 -23.55 -23.79 51.38
C PHE I 93 -24.67 -22.79 51.65
N ILE I 94 -24.59 -21.60 51.04
CA ILE I 94 -25.61 -20.58 51.27
C ILE I 94 -26.97 -21.05 50.75
N THR I 95 -26.98 -21.65 49.56
CA THR I 95 -28.24 -22.14 49.02
C THR I 95 -28.82 -23.25 49.87
N TYR I 96 -27.97 -24.14 50.39
CA TYR I 96 -28.44 -25.18 51.30
C TYR I 96 -29.04 -24.58 52.55
N SER I 97 -28.39 -23.56 53.11
CA SER I 97 -28.93 -22.89 54.30
C SER I 97 -30.29 -22.28 54.00
N VAL I 98 -30.44 -21.63 52.84
CA VAL I 98 -31.72 -21.04 52.48
C VAL I 98 -32.79 -22.13 52.37
N HIS I 99 -32.44 -23.24 51.71
CA HIS I 99 -33.40 -24.33 51.55
C HIS I 99 -33.80 -24.91 52.90
N GLN I 100 -32.87 -24.99 53.84
CA GLN I 100 -33.17 -25.62 55.12
C GLN I 100 -34.29 -24.90 55.85
N SER I 101 -34.26 -23.56 55.84
CA SER I 101 -35.27 -22.76 56.52
C SER I 101 -36.35 -22.38 55.52
N ALA I 102 -37.60 -22.74 55.82
CA ALA I 102 -38.72 -22.45 54.95
C ALA I 102 -38.51 -23.08 53.57
N GLY I 194 -26.59 -30.78 61.76
CA GLY I 194 -27.13 -30.52 60.44
C GLY I 194 -26.21 -29.68 59.58
N ILE I 195 -26.21 -28.37 59.82
CA ILE I 195 -25.35 -27.46 59.08
C ILE I 195 -23.91 -27.47 59.58
N SER I 196 -23.65 -28.07 60.74
CA SER I 196 -22.29 -28.14 61.27
C SER I 196 -21.44 -29.21 60.59
N ARG I 197 -22.04 -30.07 59.78
CA ARG I 197 -21.30 -31.07 59.02
C ARG I 197 -21.01 -30.63 57.59
N PHE I 198 -21.95 -29.95 56.95
CA PHE I 198 -21.71 -29.43 55.61
C PHE I 198 -20.52 -28.48 55.59
N TYR I 199 -20.29 -27.76 56.68
CA TYR I 199 -19.23 -26.76 56.72
C TYR I 199 -17.86 -27.40 56.53
N ILE I 200 -17.63 -28.55 57.17
CA ILE I 200 -16.33 -29.22 57.06
C ILE I 200 -16.08 -29.66 55.63
N ILE I 201 -17.09 -30.26 55.00
CA ILE I 201 -16.93 -30.72 53.61
C ILE I 201 -16.70 -29.54 52.69
N GLN I 202 -17.40 -28.43 52.95
CA GLN I 202 -17.18 -27.23 52.14
C GLN I 202 -15.74 -26.75 52.27
N VAL I 203 -15.20 -26.74 53.49
CA VAL I 203 -13.82 -26.30 53.69
C VAL I 203 -12.85 -27.22 52.94
N VAL I 204 -13.08 -28.53 53.03
CA VAL I 204 -12.18 -29.47 52.37
C VAL I 204 -12.21 -29.27 50.86
N PHE I 205 -13.41 -29.11 50.30
CA PHE I 205 -13.52 -28.91 48.86
C PHE I 205 -12.85 -27.61 48.43
N ARG I 206 -13.00 -26.55 49.21
CA ARG I 206 -12.33 -25.29 48.88
C ARG I 206 -10.82 -25.47 48.87
N ASN I 207 -10.28 -26.16 49.87
CA ASN I 207 -8.84 -26.42 49.90
C ASN I 207 -8.39 -27.15 48.65
N ALA I 208 -9.10 -28.23 48.30
CA ALA I 208 -8.70 -29.03 47.16
C ALA I 208 -8.73 -28.19 45.87
N LEU I 209 -9.80 -27.42 45.69
CA LEU I 209 -9.91 -26.62 44.47
C LEU I 209 -8.79 -25.59 44.38
N GLU I 210 -8.50 -24.89 45.48
CA GLU I 210 -7.44 -23.88 45.45
C GLU I 210 -6.09 -24.50 45.10
N ILE I 211 -5.76 -25.62 45.75
CA ILE I 211 -4.47 -26.25 45.48
C ILE I 211 -4.39 -26.70 44.02
N GLY I 212 -5.46 -27.32 43.52
CA GLY I 212 -5.45 -27.78 42.15
C GLY I 212 -5.28 -26.65 41.16
N PHE I 213 -5.98 -25.54 41.37
CA PHE I 213 -5.86 -24.42 40.45
C PHE I 213 -4.45 -23.82 40.48
N LEU I 214 -3.85 -23.72 41.66
CA LEU I 214 -2.49 -23.20 41.74
C LEU I 214 -1.51 -24.08 40.97
N VAL I 215 -1.59 -25.40 41.18
CA VAL I 215 -0.69 -26.31 40.49
C VAL I 215 -0.91 -26.24 38.99
N GLY I 216 -2.18 -26.19 38.56
CA GLY I 216 -2.46 -26.09 37.15
C GLY I 216 -1.90 -24.83 36.53
N GLN I 217 -2.02 -23.70 37.23
CA GLN I 217 -1.45 -22.47 36.70
C GLN I 217 0.05 -22.60 36.52
N TYR I 218 0.74 -23.17 37.51
CA TYR I 218 2.18 -23.33 37.37
C TYR I 218 2.52 -24.20 36.16
N PHE I 219 1.81 -25.32 36.00
CA PHE I 219 2.15 -26.23 34.92
C PHE I 219 1.73 -25.69 33.55
N LEU I 220 0.79 -24.76 33.49
CA LEU I 220 0.32 -24.22 32.23
C LEU I 220 1.17 -23.05 31.75
N TYR I 221 1.49 -22.10 32.64
CA TYR I 221 2.09 -20.84 32.23
C TYR I 221 3.51 -20.62 32.71
N GLY I 222 3.97 -21.32 33.73
CA GLY I 222 5.29 -21.06 34.25
C GLY I 222 5.33 -19.80 35.09
N PHE I 223 6.46 -19.08 35.04
CA PHE I 223 6.66 -17.89 35.84
C PHE I 223 7.00 -16.65 35.03
N SER I 224 7.05 -16.73 33.70
CA SER I 224 7.38 -15.56 32.90
C SER I 224 6.80 -15.72 31.51
N VAL I 225 6.64 -14.59 30.83
CA VAL I 225 6.16 -14.51 29.45
C VAL I 225 7.32 -14.02 28.58
N PRO I 226 7.94 -14.88 27.78
CA PRO I 226 9.08 -14.42 26.97
C PRO I 226 8.63 -13.48 25.87
N GLY I 227 9.56 -12.60 25.46
CA GLY I 227 9.28 -11.63 24.43
C GLY I 227 9.39 -12.14 23.01
N LEU I 228 9.98 -13.32 22.82
CA LEU I 228 10.13 -13.93 21.50
C LEU I 228 9.53 -15.32 21.52
N TYR I 229 9.06 -15.76 20.36
CA TYR I 229 8.51 -17.10 20.21
C TYR I 229 9.01 -17.70 18.92
N GLU I 230 9.42 -18.97 18.95
CA GLU I 230 9.82 -19.70 17.76
C GLU I 230 8.69 -20.65 17.38
N CYS I 231 8.16 -20.49 16.16
CA CYS I 231 6.95 -21.16 15.73
C CYS I 231 7.23 -21.97 14.46
N ASN I 232 6.77 -23.22 14.45
CA ASN I 232 6.97 -24.10 13.30
C ASN I 232 5.70 -24.86 12.98
N ARG I 233 4.56 -24.16 12.97
CA ARG I 233 3.27 -24.75 12.68
C ARG I 233 2.86 -24.44 11.25
N TYR I 234 2.22 -25.40 10.60
CA TYR I 234 1.68 -25.16 9.27
C TYR I 234 0.67 -24.01 9.33
N PRO I 235 0.64 -23.11 8.34
CA PRO I 235 1.37 -23.09 7.07
C PRO I 235 2.74 -22.42 7.10
N CYS I 236 3.26 -22.06 8.27
CA CYS I 236 4.55 -21.39 8.32
C CYS I 236 5.64 -22.31 7.78
N ILE I 237 6.57 -21.74 7.02
CA ILE I 237 7.63 -22.49 6.39
C ILE I 237 8.79 -22.63 7.36
N LYS I 238 9.16 -23.87 7.70
CA LYS I 238 10.27 -24.16 8.61
C LYS I 238 10.00 -23.42 9.92
N GLU I 239 10.92 -22.63 10.43
CA GLU I 239 10.77 -21.92 11.68
C GLU I 239 10.65 -20.41 11.43
N VAL I 240 9.78 -19.76 12.17
CA VAL I 240 9.62 -18.32 12.11
C VAL I 240 9.69 -17.76 13.52
N GLU I 241 9.99 -16.47 13.60
CA GLU I 241 10.12 -15.76 14.86
C GLU I 241 8.97 -14.78 15.01
N CYS I 242 8.32 -14.80 16.17
CA CYS I 242 7.18 -13.95 16.44
C CYS I 242 7.42 -13.18 17.74
N TYR I 243 6.77 -12.03 17.85
CA TYR I 243 7.05 -11.06 18.89
C TYR I 243 5.78 -10.77 19.69
N VAL I 244 5.91 -10.83 21.01
CA VAL I 244 4.76 -10.74 21.91
C VAL I 244 4.54 -9.29 22.33
N SER I 245 3.33 -9.00 22.81
CA SER I 245 2.93 -7.67 23.22
C SER I 245 2.88 -7.58 24.74
N ARG I 246 3.54 -6.56 25.30
CA ARG I 246 3.57 -6.32 26.73
C ARG I 246 3.99 -7.56 27.53
N PRO I 247 5.14 -8.16 27.24
CA PRO I 247 5.58 -9.29 28.04
C PRO I 247 5.82 -8.97 29.51
N THR I 248 6.32 -7.77 29.82
CA THR I 248 6.70 -7.47 31.20
C THR I 248 5.47 -7.29 32.09
N GLU I 249 4.45 -6.58 31.61
CA GLU I 249 3.24 -6.41 32.40
C GLU I 249 2.57 -7.75 32.65
N LYS I 250 2.56 -8.63 31.64
CA LYS I 250 1.96 -9.94 31.81
C LYS I 250 2.75 -10.78 32.80
N THR I 251 4.08 -10.68 32.79
CA THR I 251 4.88 -11.37 33.79
C THR I 251 4.56 -10.89 35.19
N VAL I 252 4.45 -9.58 35.37
CA VAL I 252 4.14 -9.03 36.69
C VAL I 252 2.78 -9.52 37.15
N PHE I 253 1.79 -9.49 36.26
CA PHE I 253 0.45 -9.97 36.61
C PHE I 253 0.48 -11.44 37.01
N LEU I 254 1.22 -12.26 36.25
CA LEU I 254 1.31 -13.68 36.56
C LEU I 254 1.88 -13.90 37.95
N VAL I 255 3.00 -13.23 38.27
CA VAL I 255 3.62 -13.42 39.57
C VAL I 255 2.70 -12.95 40.69
N PHE I 256 2.03 -11.81 40.50
CA PHE I 256 1.14 -11.29 41.53
C PHE I 256 0.00 -12.27 41.80
N MET I 257 -0.61 -12.80 40.74
CA MET I 257 -1.70 -13.76 40.95
C MET I 257 -1.21 -15.02 41.64
N PHE I 258 -0.01 -15.49 41.29
CA PHE I 258 0.53 -16.65 41.97
C PHE I 258 0.71 -16.38 43.47
N ALA I 259 1.24 -15.22 43.82
CA ALA I 259 1.45 -14.90 45.23
C ALA I 259 0.12 -14.84 45.98
N VAL I 260 -0.89 -14.19 45.40
CA VAL I 260 -2.17 -14.09 46.08
C VAL I 260 -2.78 -15.46 46.28
N SER I 261 -2.72 -16.32 45.25
CA SER I 261 -3.28 -17.66 45.37
C SER I 261 -2.54 -18.46 46.44
N GLY I 262 -1.21 -18.30 46.53
CA GLY I 262 -0.47 -18.97 47.58
C GLY I 262 -0.88 -18.54 48.97
N ILE I 263 -1.10 -17.23 49.15
CA ILE I 263 -1.58 -16.75 50.45
C ILE I 263 -2.93 -17.37 50.79
N CYS I 264 -3.83 -17.42 49.81
CA CYS I 264 -5.14 -18.02 50.04
C CYS I 264 -5.00 -19.49 50.44
N VAL I 265 -4.11 -20.22 49.76
CA VAL I 265 -3.90 -21.63 50.07
C VAL I 265 -3.41 -21.79 51.51
N VAL I 266 -2.46 -20.94 51.91
CA VAL I 266 -1.92 -21.05 53.27
C VAL I 266 -3.02 -20.80 54.30
N LEU I 267 -3.83 -19.77 54.09
CA LEU I 267 -4.90 -19.48 55.04
C LEU I 267 -5.90 -20.63 55.11
N ASN I 268 -6.26 -21.21 53.95
CA ASN I 268 -7.19 -22.33 53.95
C ASN I 268 -6.62 -23.52 54.70
N LEU I 269 -5.33 -23.80 54.50
CA LEU I 269 -4.70 -24.90 55.23
C LEU I 269 -4.72 -24.65 56.73
N ALA I 270 -4.47 -23.41 57.14
CA ALA I 270 -4.54 -23.09 58.57
C ALA I 270 -5.93 -23.35 59.11
N GLU I 271 -6.96 -22.92 58.39
CA GLU I 271 -8.33 -23.15 58.83
C GLU I 271 -8.59 -24.65 58.98
N LEU I 272 -8.24 -25.42 57.95
CA LEU I 272 -8.49 -26.85 57.97
C LEU I 272 -7.77 -27.52 59.14
N ASN I 273 -6.52 -27.11 59.40
CA ASN I 273 -5.81 -27.65 60.55
C ASN I 273 -6.51 -27.29 61.85
N HIS I 274 -7.02 -26.06 61.96
CA HIS I 274 -7.72 -25.67 63.18
C HIS I 274 -8.94 -26.55 63.42
N LEU I 275 -9.70 -26.84 62.36
CA LEU I 275 -10.91 -27.64 62.56
C LEU I 275 -10.58 -29.00 63.17
N GLY I 276 -9.51 -29.62 62.71
CA GLY I 276 -9.04 -30.85 63.32
C GLY I 276 -9.23 -32.05 62.40
N TRP I 277 -8.28 -32.97 62.48
CA TRP I 277 -8.32 -34.17 61.64
C TRP I 277 -9.37 -35.16 62.16
N ARG I 278 -9.46 -35.31 63.49
CA ARG I 278 -10.51 -36.12 64.08
C ARG I 278 -11.90 -35.67 63.61
N LYS I 279 -12.15 -34.36 63.64
CA LYS I 279 -13.44 -33.86 63.18
C LYS I 279 -13.63 -34.14 61.69
N ILE I 280 -12.58 -33.97 60.90
CA ILE I 280 -12.69 -34.16 59.46
C ILE I 280 -13.06 -35.60 59.13
N LYS I 281 -12.52 -36.56 59.88
CA LYS I 281 -12.84 -37.96 59.59
C LYS I 281 -14.34 -38.21 59.70
N LEU I 282 -14.97 -37.71 60.76
CA LEU I 282 -16.39 -37.95 60.98
C LEU I 282 -17.23 -36.86 60.31
N SER J 19 -32.81 -38.40 48.27
CA SER J 19 -31.81 -37.35 48.06
C SER J 19 -32.30 -36.36 47.01
N THR J 20 -33.53 -35.88 47.19
CA THR J 20 -34.11 -34.93 46.25
C THR J 20 -33.67 -33.50 46.51
N MET J 21 -33.07 -33.22 47.66
CA MET J 21 -32.72 -31.84 47.99
C MET J 21 -31.34 -31.49 47.42
N ILE J 22 -30.34 -32.34 47.65
CA ILE J 22 -29.02 -32.07 47.10
C ILE J 22 -29.09 -31.95 45.59
N GLY J 23 -29.98 -32.71 44.96
CA GLY J 23 -30.16 -32.57 43.52
C GLY J 23 -30.56 -31.15 43.13
N ARG J 24 -31.55 -30.60 43.82
CA ARG J 24 -31.99 -29.25 43.52
C ARG J 24 -30.89 -28.23 43.81
N ILE J 25 -30.16 -28.43 44.90
CA ILE J 25 -29.07 -27.51 45.24
C ILE J 25 -28.03 -27.50 44.13
N LEU J 26 -27.59 -28.69 43.72
CA LEU J 26 -26.59 -28.78 42.67
C LEU J 26 -27.11 -28.21 41.36
N LEU J 27 -28.39 -28.46 41.05
CA LEU J 27 -28.94 -27.94 39.79
C LEU J 27 -28.91 -26.43 39.77
N THR J 28 -29.33 -25.80 40.87
CA THR J 28 -29.31 -24.34 40.94
C THR J 28 -27.89 -23.81 40.80
N VAL J 29 -26.95 -24.43 41.51
CA VAL J 29 -25.57 -23.96 41.47
C VAL J 29 -25.02 -24.07 40.05
N VAL J 30 -25.28 -25.19 39.38
CA VAL J 30 -24.76 -25.39 38.04
C VAL J 30 -25.36 -24.39 37.07
N VAL J 31 -26.66 -24.12 37.19
CA VAL J 31 -27.30 -23.16 36.28
C VAL J 31 -26.66 -21.79 36.46
N ILE J 32 -26.49 -21.36 37.71
CA ILE J 32 -25.88 -20.05 37.96
C ILE J 32 -24.46 -20.02 37.42
N PHE J 33 -23.70 -21.10 37.63
CA PHE J 33 -22.33 -21.16 37.15
C PHE J 33 -22.26 -20.98 35.63
N ARG J 34 -23.12 -21.72 34.91
CA ARG J 34 -23.11 -21.62 33.46
C ARG J 34 -23.46 -20.21 33.01
N ILE J 35 -24.48 -19.61 33.61
CA ILE J 35 -24.87 -18.26 33.21
C ILE J 35 -23.73 -17.30 33.42
N LEU J 36 -23.07 -17.37 34.58
CA LEU J 36 -21.99 -16.44 34.87
C LEU J 36 -20.84 -16.61 33.89
N ILE J 37 -20.43 -17.85 33.64
CA ILE J 37 -19.29 -18.08 32.74
C ILE J 37 -19.60 -17.51 31.37
N VAL J 38 -20.75 -17.87 30.81
CA VAL J 38 -21.10 -17.36 29.49
C VAL J 38 -21.09 -15.83 29.49
N ALA J 39 -21.90 -15.23 30.37
CA ALA J 39 -22.05 -13.78 30.36
C ALA J 39 -20.72 -13.06 30.52
N ILE J 40 -19.76 -13.65 31.22
CA ILE J 40 -18.53 -12.92 31.51
C ILE J 40 -17.48 -13.11 30.41
N VAL J 41 -17.29 -14.31 29.87
CA VAL J 41 -16.17 -14.55 28.96
C VAL J 41 -16.60 -14.75 27.51
N GLY J 42 -17.81 -15.25 27.25
CA GLY J 42 -18.14 -15.67 25.90
C GLY J 42 -18.04 -14.54 24.89
N GLU J 43 -18.60 -13.38 25.21
CA GLU J 43 -18.62 -12.29 24.25
C GLU J 43 -17.20 -11.84 23.91
N THR J 44 -16.30 -11.89 24.89
CA THR J 44 -14.93 -11.46 24.63
C THR J 44 -14.17 -12.49 23.79
N VAL J 45 -14.46 -13.78 23.99
CA VAL J 45 -13.74 -14.80 23.22
C VAL J 45 -14.01 -14.65 21.74
N TYR J 46 -15.26 -14.41 21.37
CA TYR J 46 -15.69 -14.41 19.97
C TYR J 46 -15.77 -13.02 19.38
N ASP J 47 -14.99 -12.07 19.90
CA ASP J 47 -15.11 -10.69 19.44
C ASP J 47 -14.57 -10.51 18.03
N ASP J 48 -13.39 -11.05 17.75
CA ASP J 48 -12.71 -10.85 16.46
C ASP J 48 -12.80 -12.09 15.58
N GLU J 49 -13.93 -12.80 15.64
CA GLU J 49 -14.06 -14.04 14.88
C GLU J 49 -13.93 -13.77 13.38
N GLN J 50 -14.55 -12.71 12.88
CA GLN J 50 -14.55 -12.42 11.46
C GLN J 50 -13.43 -11.49 11.04
N THR J 51 -12.95 -10.64 11.95
CA THR J 51 -11.86 -9.73 11.60
C THR J 51 -10.55 -10.48 11.39
N MET J 52 -10.31 -11.55 12.15
CA MET J 52 -9.08 -12.30 12.07
C MET J 52 -9.19 -13.54 11.18
N PHE J 53 -10.32 -13.72 10.51
CA PHE J 53 -10.50 -14.81 9.56
C PHE J 53 -9.96 -14.38 8.21
N VAL J 54 -9.03 -15.17 7.65
CA VAL J 54 -8.33 -14.80 6.44
C VAL J 54 -8.29 -16.00 5.50
N CYS J 55 -8.45 -15.73 4.21
CA CYS J 55 -8.34 -16.74 3.17
C CYS J 55 -7.21 -16.39 2.22
N ASN J 56 -6.61 -17.40 1.61
CA ASN J 56 -5.47 -17.23 0.71
C ASN J 56 -6.00 -17.02 -0.70
N THR J 57 -6.33 -15.78 -1.02
CA THR J 57 -6.90 -15.45 -2.32
C THR J 57 -6.83 -13.95 -2.53
N LEU J 58 -7.08 -13.54 -3.77
CA LEU J 58 -7.18 -12.13 -4.13
C LEU J 58 -8.58 -11.73 -4.56
N GLN J 59 -9.53 -12.66 -4.55
CA GLN J 59 -10.88 -12.39 -5.03
C GLN J 59 -11.65 -11.57 -4.00
N PRO J 60 -12.18 -10.40 -4.35
CA PRO J 60 -13.04 -9.69 -3.41
C PRO J 60 -14.28 -10.49 -3.09
N GLY J 61 -14.67 -10.49 -1.82
CA GLY J 61 -15.88 -11.15 -1.38
C GLY J 61 -15.73 -12.61 -1.03
N CYS J 62 -14.55 -13.20 -1.24
CA CYS J 62 -14.36 -14.61 -0.89
C CYS J 62 -14.31 -14.79 0.62
N ASN J 63 -13.74 -13.82 1.34
CA ASN J 63 -13.68 -13.92 2.80
C ASN J 63 -15.08 -13.99 3.40
N GLN J 64 -15.98 -13.12 2.95
CA GLN J 64 -17.33 -13.10 3.51
C GLN J 64 -18.03 -14.43 3.27
N ALA J 65 -17.99 -14.92 2.03
CA ALA J 65 -18.68 -16.16 1.70
C ALA J 65 -18.11 -17.34 2.49
N CYS J 66 -16.78 -17.42 2.56
CA CYS J 66 -16.18 -18.57 3.23
C CYS J 66 -16.42 -18.52 4.73
N TYR J 67 -16.36 -17.34 5.35
CA TYR J 67 -16.68 -17.25 6.76
C TYR J 67 -18.12 -17.62 7.03
N ASP J 68 -19.04 -17.14 6.20
CA ASP J 68 -20.45 -17.46 6.40
C ASP J 68 -20.70 -18.95 6.25
N ARG J 69 -19.99 -19.61 5.34
CA ARG J 69 -20.16 -21.06 5.20
C ARG J 69 -19.54 -21.81 6.37
N ALA J 70 -18.41 -21.35 6.88
CA ALA J 70 -17.73 -22.07 7.94
C ALA J 70 -18.50 -21.99 9.26
N PHE J 71 -19.03 -20.81 9.59
CA PHE J 71 -19.69 -20.56 10.86
C PHE J 71 -21.05 -19.95 10.61
N PRO J 72 -22.06 -20.76 10.24
CA PRO J 72 -23.39 -20.20 9.98
C PRO J 72 -23.97 -19.46 11.16
N ILE J 73 -23.77 -19.98 12.37
CA ILE J 73 -24.23 -19.34 13.59
C ILE J 73 -23.10 -19.42 14.61
N SER J 74 -22.80 -18.30 15.25
CA SER J 74 -21.75 -18.28 16.26
C SER J 74 -22.17 -19.10 17.47
N HIS J 75 -21.18 -19.67 18.17
CA HIS J 75 -21.48 -20.49 19.34
C HIS J 75 -22.16 -19.66 20.42
N ILE J 76 -21.69 -18.44 20.62
CA ILE J 76 -22.15 -17.64 21.76
C ILE J 76 -23.64 -17.34 21.65
N ARG J 77 -24.11 -17.03 20.44
CA ARG J 77 -25.54 -16.76 20.27
C ARG J 77 -26.38 -18.01 20.50
N TYR J 78 -25.91 -19.16 20.04
CA TYR J 78 -26.62 -20.39 20.30
C TYR J 78 -26.72 -20.64 21.80
N TRP J 79 -25.65 -20.41 22.54
CA TRP J 79 -25.67 -20.66 23.97
C TRP J 79 -26.59 -19.67 24.70
N VAL J 80 -26.60 -18.41 24.27
CA VAL J 80 -27.50 -17.44 24.88
C VAL J 80 -28.95 -17.85 24.67
N PHE J 81 -29.29 -18.22 23.42
CA PHE J 81 -30.64 -18.68 23.15
C PHE J 81 -30.99 -19.89 24.00
N GLN J 82 -30.06 -20.84 24.13
CA GLN J 82 -30.32 -22.02 24.93
C GLN J 82 -30.59 -21.65 26.39
N ILE J 83 -29.79 -20.73 26.94
CA ILE J 83 -29.97 -20.36 28.35
C ILE J 83 -31.34 -19.75 28.56
N ILE J 84 -31.73 -18.80 27.71
CA ILE J 84 -33.02 -18.15 27.89
C ILE J 84 -34.15 -19.16 27.76
N MET J 85 -34.08 -20.02 26.74
CA MET J 85 -35.15 -20.99 26.52
C MET J 85 -35.26 -21.95 27.70
N VAL J 86 -34.12 -22.38 28.24
CA VAL J 86 -34.17 -23.32 29.37
C VAL J 86 -34.74 -22.64 30.60
N CYS J 87 -34.47 -21.35 30.78
CA CYS J 87 -35.02 -20.65 31.94
C CYS J 87 -36.49 -20.29 31.78
N THR J 88 -37.02 -20.32 30.56
CA THR J 88 -38.40 -19.89 30.33
C THR J 88 -39.44 -20.62 31.20
N PRO J 89 -39.44 -21.95 31.30
CA PRO J 89 -40.52 -22.61 32.06
C PRO J 89 -40.61 -22.17 33.52
N SER J 90 -39.48 -21.92 34.16
CA SER J 90 -39.51 -21.40 35.52
C SER J 90 -40.18 -20.04 35.56
N LEU J 91 -39.93 -19.21 34.56
CA LEU J 91 -40.61 -17.92 34.47
C LEU J 91 -42.11 -18.11 34.33
N CYS J 92 -42.53 -19.06 33.49
CA CYS J 92 -43.95 -19.35 33.36
C CYS J 92 -44.55 -19.72 34.70
N PHE J 93 -43.88 -20.61 35.43
CA PHE J 93 -44.41 -21.06 36.71
C PHE J 93 -44.49 -19.92 37.71
N ILE J 94 -43.46 -19.07 37.76
CA ILE J 94 -43.46 -17.96 38.71
C ILE J 94 -44.57 -16.97 38.39
N THR J 95 -44.74 -16.66 37.11
CA THR J 95 -45.79 -15.72 36.72
C THR J 95 -47.17 -16.31 37.00
N TYR J 96 -47.36 -17.61 36.78
CA TYR J 96 -48.62 -18.25 37.13
C TYR J 96 -48.88 -18.17 38.62
N SER J 97 -47.85 -18.41 39.44
CA SER J 97 -48.02 -18.30 40.88
C SER J 97 -48.42 -16.88 41.28
N VAL J 98 -47.77 -15.88 40.68
CA VAL J 98 -48.12 -14.49 41.00
C VAL J 98 -49.57 -14.22 40.61
N HIS J 99 -49.98 -14.67 39.44
CA HIS J 99 -51.36 -14.45 38.99
C HIS J 99 -52.35 -15.12 39.92
N GLN J 100 -52.01 -16.31 40.43
CA GLN J 100 -52.95 -17.06 41.26
C GLN J 100 -53.33 -16.27 42.51
N SER J 101 -52.35 -15.63 43.14
CA SER J 101 -52.59 -14.86 44.35
C SER J 101 -52.78 -13.40 43.98
N ALA J 102 -53.91 -12.82 44.36
CA ALA J 102 -54.22 -11.43 44.06
C ALA J 102 -54.21 -11.20 42.56
N GLY J 194 -53.73 -27.58 42.57
CA GLY J 194 -53.56 -26.37 41.80
C GLY J 194 -52.14 -26.19 41.31
N ILE J 195 -51.29 -25.60 42.17
CA ILE J 195 -49.89 -25.40 41.82
C ILE J 195 -49.06 -26.67 41.92
N SER J 196 -49.60 -27.72 42.55
CA SER J 196 -48.88 -28.99 42.64
C SER J 196 -48.94 -29.78 41.35
N ARG J 197 -49.74 -29.36 40.37
CA ARG J 197 -49.80 -30.00 39.06
C ARG J 197 -48.98 -29.27 38.01
N PHE J 198 -48.85 -27.96 38.15
CA PHE J 198 -48.02 -27.20 37.20
C PHE J 198 -46.57 -27.62 37.30
N TYR J 199 -46.10 -27.93 38.51
CA TYR J 199 -44.68 -28.13 38.73
C TYR J 199 -44.15 -29.33 37.95
N ILE J 200 -44.93 -30.42 37.91
CA ILE J 200 -44.50 -31.62 37.19
C ILE J 200 -44.44 -31.35 35.69
N ILE J 201 -45.42 -30.63 35.16
CA ILE J 201 -45.41 -30.30 33.74
C ILE J 201 -44.20 -29.43 33.42
N GLN J 202 -43.89 -28.48 34.29
CA GLN J 202 -42.71 -27.66 34.12
C GLN J 202 -41.45 -28.51 34.09
N VAL J 203 -41.36 -29.49 35.00
CA VAL J 203 -40.19 -30.35 35.05
C VAL J 203 -40.04 -31.12 33.73
N VAL J 204 -41.14 -31.67 33.24
CA VAL J 204 -41.09 -32.43 31.99
C VAL J 204 -40.62 -31.55 30.84
N PHE J 205 -41.18 -30.34 30.75
CA PHE J 205 -40.80 -29.44 29.67
C PHE J 205 -39.33 -29.07 29.75
N ARG J 206 -38.84 -28.81 30.97
CA ARG J 206 -37.43 -28.48 31.14
C ARG J 206 -36.54 -29.62 30.69
N ASN J 207 -36.90 -30.86 31.06
CA ASN J 207 -36.13 -32.02 30.61
C ASN J 207 -36.07 -32.07 29.09
N ALA J 208 -37.23 -31.93 28.44
CA ALA J 208 -37.27 -32.03 26.99
C ALA J 208 -36.41 -30.95 26.35
N LEU J 209 -36.52 -29.71 26.83
CA LEU J 209 -35.75 -28.63 26.24
C LEU J 209 -34.25 -28.85 26.41
N GLU J 210 -33.81 -29.27 27.59
CA GLU J 210 -32.39 -29.49 27.82
C GLU J 210 -31.85 -30.57 26.89
N ILE J 211 -32.56 -31.69 26.79
CA ILE J 211 -32.09 -32.78 25.95
C ILE J 211 -32.02 -32.32 24.49
N GLY J 212 -33.07 -31.63 24.02
CA GLY J 212 -33.08 -31.17 22.65
C GLY J 212 -31.93 -30.24 22.34
N PHE J 213 -31.65 -29.30 23.25
CA PHE J 213 -30.55 -28.36 23.00
C PHE J 213 -29.21 -29.07 22.98
N LEU J 214 -29.00 -30.04 23.88
CA LEU J 214 -27.74 -30.77 23.87
C LEU J 214 -27.54 -31.52 22.55
N VAL J 215 -28.59 -32.22 22.10
CA VAL J 215 -28.48 -32.97 20.85
C VAL J 215 -28.23 -32.02 19.69
N GLY J 216 -28.93 -30.89 19.67
CA GLY J 216 -28.74 -29.92 18.60
C GLY J 216 -27.32 -29.39 18.58
N GLN J 217 -26.76 -29.10 19.75
CA GLN J 217 -25.38 -28.62 19.79
C GLN J 217 -24.43 -29.64 19.20
N TYR J 218 -24.61 -30.92 19.58
CA TYR J 218 -23.73 -31.94 19.04
C TYR J 218 -23.84 -32.01 17.52
N PHE J 219 -25.07 -32.00 17.00
CA PHE J 219 -25.25 -32.14 15.56
C PHE J 219 -24.83 -30.91 14.79
N LEU J 220 -24.78 -29.74 15.43
CA LEU J 220 -24.41 -28.51 14.75
C LEU J 220 -22.90 -28.28 14.74
N TYR J 221 -22.23 -28.48 15.87
CA TYR J 221 -20.83 -28.06 16.00
C TYR J 221 -19.84 -29.20 16.17
N GLY J 222 -20.26 -30.38 16.59
CA GLY J 222 -19.30 -31.44 16.84
C GLY J 222 -18.58 -31.26 18.16
N PHE J 223 -17.31 -31.64 18.18
CA PHE J 223 -16.51 -31.60 19.40
C PHE J 223 -15.22 -30.80 19.26
N SER J 224 -14.92 -30.24 18.09
CA SER J 224 -13.69 -29.50 17.92
C SER J 224 -13.87 -28.46 16.82
N VAL J 225 -13.01 -27.45 16.85
CA VAL J 225 -12.97 -26.38 15.86
C VAL J 225 -11.66 -26.52 15.10
N PRO J 226 -11.66 -26.99 13.85
CA PRO J 226 -10.40 -27.15 13.12
C PRO J 226 -9.76 -25.82 12.79
N GLY J 227 -8.43 -25.84 12.67
CA GLY J 227 -7.68 -24.63 12.37
C GLY J 227 -7.66 -24.24 10.90
N LEU J 228 -8.04 -25.16 10.02
CA LEU J 228 -8.08 -24.91 8.59
C LEU J 228 -9.48 -25.19 8.06
N TYR J 229 -9.85 -24.49 7.00
CA TYR J 229 -11.13 -24.70 6.34
C TYR J 229 -10.92 -24.69 4.84
N GLU J 230 -11.60 -25.60 4.14
CA GLU J 230 -11.55 -25.67 2.68
C GLU J 230 -12.88 -25.18 2.14
N CYS J 231 -12.85 -24.11 1.35
CA CYS J 231 -14.04 -23.39 0.95
C CYS J 231 -14.13 -23.34 -0.57
N ASN J 232 -15.30 -23.67 -1.11
CA ASN J 232 -15.51 -23.64 -2.56
C ASN J 232 -16.85 -22.98 -2.88
N ARG J 233 -17.10 -21.83 -2.28
CA ARG J 233 -18.32 -21.07 -2.50
C ARG J 233 -18.04 -19.90 -3.43
N TYR J 234 -18.99 -19.60 -4.30
CA TYR J 234 -18.87 -18.43 -5.16
C TYR J 234 -18.75 -17.18 -4.29
N PRO J 235 -17.90 -16.20 -4.67
CA PRO J 235 -17.12 -16.07 -5.90
C PRO J 235 -15.74 -16.70 -5.87
N CYS J 236 -15.39 -17.46 -4.84
CA CYS J 236 -14.06 -18.06 -4.79
C CYS J 236 -13.87 -19.01 -5.97
N ILE J 237 -12.67 -18.96 -6.55
CA ILE J 237 -12.36 -19.75 -7.75
C ILE J 237 -11.93 -21.14 -7.31
N LYS J 238 -12.65 -22.15 -7.77
CA LYS J 238 -12.36 -23.56 -7.43
C LYS J 238 -12.39 -23.66 -5.91
N GLU J 239 -11.33 -24.12 -5.26
CA GLU J 239 -11.32 -24.35 -3.82
C GLU J 239 -10.14 -23.59 -3.21
N VAL J 240 -10.40 -22.94 -2.08
CA VAL J 240 -9.40 -22.13 -1.39
C VAL J 240 -9.29 -22.58 0.05
N GLU J 241 -8.23 -22.14 0.71
CA GLU J 241 -7.92 -22.50 2.08
C GLU J 241 -8.02 -21.26 2.96
N CYS J 242 -8.70 -21.40 4.10
CA CYS J 242 -8.92 -20.30 5.03
C CYS J 242 -8.50 -20.73 6.42
N TYR J 243 -8.14 -19.75 7.25
CA TYR J 243 -7.52 -19.99 8.54
C TYR J 243 -8.34 -19.34 9.64
N VAL J 244 -8.56 -20.09 10.72
CA VAL J 244 -9.48 -19.70 11.78
C VAL J 244 -8.71 -19.03 12.91
N SER J 245 -9.42 -18.29 13.75
CA SER J 245 -8.85 -17.54 14.85
C SER J 245 -9.16 -18.24 16.17
N ARG J 246 -8.13 -18.46 16.98
CA ARG J 246 -8.25 -19.10 18.29
C ARG J 246 -9.05 -20.41 18.24
N PRO J 247 -8.63 -21.37 17.41
CA PRO J 247 -9.34 -22.66 17.42
C PRO J 247 -9.28 -23.40 18.75
N THR J 248 -8.17 -23.31 19.49
CA THR J 248 -8.02 -24.11 20.70
C THR J 248 -8.93 -23.60 21.82
N GLU J 249 -8.97 -22.29 22.02
CA GLU J 249 -9.85 -21.74 23.05
C GLU J 249 -11.30 -22.07 22.76
N LYS J 250 -11.70 -21.99 21.48
CA LYS J 250 -13.07 -22.30 21.13
C LYS J 250 -13.37 -23.78 21.34
N THR J 251 -12.41 -24.65 21.05
CA THR J 251 -12.59 -26.08 21.35
C THR J 251 -12.80 -26.31 22.85
N VAL J 252 -11.98 -25.66 23.68
CA VAL J 252 -12.10 -25.82 25.11
C VAL J 252 -13.47 -25.35 25.59
N PHE J 253 -13.90 -24.19 25.08
CA PHE J 253 -15.21 -23.65 25.46
C PHE J 253 -16.32 -24.62 25.06
N LEU J 254 -16.24 -25.17 23.86
CA LEU J 254 -17.26 -26.10 23.37
C LEU J 254 -17.35 -27.31 24.29
N VAL J 255 -16.21 -27.92 24.62
CA VAL J 255 -16.23 -29.11 25.46
C VAL J 255 -16.76 -28.78 26.85
N PHE J 256 -16.36 -27.65 27.41
CA PHE J 256 -16.82 -27.28 28.74
C PHE J 256 -18.34 -27.09 28.76
N MET J 257 -18.88 -26.41 27.76
CA MET J 257 -20.33 -26.21 27.71
C MET J 257 -21.05 -27.54 27.55
N PHE J 258 -20.51 -28.44 26.73
CA PHE J 258 -21.14 -29.75 26.59
C PHE J 258 -21.18 -30.49 27.93
N ALA J 259 -20.07 -30.46 28.68
CA ALA J 259 -20.03 -31.15 29.96
C ALA J 259 -21.05 -30.57 30.94
N VAL J 260 -21.12 -29.23 31.01
CA VAL J 260 -22.07 -28.62 31.94
C VAL J 260 -23.50 -28.98 31.57
N SER J 261 -23.82 -28.93 30.28
CA SER J 261 -25.17 -29.28 29.85
C SER J 261 -25.48 -30.73 30.17
N GLY J 262 -24.50 -31.63 30.01
CA GLY J 262 -24.73 -33.02 30.36
C GLY J 262 -25.02 -33.20 31.84
N ILE J 263 -24.29 -32.48 32.70
CA ILE J 263 -24.56 -32.55 34.13
C ILE J 263 -25.98 -32.09 34.42
N CYS J 264 -26.39 -30.97 33.79
CA CYS J 264 -27.76 -30.49 34.00
C CYS J 264 -28.78 -31.53 33.57
N VAL J 265 -28.55 -32.18 32.43
CA VAL J 265 -29.48 -33.19 31.95
C VAL J 265 -29.60 -34.34 32.94
N VAL J 266 -28.45 -34.79 33.48
CA VAL J 266 -28.48 -35.90 34.42
C VAL J 266 -29.27 -35.52 35.67
N LEU J 267 -29.03 -34.31 36.20
CA LEU J 267 -29.76 -33.89 37.40
C LEU J 267 -31.26 -33.80 37.13
N ASN J 268 -31.65 -33.26 35.97
CA ASN J 268 -33.06 -33.15 35.63
C ASN J 268 -33.70 -34.54 35.53
N LEU J 269 -32.99 -35.49 34.92
CA LEU J 269 -33.52 -36.85 34.83
C LEU J 269 -33.68 -37.47 36.20
N ALA J 270 -32.73 -37.22 37.10
CA ALA J 270 -32.86 -37.72 38.46
C ALA J 270 -34.10 -37.16 39.14
N GLU J 271 -34.34 -35.86 39.00
CA GLU J 271 -35.52 -35.24 39.58
C GLU J 271 -36.78 -35.91 39.02
N LEU J 272 -36.87 -35.98 37.70
CA LEU J 272 -38.06 -36.54 37.06
C LEU J 272 -38.31 -37.97 37.53
N ASN J 273 -37.25 -38.77 37.64
CA ASN J 273 -37.42 -40.13 38.15
C ASN J 273 -37.91 -40.12 39.59
N HIS J 274 -37.38 -39.20 40.43
CA HIS J 274 -37.84 -39.13 41.80
C HIS J 274 -39.33 -38.87 41.87
N LEU J 275 -39.85 -38.01 40.99
CA LEU J 275 -41.28 -37.72 41.04
C LEU J 275 -42.11 -38.97 40.83
N GLY J 276 -41.71 -39.82 39.91
CA GLY J 276 -42.41 -41.07 39.68
C GLY J 276 -43.29 -41.00 38.45
N TRP J 277 -43.39 -42.13 37.74
CA TRP J 277 -44.11 -42.16 36.47
C TRP J 277 -45.62 -42.09 36.68
N ARG J 278 -46.13 -42.75 37.73
CA ARG J 278 -47.56 -42.68 38.01
C ARG J 278 -48.01 -41.23 38.11
N LYS J 279 -47.13 -40.37 38.64
CA LYS J 279 -47.53 -38.99 38.91
C LYS J 279 -47.48 -38.16 37.63
N ILE J 280 -46.51 -38.44 36.74
CA ILE J 280 -46.46 -37.72 35.48
C ILE J 280 -47.64 -38.10 34.60
N LYS J 281 -48.04 -39.37 34.63
CA LYS J 281 -49.17 -39.79 33.82
C LYS J 281 -50.45 -39.08 34.25
N LEU J 282 -50.65 -38.94 35.55
CA LEU J 282 -51.83 -38.25 36.08
C LEU J 282 -51.60 -36.74 36.08
N SER K 19 -60.19 -20.18 29.08
CA SER K 19 -58.73 -20.26 29.20
C SER K 19 -58.10 -18.90 28.95
N THR K 20 -58.64 -17.87 29.61
CA THR K 20 -58.14 -16.51 29.45
C THR K 20 -56.88 -16.25 30.26
N MET K 21 -56.56 -17.13 31.22
CA MET K 21 -55.42 -16.86 32.10
C MET K 21 -54.13 -17.37 31.47
N ILE K 22 -54.13 -18.62 31.01
CA ILE K 22 -52.93 -19.15 30.37
C ILE K 22 -52.54 -18.30 29.17
N GLY K 23 -53.53 -17.73 28.48
CA GLY K 23 -53.21 -16.82 27.39
C GLY K 23 -52.39 -15.63 27.85
N ARG K 24 -52.81 -15.00 28.96
CA ARG K 24 -52.07 -13.86 29.48
C ARG K 24 -50.68 -14.27 29.95
N ILE K 25 -50.58 -15.43 30.60
CA ILE K 25 -49.29 -15.91 31.07
C ILE K 25 -48.33 -16.08 29.90
N LEU K 26 -48.79 -16.78 28.86
CA LEU K 26 -47.95 -17.01 27.70
C LEU K 26 -47.60 -15.69 27.01
N LEU K 27 -48.54 -14.76 26.93
CA LEU K 27 -48.26 -13.50 26.26
C LEU K 27 -47.16 -12.74 27.00
N THR K 28 -47.26 -12.67 28.33
CA THR K 28 -46.22 -11.98 29.10
C THR K 28 -44.87 -12.66 28.91
N VAL K 29 -44.84 -13.99 28.97
CA VAL K 29 -43.58 -14.70 28.84
C VAL K 29 -42.96 -14.45 27.46
N VAL K 30 -43.78 -14.50 26.42
CA VAL K 30 -43.27 -14.30 25.06
C VAL K 30 -42.73 -12.88 24.90
N VAL K 31 -43.44 -11.89 25.44
CA VAL K 31 -42.97 -10.51 25.32
C VAL K 31 -41.61 -10.36 26.00
N ILE K 32 -41.48 -10.90 27.22
CA ILE K 32 -40.20 -10.79 27.92
C ILE K 32 -39.10 -11.51 27.14
N PHE K 33 -39.42 -12.68 26.60
CA PHE K 33 -38.43 -13.45 25.85
C PHE K 33 -37.92 -12.65 24.65
N ARG K 34 -38.84 -12.05 23.89
CA ARG K 34 -38.44 -11.28 22.72
C ARG K 34 -37.57 -10.09 23.12
N ILE K 35 -37.96 -9.37 24.17
CA ILE K 35 -37.18 -8.22 24.60
C ILE K 35 -35.77 -8.65 24.98
N LEU K 36 -35.65 -9.74 25.75
CA LEU K 36 -34.34 -10.19 26.20
C LEU K 36 -33.47 -10.58 25.01
N ILE K 37 -34.02 -11.38 24.09
CA ILE K 37 -33.23 -11.83 22.96
C ILE K 37 -32.71 -10.65 22.16
N VAL K 38 -33.60 -9.73 21.80
CA VAL K 38 -33.17 -8.56 21.04
C VAL K 38 -32.09 -7.82 21.80
N ALA K 39 -32.39 -7.39 23.02
CA ALA K 39 -31.45 -6.54 23.77
C ALA K 39 -30.10 -7.20 23.95
N ILE K 40 -30.04 -8.53 24.00
CA ILE K 40 -28.77 -9.18 24.30
C ILE K 40 -27.95 -9.46 23.05
N VAL K 41 -28.56 -9.93 21.95
CA VAL K 41 -27.77 -10.38 20.81
C VAL K 41 -27.86 -9.45 19.60
N GLY K 42 -28.96 -8.71 19.43
CA GLY K 42 -29.17 -8.01 18.18
C GLY K 42 -28.05 -7.03 17.87
N GLU K 43 -27.67 -6.21 18.85
CA GLU K 43 -26.68 -5.18 18.58
C GLU K 43 -25.34 -5.79 18.19
N THR K 44 -24.98 -6.93 18.79
CA THR K 44 -23.72 -7.56 18.44
C THR K 44 -23.77 -8.19 17.05
N VAL K 45 -24.91 -8.73 16.64
CA VAL K 45 -24.99 -9.36 15.33
C VAL K 45 -24.72 -8.34 14.22
N TYR K 46 -25.31 -7.15 14.34
CA TYR K 46 -25.27 -6.15 13.29
C TYR K 46 -24.19 -5.09 13.49
N ASP K 47 -23.12 -5.43 14.21
CA ASP K 47 -22.11 -4.43 14.54
C ASP K 47 -21.30 -4.01 13.31
N ASP K 48 -20.83 -4.98 12.54
CA ASP K 48 -19.96 -4.73 11.39
C ASP K 48 -20.70 -4.84 10.07
N GLU K 49 -21.96 -4.42 10.04
CA GLU K 49 -22.75 -4.56 8.83
C GLU K 49 -22.15 -3.78 7.66
N GLN K 50 -21.68 -2.56 7.93
CA GLN K 50 -21.15 -1.70 6.87
C GLN K 50 -19.65 -1.81 6.72
N THR K 51 -18.94 -2.20 7.78
CA THR K 51 -17.49 -2.33 7.68
C THR K 51 -17.08 -3.52 6.81
N MET K 52 -17.86 -4.60 6.84
CA MET K 52 -17.55 -5.81 6.09
C MET K 52 -18.33 -5.91 4.79
N PHE K 53 -19.05 -4.85 4.41
CA PHE K 53 -19.72 -4.80 3.13
C PHE K 53 -18.74 -4.29 2.08
N VAL K 54 -18.56 -5.05 1.01
CA VAL K 54 -17.55 -4.75 0.00
C VAL K 54 -18.15 -4.90 -1.39
N CYS K 55 -17.78 -4.00 -2.29
CA CYS K 55 -18.18 -4.05 -3.68
C CYS K 55 -16.95 -4.19 -4.57
N ASN K 56 -17.13 -4.83 -5.72
CA ASN K 56 -16.04 -5.09 -6.65
C ASN K 56 -15.92 -3.90 -7.60
N THR K 57 -15.17 -2.89 -7.17
CA THR K 57 -15.02 -1.66 -7.96
C THR K 57 -13.86 -0.87 -7.40
N LEU K 58 -13.43 0.13 -8.17
CA LEU K 58 -12.42 1.09 -7.75
C LEU K 58 -12.99 2.50 -7.56
N GLN K 59 -14.27 2.68 -7.80
CA GLN K 59 -14.87 4.01 -7.74
C GLN K 59 -15.05 4.44 -6.29
N PRO K 60 -14.50 5.58 -5.86
CA PRO K 60 -14.79 6.07 -4.51
C PRO K 60 -16.27 6.39 -4.35
N GLY K 61 -16.81 6.05 -3.18
CA GLY K 61 -18.18 6.35 -2.87
C GLY K 61 -19.20 5.33 -3.34
N CYS K 62 -18.78 4.30 -4.08
CA CYS K 62 -19.72 3.29 -4.53
C CYS K 62 -20.16 2.40 -3.38
N ASN K 63 -19.27 2.11 -2.44
CA ASN K 63 -19.63 1.29 -1.29
C ASN K 63 -20.75 1.94 -0.48
N GLN K 64 -20.63 3.24 -0.21
CA GLN K 64 -21.64 3.92 0.58
C GLN K 64 -22.99 3.88 -0.11
N ALA K 65 -23.03 4.22 -1.39
CA ALA K 65 -24.30 4.26 -2.11
C ALA K 65 -24.93 2.87 -2.18
N CYS K 66 -24.13 1.85 -2.49
CA CYS K 66 -24.70 0.52 -2.64
C CYS K 66 -25.18 -0.04 -1.31
N TYR K 67 -24.43 0.20 -0.23
CA TYR K 67 -24.90 -0.25 1.07
C TYR K 67 -26.18 0.45 1.46
N ASP K 68 -26.26 1.76 1.23
CA ASP K 68 -27.47 2.49 1.59
C ASP K 68 -28.66 2.03 0.77
N ARG K 69 -28.45 1.64 -0.47
CA ARG K 69 -29.55 1.13 -1.28
C ARG K 69 -29.96 -0.28 -0.88
N ALA K 70 -29.01 -1.11 -0.43
CA ALA K 70 -29.34 -2.48 -0.09
C ALA K 70 -30.08 -2.56 1.23
N PHE K 71 -29.67 -1.77 2.23
CA PHE K 71 -30.22 -1.83 3.57
C PHE K 71 -30.63 -0.42 4.00
N PRO K 72 -31.78 0.07 3.53
CA PRO K 72 -32.20 1.42 3.92
C PRO K 72 -32.35 1.60 5.42
N ILE K 73 -32.86 0.58 6.11
CA ILE K 73 -33.00 0.61 7.57
C ILE K 73 -32.55 -0.74 8.09
N SER K 74 -31.70 -0.72 9.10
CA SER K 74 -31.22 -1.96 9.70
C SER K 74 -32.36 -2.68 10.41
N HIS K 75 -32.26 -4.01 10.46
CA HIS K 75 -33.31 -4.79 11.10
C HIS K 75 -33.42 -4.45 12.59
N ILE K 76 -32.27 -4.27 13.25
CA ILE K 76 -32.27 -4.12 14.70
C ILE K 76 -33.04 -2.87 15.12
N ARG K 77 -32.85 -1.77 14.39
CA ARG K 77 -33.55 -0.54 14.73
C ARG K 77 -35.05 -0.67 14.51
N TYR K 78 -35.45 -1.34 13.43
CA TYR K 78 -36.86 -1.59 13.20
C TYR K 78 -37.47 -2.39 14.35
N TRP K 79 -36.75 -3.41 14.82
CA TRP K 79 -37.28 -4.24 15.89
C TRP K 79 -37.35 -3.47 17.21
N VAL K 80 -36.37 -2.61 17.48
CA VAL K 80 -36.41 -1.80 18.69
C VAL K 80 -37.63 -0.86 18.66
N PHE K 81 -37.83 -0.19 17.52
CA PHE K 81 -38.99 0.68 17.40
C PHE K 81 -40.28 -0.10 17.59
N GLN K 82 -40.36 -1.29 17.00
CA GLN K 82 -41.56 -2.11 17.14
C GLN K 82 -41.81 -2.46 18.60
N ILE K 83 -40.76 -2.84 19.32
CA ILE K 83 -40.94 -3.24 20.72
C ILE K 83 -41.47 -2.08 21.55
N ILE K 84 -40.85 -0.90 21.40
CA ILE K 84 -41.29 0.25 22.18
C ILE K 84 -42.73 0.61 21.84
N MET K 85 -43.06 0.64 20.54
CA MET K 85 -44.41 1.03 20.15
C MET K 85 -45.43 0.04 20.67
N VAL K 86 -45.13 -1.25 20.62
CA VAL K 86 -46.08 -2.24 21.11
C VAL K 86 -46.25 -2.13 22.62
N CYS K 87 -45.20 -1.77 23.35
CA CYS K 87 -45.33 -1.62 24.80
C CYS K 87 -46.01 -0.33 25.20
N THR K 88 -46.10 0.65 24.30
CA THR K 88 -46.67 1.96 24.66
C THR K 88 -48.07 1.88 25.28
N PRO K 89 -49.04 1.17 24.70
CA PRO K 89 -50.40 1.24 25.27
C PRO K 89 -50.49 0.79 26.72
N SER K 90 -49.70 -0.20 27.11
CA SER K 90 -49.66 -0.59 28.52
C SER K 90 -49.15 0.54 29.38
N LEU K 91 -48.16 1.29 28.88
CA LEU K 91 -47.68 2.46 29.60
C LEU K 91 -48.80 3.49 29.76
N CYS K 92 -49.56 3.73 28.68
CA CYS K 92 -50.70 4.64 28.77
C CYS K 92 -51.66 4.20 29.86
N PHE K 93 -52.00 2.92 29.88
CA PHE K 93 -52.95 2.41 30.86
C PHE K 93 -52.43 2.56 32.28
N ILE K 94 -51.15 2.23 32.50
CA ILE K 94 -50.58 2.31 33.84
C ILE K 94 -50.55 3.77 34.31
N THR K 95 -50.15 4.69 33.43
CA THR K 95 -50.10 6.09 33.80
C THR K 95 -51.49 6.62 34.10
N TYR K 96 -52.49 6.21 33.31
CA TYR K 96 -53.87 6.60 33.60
C TYR K 96 -54.32 6.09 34.95
N SER K 97 -53.99 4.83 35.27
CA SER K 97 -54.35 4.28 36.56
C SER K 97 -53.71 5.07 37.70
N VAL K 98 -52.42 5.41 37.54
CA VAL K 98 -51.74 6.19 38.57
C VAL K 98 -52.41 7.55 38.74
N HIS K 99 -52.74 8.21 37.62
CA HIS K 99 -53.40 9.51 37.69
C HIS K 99 -54.75 9.41 38.39
N GLN K 100 -55.48 8.31 38.14
CA GLN K 100 -56.82 8.19 38.69
C GLN K 100 -56.80 8.23 40.22
N SER K 101 -55.84 7.54 40.83
CA SER K 101 -55.72 7.48 42.28
C SER K 101 -54.74 8.56 42.74
N ALA K 102 -55.20 9.43 43.62
CA ALA K 102 -54.37 10.52 44.12
C ALA K 102 -53.87 11.40 42.97
N GLY K 194 -65.11 2.80 34.78
CA GLY K 194 -63.97 3.69 34.62
C GLY K 194 -62.79 3.02 33.97
N ILE K 195 -62.02 2.28 34.78
CA ILE K 195 -60.86 1.56 34.27
C ILE K 195 -61.23 0.29 33.53
N SER K 196 -62.48 -0.15 33.63
CA SER K 196 -62.92 -1.35 32.92
C SER K 196 -63.21 -1.10 31.44
N ARG K 197 -63.24 0.16 31.01
CA ARG K 197 -63.44 0.50 29.61
C ARG K 197 -62.14 0.79 28.88
N PHE K 198 -61.22 1.51 29.52
CA PHE K 198 -59.92 1.77 28.91
C PHE K 198 -59.21 0.48 28.52
N TYR K 199 -59.46 -0.61 29.25
CA TYR K 199 -58.78 -1.86 28.99
C TYR K 199 -59.11 -2.39 27.60
N ILE K 200 -60.38 -2.28 27.20
CA ILE K 200 -60.79 -2.80 25.89
C ILE K 200 -60.11 -2.03 24.76
N ILE K 201 -60.07 -0.70 24.87
CA ILE K 201 -59.42 0.10 23.84
C ILE K 201 -57.93 -0.20 23.82
N GLN K 202 -57.33 -0.41 24.98
CA GLN K 202 -55.91 -0.77 25.03
C GLN K 202 -55.69 -2.08 24.26
N VAL K 203 -56.54 -3.07 24.48
CA VAL K 203 -56.39 -4.35 23.81
C VAL K 203 -56.52 -4.17 22.30
N VAL K 204 -57.51 -3.41 21.86
CA VAL K 204 -57.73 -3.21 20.42
C VAL K 204 -56.52 -2.53 19.80
N PHE K 205 -55.99 -1.50 20.45
CA PHE K 205 -54.84 -0.79 19.91
C PHE K 205 -53.62 -1.70 19.84
N ARG K 206 -53.41 -2.52 20.87
CA ARG K 206 -52.29 -3.44 20.84
C ARG K 206 -52.41 -4.42 19.67
N ASN K 207 -53.61 -4.96 19.46
CA ASN K 207 -53.82 -5.86 18.33
C ASN K 207 -53.47 -5.17 17.01
N ALA K 208 -53.99 -3.95 16.81
CA ALA K 208 -53.75 -3.26 15.56
C ALA K 208 -52.26 -2.99 15.35
N LEU K 209 -51.57 -2.54 16.39
CA LEU K 209 -50.15 -2.24 16.25
C LEU K 209 -49.36 -3.50 15.92
N GLU K 210 -49.64 -4.61 16.60
CA GLU K 210 -48.90 -5.84 16.34
C GLU K 210 -49.10 -6.29 14.90
N ILE K 211 -50.34 -6.30 14.43
CA ILE K 211 -50.60 -6.75 13.07
C ILE K 211 -49.90 -5.84 12.06
N GLY K 212 -50.00 -4.53 12.27
CA GLY K 212 -49.36 -3.61 11.35
C GLY K 212 -47.87 -3.80 11.28
N PHE K 213 -47.22 -3.97 12.43
CA PHE K 213 -45.77 -4.15 12.43
C PHE K 213 -45.37 -5.44 11.75
N LEU K 214 -46.13 -6.53 11.96
CA LEU K 214 -45.81 -7.78 11.28
C LEU K 214 -45.90 -7.64 9.77
N VAL K 215 -46.99 -7.02 9.29
CA VAL K 215 -47.16 -6.84 7.86
C VAL K 215 -46.04 -5.96 7.29
N GLY K 216 -45.72 -4.89 8.01
CA GLY K 216 -44.65 -4.02 7.55
C GLY K 216 -43.31 -4.73 7.46
N GLN K 217 -43.01 -5.57 8.44
CA GLN K 217 -41.76 -6.32 8.39
C GLN K 217 -41.72 -7.22 7.16
N TYR K 218 -42.83 -7.91 6.89
CA TYR K 218 -42.85 -8.77 5.71
C TYR K 218 -42.62 -7.96 4.44
N PHE K 219 -43.30 -6.82 4.31
CA PHE K 219 -43.18 -6.04 3.08
C PHE K 219 -41.84 -5.33 2.95
N LEU K 220 -41.14 -5.12 4.06
CA LEU K 220 -39.86 -4.44 4.02
C LEU K 220 -38.70 -5.39 3.75
N TYR K 221 -38.65 -6.53 4.43
CA TYR K 221 -37.47 -7.37 4.42
C TYR K 221 -37.64 -8.73 3.77
N GLY K 222 -38.88 -9.20 3.60
CA GLY K 222 -39.04 -10.53 3.04
C GLY K 222 -38.73 -11.60 4.08
N PHE K 223 -38.18 -12.72 3.60
CA PHE K 223 -37.89 -13.87 4.44
C PHE K 223 -36.43 -14.30 4.42
N SER K 224 -35.57 -13.65 3.65
CA SER K 224 -34.17 -14.05 3.59
C SER K 224 -33.30 -12.86 3.23
N VAL K 225 -32.02 -12.98 3.55
CA VAL K 225 -31.00 -11.99 3.23
C VAL K 225 -30.05 -12.61 2.21
N PRO K 226 -30.10 -12.22 0.94
CA PRO K 226 -29.20 -12.82 -0.05
C PRO K 226 -27.76 -12.44 0.19
N GLY K 227 -26.85 -13.32 -0.24
CA GLY K 227 -25.43 -13.08 -0.07
C GLY K 227 -24.81 -12.18 -1.10
N LEU K 228 -25.50 -11.92 -2.21
CA LEU K 228 -25.02 -11.05 -3.26
C LEU K 228 -26.04 -9.95 -3.51
N TYR K 229 -25.54 -8.79 -3.97
CA TYR K 229 -26.39 -7.68 -4.30
C TYR K 229 -25.91 -7.06 -5.61
N GLU K 230 -26.84 -6.69 -6.48
CA GLU K 230 -26.54 -6.03 -7.74
C GLU K 230 -26.95 -4.57 -7.63
N CYS K 231 -25.98 -3.67 -7.78
CA CYS K 231 -26.17 -2.26 -7.47
C CYS K 231 -25.84 -1.41 -8.69
N ASN K 232 -26.72 -0.47 -9.02
CA ASN K 232 -26.51 0.41 -10.17
C ASN K 232 -26.85 1.85 -9.78
N ARG K 233 -26.35 2.29 -8.64
CA ARG K 233 -26.57 3.64 -8.14
C ARG K 233 -25.34 4.50 -8.39
N TYR K 234 -25.58 5.76 -8.76
CA TYR K 234 -24.48 6.69 -8.93
C TYR K 234 -23.71 6.81 -7.61
N PRO K 235 -22.37 6.89 -7.65
CA PRO K 235 -21.46 7.03 -8.80
C PRO K 235 -21.00 5.72 -9.42
N CYS K 236 -21.54 4.58 -9.02
CA CYS K 236 -21.09 3.32 -9.59
C CYS K 236 -21.36 3.28 -11.09
N ILE K 237 -20.38 2.76 -11.83
CA ILE K 237 -20.46 2.73 -13.30
C ILE K 237 -21.25 1.51 -13.72
N LYS K 238 -22.34 1.72 -14.45
CA LYS K 238 -23.21 0.65 -14.93
C LYS K 238 -23.67 -0.16 -13.72
N GLU K 239 -23.42 -1.45 -13.65
CA GLU K 239 -23.90 -2.30 -12.57
C GLU K 239 -22.73 -3.06 -11.95
N VAL K 240 -22.71 -3.11 -10.62
CA VAL K 240 -21.63 -3.74 -9.87
C VAL K 240 -22.22 -4.77 -8.93
N GLU K 241 -21.35 -5.63 -8.42
CA GLU K 241 -21.72 -6.72 -7.53
C GLU K 241 -21.10 -6.49 -6.16
N CYS K 242 -21.92 -6.60 -5.11
CA CYS K 242 -21.50 -6.36 -3.74
C CYS K 242 -21.85 -7.58 -2.90
N TYR K 243 -21.10 -7.75 -1.81
CA TYR K 243 -21.15 -8.96 -1.00
C TYR K 243 -21.51 -8.62 0.44
N VAL K 244 -22.44 -9.37 1.01
CA VAL K 244 -23.03 -9.05 2.31
C VAL K 244 -22.30 -9.84 3.39
N SER K 245 -22.44 -9.39 4.63
CA SER K 245 -21.77 -9.97 5.78
C SER K 245 -22.78 -10.75 6.63
N ARG K 246 -22.43 -12.00 6.95
CA ARG K 246 -23.27 -12.87 7.77
C ARG K 246 -24.71 -12.95 7.26
N PRO K 247 -24.92 -13.32 5.99
CA PRO K 247 -26.31 -13.46 5.52
C PRO K 247 -27.10 -14.54 6.25
N THR K 248 -26.47 -15.65 6.63
CA THR K 248 -27.22 -16.76 7.20
C THR K 248 -27.72 -16.45 8.60
N GLU K 249 -26.87 -15.85 9.44
CA GLU K 249 -27.30 -15.49 10.78
C GLU K 249 -28.43 -14.47 10.72
N LYS K 250 -28.34 -13.51 9.80
CA LYS K 250 -29.39 -12.52 9.66
C LYS K 250 -30.69 -13.15 9.18
N THR K 251 -30.61 -14.13 8.27
CA THR K 251 -31.81 -14.85 7.86
C THR K 251 -32.46 -15.56 9.04
N VAL K 252 -31.64 -16.24 9.86
CA VAL K 252 -32.17 -16.96 11.01
C VAL K 252 -32.85 -15.98 11.97
N PHE K 253 -32.20 -14.86 12.24
CA PHE K 253 -32.78 -13.85 13.12
C PHE K 253 -34.11 -13.34 12.58
N LEU K 254 -34.17 -13.08 11.28
CA LEU K 254 -35.40 -12.58 10.66
C LEU K 254 -36.54 -13.58 10.85
N VAL K 255 -36.28 -14.85 10.55
CA VAL K 255 -37.33 -15.86 10.66
C VAL K 255 -37.77 -16.02 12.11
N PHE K 256 -36.82 -16.01 13.05
CA PHE K 256 -37.19 -16.18 14.45
C PHE K 256 -38.07 -15.02 14.93
N MET K 257 -37.70 -13.79 14.56
CA MET K 257 -38.52 -12.65 14.97
C MET K 257 -39.92 -12.72 14.35
N PHE K 258 -40.00 -13.15 13.09
CA PHE K 258 -41.32 -13.29 12.48
C PHE K 258 -42.17 -14.30 13.23
N ALA K 259 -41.59 -15.44 13.61
CA ALA K 259 -42.34 -16.45 14.33
C ALA K 259 -42.83 -15.93 15.67
N VAL K 260 -41.96 -15.25 16.42
CA VAL K 260 -42.36 -14.75 17.73
C VAL K 260 -43.48 -13.73 17.59
N SER K 261 -43.37 -12.83 16.60
CA SER K 261 -44.41 -11.84 16.40
C SER K 261 -45.73 -12.50 16.01
N GLY K 262 -45.68 -13.56 15.20
CA GLY K 262 -46.90 -14.28 14.86
C GLY K 262 -47.56 -14.90 16.08
N ILE K 263 -46.76 -15.48 16.97
CA ILE K 263 -47.32 -16.04 18.20
C ILE K 263 -48.00 -14.95 19.01
N CYS K 264 -47.35 -13.80 19.14
CA CYS K 264 -47.94 -12.69 19.88
C CYS K 264 -49.27 -12.28 19.26
N VAL K 265 -49.32 -12.19 17.93
CA VAL K 265 -50.55 -11.79 17.25
C VAL K 265 -51.66 -12.79 17.53
N VAL K 266 -51.35 -14.09 17.49
CA VAL K 266 -52.37 -15.09 17.73
C VAL K 266 -52.91 -14.98 19.14
N LEU K 267 -52.02 -14.81 20.13
CA LEU K 267 -52.48 -14.69 21.51
C LEU K 267 -53.35 -13.44 21.70
N ASN K 268 -52.96 -12.33 21.09
CA ASN K 268 -53.75 -11.11 21.20
C ASN K 268 -55.13 -11.29 20.58
N LEU K 269 -55.19 -11.96 19.43
CA LEU K 269 -56.48 -12.21 18.80
C LEU K 269 -57.36 -13.10 19.68
N ALA K 270 -56.75 -14.10 20.33
CA ALA K 270 -57.52 -14.94 21.24
C ALA K 270 -58.10 -14.11 22.38
N GLU K 271 -57.28 -13.22 22.96
CA GLU K 271 -57.76 -12.37 24.04
C GLU K 271 -58.93 -11.52 23.55
N LEU K 272 -58.75 -10.85 22.41
CA LEU K 272 -59.80 -9.98 21.89
C LEU K 272 -61.09 -10.75 21.64
N ASN K 273 -60.99 -11.96 21.09
CA ASN K 273 -62.17 -12.78 20.90
C ASN K 273 -62.83 -13.13 22.23
N HIS K 274 -62.02 -13.41 23.25
CA HIS K 274 -62.59 -13.71 24.56
C HIS K 274 -63.40 -12.54 25.09
N LEU K 275 -62.88 -11.31 24.96
CA LEU K 275 -63.63 -10.16 25.44
C LEU K 275 -64.98 -10.06 24.75
N GLY K 276 -65.02 -10.23 23.44
CA GLY K 276 -66.28 -10.33 22.74
C GLY K 276 -66.61 -9.07 21.95
N TRP K 277 -67.34 -9.26 20.83
CA TRP K 277 -67.67 -8.15 19.96
C TRP K 277 -68.74 -7.24 20.58
N ARG K 278 -69.78 -7.85 21.15
CA ARG K 278 -70.72 -7.08 21.97
C ARG K 278 -69.99 -6.10 22.89
N LYS K 279 -69.12 -6.58 23.76
CA LYS K 279 -68.44 -5.69 24.70
C LYS K 279 -67.59 -4.67 23.96
N ILE K 280 -66.89 -5.09 22.90
CA ILE K 280 -65.99 -4.18 22.20
C ILE K 280 -66.75 -3.01 21.62
N LYS K 281 -67.92 -3.26 21.03
CA LYS K 281 -68.66 -2.18 20.39
C LYS K 281 -69.07 -1.12 21.42
N LEU K 282 -69.52 -1.54 22.59
CA LEU K 282 -69.90 -0.62 23.65
C LEU K 282 -68.65 -0.07 24.34
N SER L 19 -61.06 17.84 28.81
CA SER L 19 -60.22 16.68 28.54
C SER L 19 -58.76 17.01 28.83
N THR L 20 -58.51 17.59 30.00
CA THR L 20 -57.15 17.97 30.38
C THR L 20 -56.34 16.80 30.93
N MET L 21 -56.98 15.65 31.18
CA MET L 21 -56.25 14.53 31.75
C MET L 21 -55.62 13.68 30.66
N ILE L 22 -56.38 13.31 29.64
CA ILE L 22 -55.83 12.53 28.54
C ILE L 22 -54.68 13.29 27.89
N GLY L 23 -54.78 14.61 27.84
CA GLY L 23 -53.68 15.40 27.30
C GLY L 23 -52.40 15.18 28.08
N ARG L 24 -52.49 15.25 29.42
CA ARG L 24 -51.29 15.03 30.23
C ARG L 24 -50.76 13.62 30.09
N ILE L 25 -51.66 12.63 30.03
CA ILE L 25 -51.24 11.24 29.88
C ILE L 25 -50.46 11.08 28.58
N LEU L 26 -51.02 11.58 27.48
CA LEU L 26 -50.35 11.48 26.19
C LEU L 26 -49.03 12.22 26.18
N LEU L 27 -48.98 13.41 26.81
CA LEU L 27 -47.75 14.17 26.83
C LEU L 27 -46.65 13.41 27.54
N THR L 28 -46.96 12.83 28.71
CA THR L 28 -45.97 12.04 29.43
C THR L 28 -45.51 10.86 28.59
N VAL L 29 -46.45 10.17 27.95
CA VAL L 29 -46.09 8.98 27.19
C VAL L 29 -45.18 9.33 26.03
N VAL L 30 -45.49 10.41 25.30
CA VAL L 30 -44.68 10.77 24.15
C VAL L 30 -43.30 11.24 24.60
N VAL L 31 -43.22 11.96 25.73
CA VAL L 31 -41.92 12.38 26.22
C VAL L 31 -41.05 11.17 26.53
N ILE L 32 -41.61 10.19 27.24
CA ILE L 32 -40.85 8.99 27.57
C ILE L 32 -40.45 8.26 26.30
N PHE L 33 -41.37 8.16 25.34
CA PHE L 33 -41.08 7.46 24.09
C PHE L 33 -39.89 8.09 23.37
N ARG L 34 -39.90 9.42 23.26
CA ARG L 34 -38.81 10.12 22.58
C ARG L 34 -37.50 9.88 23.30
N ILE L 35 -37.50 10.00 24.63
CA ILE L 35 -36.26 9.80 25.38
C ILE L 35 -35.71 8.40 25.14
N LEU L 36 -36.59 7.39 25.21
CA LEU L 36 -36.13 6.02 25.03
C LEU L 36 -35.56 5.80 23.64
N ILE L 37 -36.27 6.25 22.61
CA ILE L 37 -35.80 6.03 21.25
C ILE L 37 -34.43 6.66 21.05
N VAL L 38 -34.29 7.93 21.43
CA VAL L 38 -33.00 8.59 21.27
C VAL L 38 -31.93 7.80 22.01
N ALA L 39 -32.11 7.63 23.33
CA ALA L 39 -31.06 7.01 24.14
C ALA L 39 -30.67 5.64 23.63
N ILE L 40 -31.58 4.91 22.99
CA ILE L 40 -31.27 3.54 22.61
C ILE L 40 -30.63 3.45 21.24
N VAL L 41 -31.09 4.21 20.23
CA VAL L 41 -30.63 4.00 18.87
C VAL L 41 -29.76 5.14 18.35
N GLY L 42 -29.91 6.36 18.85
CA GLY L 42 -29.25 7.48 18.22
C GLY L 42 -27.75 7.35 18.17
N GLU L 43 -27.14 6.97 19.30
CA GLU L 43 -25.69 6.89 19.34
C GLU L 43 -25.17 5.85 18.35
N THR L 44 -25.86 4.72 18.21
CA THR L 44 -25.41 3.69 17.29
C THR L 44 -25.56 4.13 15.84
N VAL L 45 -26.61 4.88 15.52
CA VAL L 45 -26.81 5.28 14.14
C VAL L 45 -25.66 6.17 13.65
N TYR L 46 -25.22 7.11 14.48
CA TYR L 46 -24.25 8.12 14.10
C TYR L 46 -22.83 7.78 14.54
N ASP L 47 -22.53 6.50 14.74
CA ASP L 47 -21.22 6.13 15.27
C ASP L 47 -20.11 6.37 14.25
N ASP L 48 -20.31 5.90 13.02
CA ASP L 48 -19.28 5.96 11.99
C ASP L 48 -19.53 7.10 11.00
N GLU L 49 -20.05 8.22 11.48
CA GLU L 49 -20.39 9.31 10.59
C GLU L 49 -19.18 9.85 9.86
N GLN L 50 -18.04 9.96 10.55
CA GLN L 50 -16.85 10.57 9.98
C GLN L 50 -15.87 9.57 9.38
N THR L 51 -15.84 8.33 9.88
CA THR L 51 -14.91 7.35 9.34
C THR L 51 -15.37 6.84 7.97
N MET L 52 -16.67 6.88 7.71
CA MET L 52 -17.21 6.42 6.44
C MET L 52 -17.50 7.57 5.48
N PHE L 53 -17.13 8.79 5.84
CA PHE L 53 -17.26 9.94 4.96
C PHE L 53 -16.01 10.05 4.11
N VAL L 54 -16.18 10.05 2.80
CA VAL L 54 -15.06 9.99 1.86
C VAL L 54 -15.26 11.05 0.77
N CYS L 55 -14.17 11.69 0.37
CA CYS L 55 -14.16 12.65 -0.71
C CYS L 55 -13.23 12.16 -1.82
N ASN L 56 -13.55 12.54 -3.05
CA ASN L 56 -12.80 12.10 -4.22
C ASN L 56 -11.66 13.09 -4.45
N THR L 57 -10.53 12.86 -3.77
CA THR L 57 -9.39 13.76 -3.87
C THR L 57 -8.17 13.06 -3.29
N LEU L 58 -7.00 13.67 -3.52
CA LEU L 58 -5.75 13.22 -2.94
C LEU L 58 -5.16 14.23 -1.96
N GLN L 59 -5.83 15.34 -1.73
CA GLN L 59 -5.28 16.40 -0.89
C GLN L 59 -5.44 16.02 0.58
N PRO L 60 -4.37 15.98 1.36
CA PRO L 60 -4.53 15.75 2.80
C PRO L 60 -5.32 16.87 3.45
N GLY L 61 -6.19 16.49 4.38
CA GLY L 61 -6.97 17.46 5.12
C GLY L 61 -8.26 17.91 4.46
N CYS L 62 -8.54 17.46 3.24
CA CYS L 62 -9.78 17.84 2.58
C CYS L 62 -10.98 17.14 3.21
N ASN L 63 -10.79 15.89 3.64
CA ASN L 63 -11.88 15.16 4.28
C ASN L 63 -12.35 15.87 5.54
N GLN L 64 -11.42 16.29 6.38
CA GLN L 64 -11.78 16.95 7.64
C GLN L 64 -12.57 18.23 7.36
N ALA L 65 -12.04 19.07 6.47
CA ALA L 65 -12.70 20.35 6.19
C ALA L 65 -14.08 20.13 5.60
N CYS L 66 -14.21 19.21 4.65
CA CYS L 66 -15.49 19.02 3.99
C CYS L 66 -16.51 18.41 4.94
N TYR L 67 -16.10 17.46 5.78
CA TYR L 67 -17.03 16.91 6.76
C TYR L 67 -17.48 17.98 7.74
N ASP L 68 -16.54 18.81 8.21
CA ASP L 68 -16.91 19.85 9.16
C ASP L 68 -17.87 20.86 8.54
N ARG L 69 -17.70 21.16 7.24
CA ARG L 69 -18.62 22.07 6.59
C ARG L 69 -19.99 21.44 6.38
N ALA L 70 -20.02 20.15 6.05
CA ALA L 70 -21.30 19.51 5.74
C ALA L 70 -22.15 19.34 6.99
N PHE L 71 -21.55 18.95 8.11
CA PHE L 71 -22.26 18.64 9.34
C PHE L 71 -21.63 19.42 10.49
N PRO L 72 -21.95 20.72 10.62
CA PRO L 72 -21.36 21.49 11.71
C PRO L 72 -21.66 20.93 13.08
N ILE L 73 -22.89 20.43 13.29
CA ILE L 73 -23.29 19.81 14.55
C ILE L 73 -24.07 18.55 14.21
N SER L 74 -23.73 17.44 14.86
CA SER L 74 -24.43 16.19 14.62
C SER L 74 -25.87 16.29 15.12
N HIS L 75 -26.76 15.53 14.48
CA HIS L 75 -28.16 15.55 14.88
C HIS L 75 -28.33 15.06 16.32
N ILE L 76 -27.60 14.01 16.68
CA ILE L 76 -27.82 13.36 17.96
C ILE L 76 -27.54 14.31 19.11
N ARG L 77 -26.47 15.09 19.01
CA ARG L 77 -26.14 16.02 20.07
C ARG L 77 -27.17 17.15 20.18
N TYR L 78 -27.66 17.63 19.04
CA TYR L 78 -28.73 18.61 19.08
C TYR L 78 -29.96 18.06 19.79
N TRP L 79 -30.32 16.81 19.50
CA TRP L 79 -31.50 16.23 20.12
C TRP L 79 -31.31 16.00 21.62
N VAL L 80 -30.10 15.61 22.02
CA VAL L 80 -29.83 15.43 23.46
C VAL L 80 -29.97 16.78 24.18
N PHE L 81 -29.38 17.83 23.61
CA PHE L 81 -29.51 19.14 24.22
C PHE L 81 -30.96 19.56 24.30
N GLN L 82 -31.73 19.32 23.23
CA GLN L 82 -33.14 19.68 23.24
C GLN L 82 -33.89 18.95 24.34
N ILE L 83 -33.64 17.66 24.51
CA ILE L 83 -34.36 16.88 25.51
C ILE L 83 -34.07 17.42 26.91
N ILE L 84 -32.78 17.65 27.22
CA ILE L 84 -32.44 18.14 28.55
C ILE L 84 -33.07 19.52 28.79
N MET L 85 -32.96 20.41 27.81
CA MET L 85 -33.50 21.75 27.99
C MET L 85 -35.01 21.72 28.19
N VAL L 86 -35.70 20.86 27.45
CA VAL L 86 -37.16 20.79 27.57
C VAL L 86 -37.54 20.24 28.94
N CYS L 87 -36.75 19.29 29.46
CA CYS L 87 -37.06 18.75 30.78
C CYS L 87 -36.68 19.69 31.92
N THR L 88 -35.85 20.68 31.67
CA THR L 88 -35.39 21.55 32.76
C THR L 88 -36.50 22.20 33.57
N PRO L 89 -37.53 22.82 32.97
CA PRO L 89 -38.54 23.51 33.81
C PRO L 89 -39.23 22.62 34.82
N SER L 90 -39.51 21.36 34.44
CA SER L 90 -40.11 20.44 35.41
C SER L 90 -39.16 20.19 36.58
N LEU L 91 -37.86 20.07 36.29
CA LEU L 91 -36.89 19.92 37.36
C LEU L 91 -36.89 21.14 38.28
N CYS L 92 -36.97 22.34 37.70
CA CYS L 92 -37.04 23.55 38.52
C CYS L 92 -38.27 23.53 39.41
N PHE L 93 -39.41 23.16 38.86
CA PHE L 93 -40.63 23.11 39.66
C PHE L 93 -40.52 22.09 40.79
N ILE L 94 -39.96 20.91 40.49
CA ILE L 94 -39.83 19.87 41.50
C ILE L 94 -38.91 20.32 42.63
N THR L 95 -37.78 20.92 42.28
CA THR L 95 -36.84 21.33 43.32
C THR L 95 -37.41 22.49 44.13
N TYR L 96 -38.19 23.39 43.49
CA TYR L 96 -38.87 24.43 44.25
C TYR L 96 -39.87 23.83 45.23
N SER L 97 -40.62 22.81 44.78
CA SER L 97 -41.56 22.15 45.68
C SER L 97 -40.83 21.52 46.86
N VAL L 98 -39.69 20.87 46.61
CA VAL L 98 -38.92 20.26 47.69
C VAL L 98 -38.47 21.34 48.67
N HIS L 99 -37.95 22.46 48.14
CA HIS L 99 -37.49 23.53 49.01
C HIS L 99 -38.63 24.11 49.84
N GLN L 100 -39.84 24.17 49.27
CA GLN L 100 -40.95 24.78 49.98
C GLN L 100 -41.25 24.05 51.28
N SER L 101 -41.22 22.72 51.25
CA SER L 101 -41.51 21.90 52.42
C SER L 101 -40.20 21.53 53.10
N ALA L 102 -40.07 21.87 54.38
CA ALA L 102 -38.87 21.58 55.14
C ALA L 102 -37.66 22.22 54.48
N GLY L 194 -49.44 29.93 46.10
CA GLY L 194 -48.01 29.67 46.15
C GLY L 194 -47.53 28.83 44.99
N ILE L 195 -47.74 27.51 45.08
CA ILE L 195 -47.33 26.61 44.02
C ILE L 195 -48.29 26.62 42.84
N SER L 196 -49.45 27.27 42.97
CA SER L 196 -50.40 27.34 41.87
C SER L 196 -50.07 28.41 40.85
N ARG L 197 -49.08 29.26 41.14
CA ARG L 197 -48.64 30.29 40.20
C ARG L 197 -47.39 29.87 39.43
N PHE L 198 -46.45 29.19 40.09
CA PHE L 198 -45.27 28.69 39.41
C PHE L 198 -45.64 27.75 38.27
N TYR L 199 -46.76 27.03 38.41
CA TYR L 199 -47.15 26.04 37.41
C TYR L 199 -47.43 26.69 36.07
N ILE L 200 -48.12 27.83 36.07
CA ILE L 200 -48.46 28.51 34.81
C ILE L 200 -47.20 28.98 34.10
N ILE L 201 -46.27 29.59 34.85
CA ILE L 201 -45.04 30.06 34.24
C ILE L 201 -44.23 28.89 33.70
N GLN L 202 -44.22 27.78 34.42
CA GLN L 202 -43.54 26.59 33.94
C GLN L 202 -44.13 26.12 32.61
N VAL L 203 -45.46 26.10 32.52
CA VAL L 203 -46.11 25.68 31.29
C VAL L 203 -45.74 26.61 30.14
N VAL L 204 -45.76 27.92 30.39
CA VAL L 204 -45.45 28.88 29.33
C VAL L 204 -44.00 28.69 28.86
N PHE L 205 -43.07 28.52 29.79
CA PHE L 205 -41.68 28.34 29.41
C PHE L 205 -41.49 27.05 28.61
N ARG L 206 -42.18 25.97 29.01
CA ARG L 206 -42.08 24.73 28.26
C ARG L 206 -42.58 24.92 26.83
N ASN L 207 -43.71 25.61 26.67
CA ASN L 207 -44.23 25.87 25.32
C ASN L 207 -43.20 26.62 24.49
N ALA L 208 -42.65 27.70 25.06
CA ALA L 208 -41.70 28.52 24.30
C ALA L 208 -40.48 27.69 23.90
N LEU L 209 -39.94 26.91 24.82
CA LEU L 209 -38.75 26.13 24.52
C LEU L 209 -39.03 25.11 23.41
N GLU L 210 -40.16 24.40 23.51
CA GLU L 210 -40.48 23.40 22.49
C GLU L 210 -40.60 24.03 21.11
N ILE L 211 -41.33 25.14 21.02
CA ILE L 211 -41.52 25.78 19.72
C ILE L 211 -40.17 26.25 19.17
N GLY L 212 -39.35 26.87 20.01
CA GLY L 212 -38.06 27.35 19.55
C GLY L 212 -37.18 26.23 19.04
N PHE L 213 -37.14 25.11 19.76
CA PHE L 213 -36.30 24.01 19.32
C PHE L 213 -36.79 23.41 18.01
N LEU L 214 -38.11 23.30 17.83
CA LEU L 214 -38.63 22.78 16.57
C LEU L 214 -38.25 23.69 15.41
N VAL L 215 -38.43 24.99 15.57
CA VAL L 215 -38.08 25.92 14.50
C VAL L 215 -36.59 25.86 14.20
N GLY L 216 -35.77 25.81 15.25
CA GLY L 216 -34.34 25.72 15.05
C GLY L 216 -33.93 24.47 14.30
N GLN L 217 -34.55 23.33 14.62
CA GLN L 217 -34.24 22.11 13.90
C GLN L 217 -34.56 22.27 12.42
N TYR L 218 -35.73 22.83 12.12
CA TYR L 218 -36.08 23.00 10.71
C TYR L 218 -35.07 23.88 10.00
N PHE L 219 -34.69 25.00 10.62
CA PHE L 219 -33.78 25.92 9.96
C PHE L 219 -32.35 25.39 9.88
N LEU L 220 -31.98 24.45 10.74
CA LEU L 220 -30.63 23.92 10.75
C LEU L 220 -30.45 22.76 9.77
N TYR L 221 -31.40 21.81 9.76
CA TYR L 221 -31.20 20.57 9.04
C TYR L 221 -32.13 20.34 7.86
N GLY L 222 -33.25 21.03 7.78
CA GLY L 222 -34.20 20.78 6.71
C GLY L 222 -34.99 19.50 6.95
N PHE L 223 -35.29 18.79 5.86
CA PHE L 223 -36.11 17.59 5.91
C PHE L 223 -35.45 16.36 5.32
N SER L 224 -34.22 16.46 4.83
CA SER L 224 -33.57 15.29 4.24
C SER L 224 -32.06 15.47 4.32
N VAL L 225 -31.36 14.35 4.22
CA VAL L 225 -29.91 14.29 4.21
C VAL L 225 -29.47 13.81 2.82
N PRO L 226 -28.93 14.69 1.97
CA PRO L 226 -28.54 14.24 0.63
C PRO L 226 -27.36 13.29 0.66
N GLY L 227 -27.29 12.44 -0.36
CA GLY L 227 -26.21 11.46 -0.44
C GLY L 227 -24.92 12.00 -1.00
N LEU L 228 -24.94 13.17 -1.62
CA LEU L 228 -23.76 13.80 -2.21
C LEU L 228 -23.60 15.19 -1.63
N TYR L 229 -22.35 15.63 -1.54
CA TYR L 229 -22.03 16.97 -1.06
C TYR L 229 -20.98 17.58 -1.96
N GLU L 230 -21.14 18.86 -2.30
CA GLU L 230 -20.15 19.60 -3.08
C GLU L 230 -19.42 20.56 -2.15
N CYS L 231 -18.10 20.41 -2.07
CA CYS L 231 -17.30 21.08 -1.05
C CYS L 231 -16.21 21.90 -1.74
N ASN L 232 -16.03 23.14 -1.30
CA ASN L 232 -15.02 24.03 -1.86
C ASN L 232 -14.30 24.78 -0.76
N ARG L 233 -13.92 24.08 0.30
CA ARG L 233 -13.21 24.67 1.43
C ARG L 233 -11.72 24.37 1.33
N TYR L 234 -10.90 25.33 1.72
CA TYR L 234 -9.46 25.10 1.78
C TYR L 234 -9.18 23.93 2.73
N PRO L 235 -8.23 23.05 2.41
CA PRO L 235 -7.26 23.05 1.30
C PRO L 235 -7.75 22.40 0.02
N CYS L 236 -9.02 22.02 -0.08
CA CYS L 236 -9.51 21.36 -1.28
C CYS L 236 -9.36 22.30 -2.48
N ILE L 237 -8.98 21.74 -3.63
CA ILE L 237 -8.73 22.51 -4.84
C ILE L 237 -10.03 22.62 -5.61
N LYS L 238 -10.47 23.86 -5.85
CA LYS L 238 -11.71 24.14 -6.59
C LYS L 238 -12.85 23.41 -5.89
N GLU L 239 -13.63 22.60 -6.59
CA GLU L 239 -14.76 21.88 -6.02
C GLU L 239 -14.48 20.39 -6.00
N VAL L 240 -14.87 19.73 -4.92
CA VAL L 240 -14.75 18.28 -4.80
C VAL L 240 -16.11 17.71 -4.41
N GLU L 241 -16.27 16.43 -4.69
CA GLU L 241 -17.51 15.71 -4.40
C GLU L 241 -17.25 14.72 -3.27
N CYS L 242 -18.13 14.72 -2.28
CA CYS L 242 -18.00 13.87 -1.10
C CYS L 242 -19.29 13.08 -0.92
N TYR L 243 -19.16 11.92 -0.27
CA TYR L 243 -20.24 10.94 -0.18
C TYR L 243 -20.57 10.63 1.26
N VAL L 244 -21.85 10.67 1.60
CA VAL L 244 -22.31 10.57 2.98
C VAL L 244 -22.62 9.12 3.31
N SER L 245 -22.66 8.82 4.60
CA SER L 245 -22.90 7.48 5.11
C SER L 245 -24.32 7.37 5.66
N ARG L 246 -25.05 6.35 5.23
CA ARG L 246 -26.41 6.08 5.67
C ARG L 246 -27.32 7.31 5.56
N PRO L 247 -27.43 7.93 4.38
CA PRO L 247 -28.34 9.07 4.26
C PRO L 247 -29.80 8.73 4.51
N THR L 248 -30.26 7.54 4.13
CA THR L 248 -31.68 7.23 4.24
C THR L 248 -32.11 7.03 5.68
N GLU L 249 -31.31 6.32 6.48
CA GLU L 249 -31.64 6.14 7.88
C GLU L 249 -31.67 7.47 8.61
N LYS L 250 -30.72 8.35 8.29
CA LYS L 250 -30.68 9.66 8.93
C LYS L 250 -31.89 10.50 8.52
N THR L 251 -32.32 10.41 7.26
CA THR L 251 -33.53 11.10 6.84
C THR L 251 -34.75 10.60 7.62
N VAL L 252 -34.87 9.29 7.77
CA VAL L 252 -36.00 8.72 8.49
C VAL L 252 -35.99 9.19 9.94
N PHE L 253 -34.81 9.17 10.57
CA PHE L 253 -34.70 9.64 11.94
C PHE L 253 -35.09 11.09 12.07
N LEU L 254 -34.64 11.93 11.13
CA LEU L 254 -34.98 13.34 11.16
C LEU L 254 -36.48 13.56 11.09
N VAL L 255 -37.14 12.89 10.15
CA VAL L 255 -38.57 13.08 9.99
C VAL L 255 -39.33 12.59 11.23
N PHE L 256 -38.90 11.44 11.78
CA PHE L 256 -39.58 10.92 12.96
C PHE L 256 -39.46 11.87 14.14
N MET L 257 -38.26 12.42 14.37
CA MET L 257 -38.09 13.36 15.46
C MET L 257 -38.92 14.61 15.25
N PHE L 258 -38.99 15.09 14.01
CA PHE L 258 -39.83 16.27 13.74
C PHE L 258 -41.29 15.98 14.07
N ALA L 259 -41.79 14.81 13.68
CA ALA L 259 -43.19 14.48 13.95
C ALA L 259 -43.45 14.40 15.46
N VAL L 260 -42.57 13.76 16.20
CA VAL L 260 -42.77 13.63 17.65
C VAL L 260 -42.76 15.00 18.30
N SER L 261 -41.82 15.87 17.91
CA SER L 261 -41.76 17.20 18.48
C SER L 261 -43.02 18.00 18.15
N GLY L 262 -43.55 17.84 16.93
CA GLY L 262 -44.79 18.52 16.59
C GLY L 262 -45.95 18.06 17.44
N ILE L 263 -46.05 16.75 17.70
CA ILE L 263 -47.11 16.26 18.57
C ILE L 263 -46.97 16.86 19.96
N CYS L 264 -45.74 16.91 20.49
CA CYS L 264 -45.54 17.51 21.81
C CYS L 264 -45.97 18.97 21.82
N VAL L 265 -45.63 19.71 20.77
CA VAL L 265 -46.00 21.12 20.70
C VAL L 265 -47.52 21.27 20.71
N VAL L 266 -48.23 20.43 19.94
CA VAL L 266 -49.68 20.53 19.89
C VAL L 266 -50.28 20.26 21.27
N LEU L 267 -49.79 19.21 21.95
CA LEU L 267 -50.33 18.91 23.27
C LEU L 267 -50.06 20.05 24.25
N ASN L 268 -48.86 20.64 24.21
CA ASN L 268 -48.55 21.75 25.09
C ASN L 268 -49.46 22.94 24.82
N LEU L 269 -49.72 23.23 23.55
CA LEU L 269 -50.61 24.33 23.21
C LEU L 269 -52.02 24.06 23.73
N ALA L 270 -52.49 22.82 23.62
CA ALA L 270 -53.81 22.49 24.15
C ALA L 270 -53.86 22.72 25.66
N GLU L 271 -52.82 22.29 26.37
CA GLU L 271 -52.77 22.50 27.81
C GLU L 271 -52.84 24.00 28.13
N LEU L 272 -51.99 24.78 27.46
CA LEU L 272 -51.94 26.21 27.73
C LEU L 272 -53.29 26.87 27.44
N ASN L 273 -53.95 26.48 26.36
CA ASN L 273 -55.28 27.00 26.09
C ASN L 273 -56.27 26.62 27.18
N HIS L 274 -56.17 25.39 27.69
CA HIS L 274 -57.07 24.98 28.77
C HIS L 274 -56.90 25.88 29.98
N LEU L 275 -55.65 26.20 30.34
CA LEU L 275 -55.44 27.08 31.48
C LEU L 275 -56.14 28.42 31.28
N GLY L 276 -56.07 28.98 30.09
CA GLY L 276 -56.79 30.19 29.76
C GLY L 276 -55.90 31.42 29.79
N TRP L 277 -56.22 32.37 28.91
CA TRP L 277 -55.44 33.60 28.83
C TRP L 277 -55.61 34.46 30.08
N ARG L 278 -56.84 34.55 30.59
CA ARG L 278 -57.10 35.34 31.79
C ARG L 278 -56.18 34.92 32.94
N LYS L 279 -56.10 33.60 33.21
CA LYS L 279 -55.22 33.15 34.28
C LYS L 279 -53.76 33.43 33.95
N ILE L 280 -53.37 33.23 32.70
CA ILE L 280 -51.97 33.43 32.31
C ILE L 280 -51.55 34.86 32.58
N LYS L 281 -52.42 35.83 32.28
CA LYS L 281 -52.07 37.22 32.45
C LYS L 281 -51.69 37.53 33.89
N LEU L 282 -52.51 37.09 34.84
CA LEU L 282 -52.23 37.33 36.25
C LEU L 282 -51.26 36.29 36.80
#